data_5VU3
#
_entry.id   5VU3
#
_cell.length_a   44.529
_cell.length_b   52.825
_cell.length_c   132.156
_cell.angle_alpha   85.27
_cell.angle_beta   87.19
_cell.angle_gamma   68.98
#
_symmetry.space_group_name_H-M   'P 1'
#
loop_
_entity.id
_entity.type
_entity.pdbx_description
1 polymer 'Competence damage-inducible protein A'
2 non-polymer 'ACETATE ION'
3 non-polymer 'TETRAETHYLENE GLYCOL'
4 water water
#
_entity_poly.entity_id   1
_entity_poly.type   'polypeptide(L)'
_entity_poly.pdbx_seq_one_letter_code
;GMMSNLYHDNTITVAELTKKLASRLIDAGLRLTTAESCTGGKLSVALCAEENTADFYDVGLVVFSDSAKERILGVSPETL
ARFTAVSEQTVTEMAASIRDIAQADVSIAISGYAGPEGGEDGTAAGTVCFAWNIGGKTETSRVLFSGDCQDVVEKAVHYS
LAELVTKLSG
;
_entity_poly.pdbx_strand_id   A,B,C,D,E,F,G,H
#
# COMPACT_ATOMS: atom_id res chain seq x y z
N MET A 2 -8.84 4.71 33.77
CA MET A 2 -9.77 3.79 33.12
C MET A 2 -9.23 3.33 31.76
N MET A 3 -9.41 2.03 31.47
CA MET A 3 -9.03 1.45 30.19
C MET A 3 -10.16 0.60 29.66
N SER A 4 -10.09 0.28 28.38
CA SER A 4 -11.20 -0.39 27.70
C SER A 4 -10.74 -1.65 26.98
N ASN A 5 -11.59 -2.17 26.10
CA ASN A 5 -11.25 -3.35 25.30
C ASN A 5 -10.11 -3.02 24.34
N LEU A 6 -9.33 -4.04 24.01
CA LEU A 6 -8.60 -4.02 22.76
C LEU A 6 -9.57 -3.85 21.61
N TYR A 7 -9.37 -2.82 20.78
CA TYR A 7 -10.29 -2.55 19.67
C TYR A 7 -9.75 -3.15 18.38
N HIS A 8 -10.60 -3.82 17.64
CA HIS A 8 -10.23 -4.42 16.39
C HIS A 8 -10.59 -3.46 15.29
N ASP A 9 -9.58 -2.83 14.75
CA ASP A 9 -9.79 -1.82 13.73
C ASP A 9 -10.26 -2.47 12.44
N ASN A 10 -11.19 -1.81 11.74
CA ASN A 10 -11.78 -2.39 10.55
C ASN A 10 -11.51 -1.58 9.28
N THR A 11 -10.53 -0.66 9.33
CA THR A 11 -10.09 0.00 8.11
CA THR A 11 -10.12 -0.01 8.10
C THR A 11 -9.23 -0.95 7.28
N ILE A 12 -9.34 -0.84 5.97
CA ILE A 12 -8.61 -1.72 5.04
C ILE A 12 -7.81 -0.84 4.10
N THR A 13 -6.49 -1.06 4.04
CA THR A 13 -5.66 -0.28 3.13
C THR A 13 -5.87 -0.73 1.69
N VAL A 14 -5.42 0.11 0.76
CA VAL A 14 -5.46 -0.24 -0.65
C VAL A 14 -4.67 -1.53 -0.90
N ALA A 15 -3.52 -1.68 -0.25
CA ALA A 15 -2.72 -2.89 -0.42
C ALA A 15 -3.45 -4.12 0.10
N GLU A 16 -4.13 -4.00 1.23
CA GLU A 16 -4.95 -5.10 1.72
C GLU A 16 -6.07 -5.44 0.73
N LEU A 17 -6.67 -4.41 0.13
CA LEU A 17 -7.77 -4.62 -0.81
C LEU A 17 -7.28 -5.29 -2.09
N THR A 18 -6.12 -4.86 -2.62
CA THR A 18 -5.65 -5.48 -3.85
C THR A 18 -5.19 -6.91 -3.61
N LYS A 19 -4.70 -7.21 -2.41
CA LYS A 19 -4.43 -8.61 -2.07
C LYS A 19 -5.72 -9.42 -2.02
N LYS A 20 -6.76 -8.88 -1.36
CA LYS A 20 -8.05 -9.56 -1.33
C LYS A 20 -8.60 -9.75 -2.74
N LEU A 21 -8.53 -8.70 -3.56
CA LEU A 21 -9.07 -8.75 -4.91
C LEU A 21 -8.31 -9.76 -5.77
N ALA A 22 -6.98 -9.75 -5.67
CA ALA A 22 -6.16 -10.75 -6.36
C ALA A 22 -6.65 -12.17 -6.05
N SER A 23 -6.91 -12.45 -4.77
CA SER A 23 -7.36 -13.78 -4.38
CA SER A 23 -7.36 -13.78 -4.38
C SER A 23 -8.68 -14.14 -5.07
N ARG A 24 -9.66 -13.22 -5.01
CA ARG A 24 -10.98 -13.50 -5.59
C ARG A 24 -10.87 -13.72 -7.09
N LEU A 25 -10.14 -12.84 -7.77
CA LEU A 25 -10.07 -12.93 -9.23
C LEU A 25 -9.33 -14.18 -9.67
N ILE A 26 -8.18 -14.45 -9.04
CA ILE A 26 -7.39 -15.62 -9.43
C ILE A 26 -8.16 -16.91 -9.15
N ASP A 27 -8.78 -17.00 -7.97
CA ASP A 27 -9.56 -18.20 -7.65
C ASP A 27 -10.66 -18.43 -8.66
N ALA A 28 -11.29 -17.35 -9.14
CA ALA A 28 -12.40 -17.46 -10.07
C ALA A 28 -11.97 -17.53 -11.53
N GLY A 29 -10.67 -17.43 -11.81
CA GLY A 29 -10.19 -17.42 -13.18
C GLY A 29 -10.57 -16.19 -13.97
N LEU A 30 -10.62 -15.03 -13.31
CA LEU A 30 -11.12 -13.81 -13.92
C LEU A 30 -9.99 -12.81 -14.15
N ARG A 31 -10.08 -12.06 -15.23
CA ARG A 31 -9.13 -11.01 -15.55
C ARG A 31 -9.80 -9.65 -15.38
N LEU A 32 -9.02 -8.68 -14.91
CA LEU A 32 -9.49 -7.33 -14.58
C LEU A 32 -8.83 -6.30 -15.48
N THR A 33 -9.58 -5.25 -15.81
CA THR A 33 -9.04 -4.13 -16.57
C THR A 33 -9.67 -2.85 -16.03
N THR A 34 -9.03 -1.71 -16.29
CA THR A 34 -9.47 -0.44 -15.71
C THR A 34 -9.38 0.68 -16.73
N ALA A 35 -10.28 1.65 -16.58
CA ALA A 35 -10.25 2.90 -17.33
C ALA A 35 -10.43 4.04 -16.35
N GLU A 36 -9.45 4.94 -16.28
CA GLU A 36 -9.42 6.00 -15.28
C GLU A 36 -9.50 7.36 -15.93
N SER A 37 -10.46 8.18 -15.49
CA SER A 37 -10.59 9.57 -15.91
CA SER A 37 -10.60 9.57 -15.92
C SER A 37 -10.77 10.45 -14.68
N CYS A 38 -9.67 10.65 -13.94
CA CYS A 38 -9.44 11.67 -12.91
C CYS A 38 -8.46 11.14 -11.87
N THR A 39 -8.28 9.82 -11.79
CA THR A 39 -7.32 9.26 -10.84
C THR A 39 -5.90 9.12 -11.40
N GLY A 40 -5.72 9.31 -12.70
CA GLY A 40 -4.39 9.54 -13.27
C GLY A 40 -3.47 8.34 -13.32
N GLY A 41 -4.00 7.12 -13.22
CA GLY A 41 -3.18 5.93 -13.19
C GLY A 41 -2.93 5.39 -11.79
N LYS A 42 -3.42 6.07 -10.74
CA LYS A 42 -3.23 5.57 -9.38
C LYS A 42 -3.92 4.23 -9.18
N LEU A 43 -5.02 3.99 -9.88
CA LEU A 43 -5.67 2.69 -9.73
C LEU A 43 -4.83 1.60 -10.36
N SER A 44 -4.33 1.83 -11.59
CA SER A 44 -3.46 0.84 -12.23
CA SER A 44 -3.47 0.84 -12.22
C SER A 44 -2.21 0.60 -11.40
N VAL A 45 -1.62 1.66 -10.83
CA VAL A 45 -0.43 1.51 -10.00
C VAL A 45 -0.71 0.57 -8.84
N ALA A 46 -1.84 0.78 -8.16
CA ALA A 46 -2.20 -0.07 -7.02
C ALA A 46 -2.34 -1.53 -7.45
N LEU A 47 -2.97 -1.77 -8.61
CA LEU A 47 -3.17 -3.14 -9.07
C LEU A 47 -1.85 -3.77 -9.53
N CYS A 48 -0.95 -2.97 -10.10
CA CYS A 48 0.34 -3.51 -10.51
C CYS A 48 1.29 -3.71 -9.35
N ALA A 49 1.01 -3.11 -8.19
CA ALA A 49 1.87 -3.34 -7.03
C ALA A 49 1.62 -4.70 -6.40
N GLU A 50 0.47 -5.29 -6.71
CA GLU A 50 0.11 -6.60 -6.17
C GLU A 50 1.13 -7.66 -6.57
N GLU A 51 1.45 -8.53 -5.61
CA GLU A 51 2.44 -9.58 -5.84
C GLU A 51 2.14 -10.39 -7.09
N ASN A 52 0.90 -10.86 -7.22
CA ASN A 52 0.52 -11.73 -8.34
C ASN A 52 -0.26 -10.98 -9.42
N THR A 53 0.05 -9.69 -9.60
CA THR A 53 -0.68 -8.85 -10.57
C THR A 53 -0.72 -9.47 -11.96
N ALA A 54 0.34 -10.18 -12.35
CA ALA A 54 0.40 -10.79 -13.68
C ALA A 54 -0.69 -11.83 -13.90
N ASP A 55 -1.25 -12.37 -12.82
CA ASP A 55 -2.22 -13.45 -12.89
C ASP A 55 -3.67 -12.97 -13.03
N PHE A 56 -3.91 -11.65 -12.98
CA PHE A 56 -5.30 -11.20 -13.01
C PHE A 56 -5.47 -9.81 -13.62
N TYR A 57 -4.38 -9.06 -13.80
CA TYR A 57 -4.48 -7.69 -14.30
C TYR A 57 -3.56 -7.54 -15.51
N ASP A 58 -4.12 -6.98 -16.60
CA ASP A 58 -3.36 -6.82 -17.83
C ASP A 58 -3.40 -5.35 -18.28
N VAL A 59 -4.56 -4.82 -18.64
CA VAL A 59 -4.67 -3.56 -19.37
C VAL A 59 -5.21 -2.49 -18.43
N GLY A 60 -4.55 -1.33 -18.44
CA GLY A 60 -5.05 -0.16 -17.73
C GLY A 60 -5.01 1.04 -18.64
N LEU A 61 -6.11 1.79 -18.71
CA LEU A 61 -6.18 2.96 -19.57
C LEU A 61 -6.40 4.21 -18.73
N VAL A 62 -5.69 5.26 -19.08
CA VAL A 62 -5.86 6.59 -18.49
C VAL A 62 -6.27 7.51 -19.63
N VAL A 63 -7.38 8.22 -19.46
CA VAL A 63 -7.91 9.11 -20.50
C VAL A 63 -8.50 10.34 -19.82
N PHE A 64 -8.10 11.52 -20.28
CA PHE A 64 -8.60 12.77 -19.71
C PHE A 64 -9.78 13.34 -20.51
N SER A 65 -9.63 13.41 -21.83
CA SER A 65 -10.49 14.24 -22.66
C SER A 65 -11.77 13.52 -23.05
N ASP A 66 -12.77 14.34 -23.44
CA ASP A 66 -13.98 13.78 -24.05
C ASP A 66 -13.68 13.11 -25.38
N SER A 67 -12.85 13.73 -26.21
CA SER A 67 -12.60 13.19 -27.54
C SER A 67 -11.90 11.84 -27.48
N ALA A 68 -11.01 11.65 -26.50
CA ALA A 68 -10.35 10.36 -26.37
C ALA A 68 -11.33 9.30 -25.87
N LYS A 69 -12.24 9.67 -24.97
CA LYS A 69 -13.28 8.72 -24.57
C LYS A 69 -14.12 8.29 -25.77
N GLU A 70 -14.44 9.23 -26.66
CA GLU A 70 -15.24 8.88 -27.84
C GLU A 70 -14.44 8.03 -28.82
N ARG A 71 -13.18 8.40 -29.06
CA ARG A 71 -12.41 7.74 -30.10
C ARG A 71 -11.87 6.38 -29.64
N ILE A 72 -11.34 6.31 -28.42
CA ILE A 72 -10.73 5.07 -27.94
C ILE A 72 -11.79 4.13 -27.38
N LEU A 73 -12.69 4.66 -26.57
CA LEU A 73 -13.66 3.86 -25.83
C LEU A 73 -15.05 3.90 -26.44
N GLY A 74 -15.24 4.58 -27.56
CA GLY A 74 -16.53 4.56 -28.23
C GLY A 74 -17.66 5.14 -27.40
N VAL A 75 -17.34 6.03 -26.47
CA VAL A 75 -18.39 6.73 -25.73
C VAL A 75 -19.18 7.60 -26.70
N SER A 76 -20.50 7.52 -26.62
CA SER A 76 -21.37 8.23 -27.54
C SER A 76 -21.28 9.74 -27.30
N PRO A 77 -21.12 10.55 -28.35
CA PRO A 77 -21.15 12.01 -28.16
C PRO A 77 -22.46 12.51 -27.58
N GLU A 78 -23.59 11.87 -27.90
CA GLU A 78 -24.85 12.29 -27.32
C GLU A 78 -24.94 11.92 -25.84
N THR A 79 -24.29 10.83 -25.42
CA THR A 79 -24.17 10.56 -23.99
C THR A 79 -23.44 11.70 -23.30
N LEU A 80 -22.31 12.12 -23.86
CA LEU A 80 -21.58 13.24 -23.28
C LEU A 80 -22.36 14.54 -23.34
N ALA A 81 -23.16 14.72 -24.39
CA ALA A 81 -23.94 15.95 -24.52
C ALA A 81 -25.03 16.01 -23.47
N ARG A 82 -25.72 14.90 -23.23
CA ARG A 82 -26.84 14.90 -22.29
C ARG A 82 -26.39 14.84 -20.85
N PHE A 83 -25.35 14.07 -20.54
CA PHE A 83 -25.00 13.75 -19.16
C PHE A 83 -23.59 14.14 -18.75
N THR A 84 -22.75 14.61 -19.67
CA THR A 84 -21.34 14.93 -19.46
C THR A 84 -20.51 13.66 -19.18
N ALA A 85 -19.19 13.82 -19.17
CA ALA A 85 -18.31 12.68 -18.92
C ALA A 85 -18.42 12.20 -17.48
N VAL A 86 -18.82 13.09 -16.57
CA VAL A 86 -18.94 12.73 -15.15
C VAL A 86 -20.41 12.36 -14.94
N SER A 87 -20.74 11.12 -15.28
CA SER A 87 -22.10 10.62 -15.13
C SER A 87 -22.03 9.10 -15.11
N GLU A 88 -23.08 8.49 -14.54
CA GLU A 88 -23.13 7.03 -14.52
C GLU A 88 -23.31 6.47 -15.93
N GLN A 89 -23.94 7.25 -16.82
CA GLN A 89 -24.08 6.82 -18.21
C GLN A 89 -22.72 6.70 -18.89
N THR A 90 -21.84 7.68 -18.68
CA THR A 90 -20.55 7.65 -19.36
C THR A 90 -19.66 6.53 -18.83
N VAL A 91 -19.63 6.33 -17.50
CA VAL A 91 -18.75 5.27 -16.99
C VAL A 91 -19.28 3.90 -17.36
N THR A 92 -20.60 3.75 -17.51
CA THR A 92 -21.14 2.49 -18.02
C THR A 92 -20.55 2.17 -19.39
N GLU A 93 -20.52 3.15 -20.28
CA GLU A 93 -20.00 2.92 -21.62
C GLU A 93 -18.49 2.72 -21.57
N MET A 94 -17.79 3.48 -20.71
CA MET A 94 -16.36 3.31 -20.57
C MET A 94 -16.02 1.90 -20.09
N ALA A 95 -16.75 1.41 -19.09
CA ALA A 95 -16.45 0.11 -18.52
C ALA A 95 -16.72 -1.01 -19.52
N ALA A 96 -17.81 -0.91 -20.28
CA ALA A 96 -18.12 -1.94 -21.26
C ALA A 96 -17.06 -1.99 -22.35
N SER A 97 -16.60 -0.83 -22.82
CA SER A 97 -15.63 -0.79 -23.91
C SER A 97 -14.26 -1.31 -23.46
N ILE A 98 -13.76 -0.84 -22.30
CA ILE A 98 -12.43 -1.28 -21.89
C ILE A 98 -12.41 -2.77 -21.60
N ARG A 99 -13.52 -3.30 -21.09
CA ARG A 99 -13.63 -4.74 -20.86
C ARG A 99 -13.46 -5.51 -22.17
N ASP A 100 -14.02 -5.00 -23.26
CA ASP A 100 -13.89 -5.67 -24.55
C ASP A 100 -12.49 -5.47 -25.12
N ILE A 101 -11.97 -4.24 -25.07
CA ILE A 101 -10.64 -3.96 -25.62
C ILE A 101 -9.58 -4.83 -24.96
N ALA A 102 -9.71 -5.02 -23.64
CA ALA A 102 -8.76 -5.81 -22.87
C ALA A 102 -9.07 -7.30 -22.89
N GLN A 103 -10.22 -7.71 -23.45
CA GLN A 103 -10.69 -9.09 -23.40
C GLN A 103 -10.67 -9.60 -21.96
N ALA A 104 -11.18 -8.77 -21.06
CA ALA A 104 -11.21 -9.04 -19.64
C ALA A 104 -12.59 -9.49 -19.22
N ASP A 105 -12.68 -10.02 -18.00
CA ASP A 105 -13.97 -10.43 -17.44
C ASP A 105 -14.59 -9.33 -16.59
N VAL A 106 -13.76 -8.50 -15.97
CA VAL A 106 -14.20 -7.49 -15.02
C VAL A 106 -13.52 -6.19 -15.38
N SER A 107 -14.25 -5.08 -15.26
CA SER A 107 -13.66 -3.77 -15.51
C SER A 107 -14.15 -2.79 -14.47
N ILE A 108 -13.31 -1.80 -14.18
CA ILE A 108 -13.66 -0.62 -13.38
C ILE A 108 -13.46 0.60 -14.26
N ALA A 109 -14.44 1.49 -14.27
CA ALA A 109 -14.30 2.79 -14.90
C ALA A 109 -14.52 3.87 -13.85
N ILE A 110 -13.67 4.90 -13.87
CA ILE A 110 -13.82 6.05 -12.97
C ILE A 110 -13.79 7.32 -13.82
N SER A 111 -14.76 8.20 -13.60
CA SER A 111 -14.78 9.50 -14.28
C SER A 111 -15.27 10.55 -13.30
N GLY A 112 -14.45 11.57 -13.04
CA GLY A 112 -14.83 12.54 -12.02
C GLY A 112 -14.11 13.87 -12.20
N TYR A 113 -14.39 14.77 -11.27
CA TYR A 113 -13.68 16.06 -11.15
C TYR A 113 -12.89 15.98 -9.84
N ALA A 114 -11.60 15.68 -9.94
CA ALA A 114 -10.82 15.54 -8.72
C ALA A 114 -10.54 16.89 -8.07
N GLY A 115 -10.54 17.97 -8.85
CA GLY A 115 -10.33 19.29 -8.32
C GLY A 115 -9.05 19.91 -8.82
N PRO A 116 -8.87 21.22 -8.56
CA PRO A 116 -9.76 22.06 -7.76
C PRO A 116 -11.00 22.54 -8.51
N GLU A 117 -10.98 22.41 -9.82
CA GLU A 117 -12.09 22.90 -10.62
C GLU A 117 -13.20 21.86 -10.70
N GLY A 118 -14.43 22.34 -10.75
CA GLY A 118 -15.59 21.49 -10.95
C GLY A 118 -15.96 21.39 -12.40
N GLY A 119 -17.19 20.96 -12.65
CA GLY A 119 -17.68 20.88 -14.00
C GLY A 119 -18.06 22.25 -14.54
N GLU A 120 -18.02 22.39 -15.87
CA GLU A 120 -18.52 23.61 -16.48
C GLU A 120 -20.01 23.77 -16.24
N ASP A 121 -20.73 22.67 -16.05
CA ASP A 121 -22.14 22.72 -15.68
C ASP A 121 -22.36 23.04 -14.21
N GLY A 122 -21.29 23.34 -13.47
CA GLY A 122 -21.40 23.65 -12.07
C GLY A 122 -21.23 22.49 -11.12
N THR A 123 -21.08 21.27 -11.64
CA THR A 123 -20.87 20.10 -10.79
C THR A 123 -19.68 20.30 -9.87
N ALA A 124 -19.87 20.00 -8.59
CA ALA A 124 -18.86 20.29 -7.58
C ALA A 124 -17.59 19.47 -7.79
N ALA A 125 -16.45 20.12 -7.59
CA ALA A 125 -15.19 19.40 -7.50
C ALA A 125 -15.31 18.32 -6.44
N GLY A 126 -14.72 17.15 -6.70
CA GLY A 126 -14.84 16.02 -5.81
C GLY A 126 -15.94 15.06 -6.17
N THR A 127 -16.76 15.38 -7.17
CA THR A 127 -17.81 14.48 -7.64
C THR A 127 -17.21 13.45 -8.58
N VAL A 128 -17.37 12.16 -8.27
CA VAL A 128 -16.78 11.09 -9.07
C VAL A 128 -17.83 10.01 -9.30
N CYS A 129 -17.95 9.54 -10.55
CA CYS A 129 -18.79 8.40 -10.87
C CYS A 129 -17.97 7.15 -11.12
N PHE A 130 -18.56 6.01 -10.80
CA PHE A 130 -17.89 4.71 -10.87
C PHE A 130 -18.77 3.72 -11.62
N ALA A 131 -18.15 2.85 -12.41
CA ALA A 131 -18.82 1.71 -12.99
C ALA A 131 -18.01 0.46 -12.72
N TRP A 132 -18.71 -0.61 -12.33
CA TRP A 132 -18.12 -1.94 -12.21
C TRP A 132 -18.89 -2.86 -13.14
N ASN A 133 -18.22 -3.38 -14.16
CA ASN A 133 -18.80 -4.33 -15.09
C ASN A 133 -18.19 -5.70 -14.76
N ILE A 134 -19.03 -6.61 -14.29
CA ILE A 134 -18.62 -7.97 -13.95
C ILE A 134 -19.32 -8.91 -14.92
N GLY A 135 -18.56 -9.45 -15.87
CA GLY A 135 -19.13 -10.40 -16.81
C GLY A 135 -20.27 -9.85 -17.66
N GLY A 136 -20.30 -8.53 -17.89
CA GLY A 136 -21.35 -7.91 -18.68
C GLY A 136 -22.45 -7.23 -17.87
N LYS A 137 -22.51 -7.48 -16.57
CA LYS A 137 -23.48 -6.86 -15.67
C LYS A 137 -22.82 -5.68 -14.99
N THR A 138 -23.46 -4.51 -15.07
CA THR A 138 -22.83 -3.26 -14.65
C THR A 138 -23.57 -2.65 -13.46
N GLU A 139 -22.81 -2.22 -12.46
CA GLU A 139 -23.31 -1.39 -11.38
C GLU A 139 -22.55 -0.07 -11.37
N THR A 140 -23.24 1.00 -10.99
CA THR A 140 -22.64 2.32 -11.00
C THR A 140 -22.93 3.05 -9.68
N SER A 141 -22.16 4.10 -9.43
CA SER A 141 -22.45 4.96 -8.29
C SER A 141 -21.91 6.35 -8.56
N ARG A 142 -22.42 7.30 -7.78
CA ARG A 142 -22.03 8.70 -7.86
C ARG A 142 -21.66 9.16 -6.46
N VAL A 143 -20.43 9.65 -6.28
CA VAL A 143 -19.90 9.94 -4.96
C VAL A 143 -19.34 11.35 -4.94
N LEU A 144 -19.52 12.05 -3.81
CA LEU A 144 -18.86 13.31 -3.56
C LEU A 144 -17.80 13.07 -2.48
N PHE A 145 -16.54 13.31 -2.83
CA PHE A 145 -15.41 13.19 -1.91
C PHE A 145 -14.96 14.58 -1.44
N SER A 146 -14.58 14.67 -0.16
CA SER A 146 -14.05 15.92 0.37
C SER A 146 -12.55 16.03 0.12
N GLY A 147 -12.05 17.26 0.24
CA GLY A 147 -10.62 17.52 0.19
C GLY A 147 -10.15 18.01 -1.17
N ASP A 148 -8.83 18.04 -1.33
CA ASP A 148 -8.24 18.53 -2.57
C ASP A 148 -8.08 17.38 -3.56
N CYS A 149 -7.45 17.65 -4.71
CA CYS A 149 -7.41 16.66 -5.77
CA CYS A 149 -7.38 16.67 -5.79
C CYS A 149 -6.69 15.38 -5.32
N GLN A 150 -5.58 15.51 -4.60
CA GLN A 150 -4.88 14.30 -4.16
C GLN A 150 -5.72 13.52 -3.16
N ASP A 151 -6.51 14.21 -2.34
CA ASP A 151 -7.43 13.52 -1.43
C ASP A 151 -8.50 12.78 -2.20
N VAL A 152 -9.12 13.45 -3.17
CA VAL A 152 -10.21 12.82 -3.93
C VAL A 152 -9.71 11.57 -4.65
N VAL A 153 -8.53 11.67 -5.27
CA VAL A 153 -7.97 10.54 -6.01
C VAL A 153 -7.72 9.37 -5.07
N GLU A 154 -7.06 9.64 -3.93
CA GLU A 154 -6.79 8.61 -2.94
C GLU A 154 -8.06 7.88 -2.54
N LYS A 155 -9.08 8.64 -2.16
CA LYS A 155 -10.32 8.03 -1.68
C LYS A 155 -11.06 7.33 -2.81
N ALA A 156 -11.00 7.88 -4.02
CA ALA A 156 -11.70 7.25 -5.14
C ALA A 156 -11.08 5.92 -5.50
N VAL A 157 -9.75 5.84 -5.50
CA VAL A 157 -9.06 4.58 -5.76
C VAL A 157 -9.47 3.53 -4.73
N HIS A 158 -9.44 3.90 -3.48
CA HIS A 158 -9.83 3.00 -2.41
C HIS A 158 -11.26 2.55 -2.55
N TYR A 159 -12.13 3.50 -2.81
CA TYR A 159 -13.55 3.19 -2.92
C TYR A 159 -13.82 2.22 -4.08
N SER A 160 -13.19 2.45 -5.24
CA SER A 160 -13.43 1.56 -6.38
C SER A 160 -13.02 0.14 -6.05
N LEU A 161 -11.92 -0.03 -5.33
CA LEU A 161 -11.43 -1.37 -5.00
C LEU A 161 -12.28 -2.02 -3.92
N ALA A 162 -12.66 -1.26 -2.89
CA ALA A 162 -13.44 -1.84 -1.79
C ALA A 162 -14.79 -2.33 -2.28
N GLU A 163 -15.43 -1.55 -3.15
CA GLU A 163 -16.72 -1.96 -3.70
C GLU A 163 -16.57 -3.23 -4.55
N LEU A 164 -15.54 -3.30 -5.39
CA LEU A 164 -15.36 -4.49 -6.22
C LEU A 164 -15.13 -5.72 -5.37
N VAL A 165 -14.31 -5.60 -4.32
CA VAL A 165 -14.07 -6.74 -3.43
C VAL A 165 -15.39 -7.25 -2.88
N THR A 166 -16.22 -6.34 -2.38
CA THR A 166 -17.53 -6.73 -1.85
C THR A 166 -18.37 -7.42 -2.91
N LYS A 167 -18.40 -6.86 -4.14
CA LYS A 167 -19.21 -7.44 -5.20
C LYS A 167 -18.76 -8.84 -5.58
N LEU A 168 -17.49 -9.17 -5.34
CA LEU A 168 -16.97 -10.50 -5.67
C LEU A 168 -16.90 -11.43 -4.47
N SER A 169 -17.38 -11.01 -3.30
CA SER A 169 -17.39 -11.87 -2.11
C SER A 169 -18.78 -12.46 -1.93
N GLY A 170 -18.83 -13.71 -1.49
CA GLY A 170 -20.09 -14.43 -1.35
C GLY A 170 -20.67 -14.42 0.05
N GLY B 1 -29.41 2.07 -17.05
CA GLY B 1 -28.65 2.78 -16.04
C GLY B 1 -29.47 3.29 -14.87
N MET B 2 -29.13 2.84 -13.67
CA MET B 2 -29.87 3.18 -12.46
C MET B 2 -29.18 4.35 -11.77
N MET B 3 -29.82 5.52 -11.80
CA MET B 3 -29.23 6.72 -11.23
C MET B 3 -29.11 6.59 -9.72
N SER B 4 -27.90 6.77 -9.21
CA SER B 4 -27.66 6.71 -7.79
C SER B 4 -27.93 8.06 -7.13
N ASN B 5 -28.47 8.01 -5.93
CA ASN B 5 -28.42 9.17 -5.04
C ASN B 5 -26.96 9.51 -4.79
N LEU B 6 -26.65 10.80 -4.77
CA LEU B 6 -25.27 11.24 -4.54
C LEU B 6 -24.82 10.81 -3.15
N TYR B 7 -23.77 9.98 -3.10
CA TYR B 7 -23.24 9.52 -1.82
C TYR B 7 -22.20 10.50 -1.30
N HIS B 8 -22.43 11.05 -0.10
CA HIS B 8 -21.46 11.94 0.53
C HIS B 8 -20.47 11.10 1.33
N ASP B 9 -19.31 10.83 0.72
CA ASP B 9 -18.31 9.98 1.36
C ASP B 9 -17.75 10.65 2.61
N ASN B 10 -17.57 9.87 3.68
CA ASN B 10 -17.16 10.43 4.97
C ASN B 10 -15.75 10.00 5.37
N THR B 11 -14.99 9.37 4.49
CA THR B 11 -13.60 9.07 4.78
C THR B 11 -12.78 10.36 4.74
N ILE B 12 -11.77 10.44 5.61
CA ILE B 12 -10.92 11.62 5.75
C ILE B 12 -9.47 11.17 5.56
N THR B 13 -8.74 11.85 4.68
CA THR B 13 -7.35 11.48 4.48
C THR B 13 -6.49 12.02 5.62
N VAL B 14 -5.27 11.49 5.71
CA VAL B 14 -4.32 12.02 6.68
C VAL B 14 -4.08 13.51 6.43
N ALA B 15 -3.91 13.90 5.15
CA ALA B 15 -3.71 15.31 4.83
C ALA B 15 -4.91 16.16 5.25
N GLU B 16 -6.13 15.65 5.03
CA GLU B 16 -7.31 16.38 5.49
C GLU B 16 -7.30 16.53 7.02
N LEU B 17 -6.87 15.49 7.71
CA LEU B 17 -6.85 15.50 9.18
C LEU B 17 -5.81 16.47 9.72
N THR B 18 -4.63 16.54 9.09
CA THR B 18 -3.64 17.48 9.61
C THR B 18 -4.05 18.92 9.34
N LYS B 19 -4.80 19.16 8.27
CA LYS B 19 -5.32 20.50 8.03
C LYS B 19 -6.36 20.87 9.08
N LYS B 20 -7.25 19.94 9.42
CA LYS B 20 -8.24 20.20 10.46
C LYS B 20 -7.56 20.40 11.81
N LEU B 21 -6.54 19.58 12.09
CA LEU B 21 -5.82 19.68 13.35
C LEU B 21 -5.05 20.98 13.44
N ALA B 22 -4.42 21.40 12.35
CA ALA B 22 -3.71 22.68 12.32
C ALA B 22 -4.64 23.83 12.68
N SER B 23 -5.81 23.91 12.06
CA SER B 23 -6.74 25.00 12.36
CA SER B 23 -6.73 25.01 12.37
C SER B 23 -7.20 24.95 13.81
N ARG B 24 -7.49 23.75 14.33
CA ARG B 24 -7.91 23.61 15.72
CA ARG B 24 -7.92 23.64 15.71
C ARG B 24 -6.83 24.12 16.67
N LEU B 25 -5.59 23.70 16.43
CA LEU B 25 -4.51 24.06 17.34
C LEU B 25 -4.13 25.53 17.21
N ILE B 26 -3.97 26.01 15.96
CA ILE B 26 -3.57 27.40 15.76
C ILE B 26 -4.62 28.35 16.29
N ASP B 27 -5.90 28.06 16.06
CA ASP B 27 -6.96 28.95 16.51
C ASP B 27 -7.02 29.03 18.03
N ALA B 28 -6.58 27.98 18.73
CA ALA B 28 -6.55 27.95 20.18
C ALA B 28 -5.18 28.29 20.75
N GLY B 29 -4.20 28.60 19.90
CA GLY B 29 -2.88 28.95 20.39
C GLY B 29 -2.13 27.80 21.04
N LEU B 30 -2.39 26.57 20.62
CA LEU B 30 -1.78 25.39 21.22
C LEU B 30 -0.69 24.79 20.33
N ARG B 31 0.25 24.09 20.96
CA ARG B 31 1.36 23.46 20.26
C ARG B 31 1.34 21.96 20.48
N LEU B 32 1.68 21.21 19.44
CA LEU B 32 1.61 19.75 19.41
C LEU B 32 3.01 19.16 19.36
N THR B 33 3.18 18.00 19.99
CA THR B 33 4.41 17.23 19.89
C THR B 33 4.03 15.76 19.81
N THR B 34 4.95 14.94 19.31
CA THR B 34 4.68 13.52 19.12
C THR B 34 5.87 12.68 19.56
N ALA B 35 5.58 11.44 19.99
CA ALA B 35 6.59 10.43 20.24
C ALA B 35 6.11 9.13 19.63
N GLU B 36 6.90 8.56 18.73
CA GLU B 36 6.49 7.40 17.95
C GLU B 36 7.39 6.21 18.23
N SER B 37 6.78 5.08 18.61
CA SER B 37 7.50 3.84 18.79
CA SER B 37 7.48 3.83 18.81
C SER B 37 6.76 2.72 18.04
N CYS B 38 6.84 2.79 16.70
CA CYS B 38 6.53 1.73 15.73
C CYS B 38 6.09 2.32 14.39
N THR B 39 5.70 3.59 14.36
CA THR B 39 5.35 4.23 13.09
C THR B 39 6.53 4.90 12.41
N GLY B 40 7.71 4.94 13.03
CA GLY B 40 8.93 5.24 12.31
C GLY B 40 9.12 6.68 11.88
N GLY B 41 8.27 7.59 12.33
CA GLY B 41 8.35 8.98 11.93
C GLY B 41 7.30 9.38 10.93
N LYS B 42 6.47 8.41 10.49
CA LYS B 42 5.39 8.73 9.56
C LYS B 42 4.42 9.75 10.13
N LEU B 43 4.23 9.74 11.44
CA LEU B 43 3.35 10.74 12.04
C LEU B 43 3.99 12.13 11.99
N SER B 44 5.27 12.22 12.36
CA SER B 44 5.96 13.50 12.21
C SER B 44 5.92 13.98 10.77
N VAL B 45 6.14 13.08 9.80
CA VAL B 45 6.15 13.47 8.40
C VAL B 45 4.81 14.09 8.00
N ALA B 46 3.71 13.44 8.39
CA ALA B 46 2.39 13.97 8.07
C ALA B 46 2.21 15.37 8.64
N LEU B 47 2.60 15.57 9.91
CA LEU B 47 2.43 16.87 10.54
C LEU B 47 3.36 17.91 9.93
N CYS B 48 4.55 17.50 9.48
CA CYS B 48 5.46 18.42 8.83
C CYS B 48 5.08 18.72 7.38
N ALA B 49 4.19 17.92 6.79
CA ALA B 49 3.69 18.22 5.44
C ALA B 49 2.64 19.31 5.44
N GLU B 50 2.00 19.56 6.59
CA GLU B 50 0.93 20.54 6.65
C GLU B 50 1.47 21.94 6.37
N GLU B 51 0.66 22.74 5.68
CA GLU B 51 1.09 24.05 5.19
C GLU B 51 1.63 24.92 6.32
N ASN B 52 0.92 24.99 7.44
CA ASN B 52 1.25 25.89 8.54
C ASN B 52 1.90 25.15 9.70
N THR B 53 2.68 24.12 9.40
CA THR B 53 3.21 23.24 10.45
C THR B 53 4.09 23.98 11.44
N ALA B 54 4.83 25.00 10.98
CA ALA B 54 5.67 25.75 11.90
C ALA B 54 4.86 26.50 12.95
N ASP B 55 3.56 26.69 12.72
CA ASP B 55 2.73 27.45 13.65
C ASP B 55 2.18 26.61 14.79
N PHE B 56 2.36 25.29 14.76
CA PHE B 56 1.76 24.47 15.82
C PHE B 56 2.56 23.21 16.18
N TYR B 57 3.60 22.89 15.41
CA TYR B 57 4.31 21.63 15.61
C TYR B 57 5.81 21.90 15.55
N ASP B 58 6.54 21.37 16.53
CA ASP B 58 7.97 21.65 16.66
C ASP B 58 8.77 20.36 16.78
N VAL B 59 8.50 19.56 17.81
CA VAL B 59 9.34 18.42 18.17
C VAL B 59 8.62 17.11 17.86
N GLY B 60 9.33 16.20 17.21
CA GLY B 60 8.86 14.83 17.07
C GLY B 60 9.97 13.90 17.44
N LEU B 61 9.64 12.84 18.19
CA LEU B 61 10.63 11.87 18.63
C LEU B 61 10.27 10.50 18.09
N VAL B 62 11.29 9.78 17.63
CA VAL B 62 11.15 8.40 17.18
C VAL B 62 12.09 7.55 18.03
N VAL B 63 11.54 6.54 18.70
CA VAL B 63 12.37 5.64 19.48
C VAL B 63 11.89 4.20 19.25
N PHE B 64 12.84 3.27 19.28
CA PHE B 64 12.53 1.85 19.18
C PHE B 64 12.65 1.12 20.52
N SER B 65 13.73 1.36 21.25
CA SER B 65 14.11 0.48 22.35
C SER B 65 13.42 0.86 23.66
N ASP B 66 13.39 -0.10 24.58
CA ASP B 66 12.95 0.19 25.94
C ASP B 66 13.90 1.16 26.61
N SER B 67 15.22 0.98 26.41
CA SER B 67 16.19 1.83 27.07
CA SER B 67 16.21 1.83 27.05
C SER B 67 16.01 3.29 26.66
N ALA B 68 15.70 3.54 25.37
CA ALA B 68 15.45 4.91 24.95
C ALA B 68 14.23 5.49 25.64
N LYS B 69 13.15 4.69 25.75
CA LYS B 69 11.96 5.16 26.46
C LYS B 69 12.28 5.47 27.90
N GLU B 70 13.11 4.64 28.54
CA GLU B 70 13.52 4.88 29.91
C GLU B 70 14.39 6.12 30.02
N ARG B 71 15.45 6.20 29.19
CA ARG B 71 16.43 7.28 29.33
CA ARG B 71 16.42 7.28 29.33
C ARG B 71 15.86 8.61 28.84
N ILE B 72 15.23 8.62 27.67
CA ILE B 72 14.81 9.87 27.03
C ILE B 72 13.40 10.26 27.44
N LEU B 73 12.48 9.31 27.47
CA LEU B 73 11.08 9.60 27.74
C LEU B 73 10.67 9.28 29.17
N GLY B 74 11.64 9.06 30.06
CA GLY B 74 11.38 8.85 31.47
C GLY B 74 10.29 7.84 31.76
N VAL B 75 10.15 6.83 30.90
CA VAL B 75 9.19 5.76 31.17
C VAL B 75 9.70 4.97 32.37
N SER B 76 8.80 4.66 33.29
CA SER B 76 9.20 4.03 34.55
C SER B 76 9.66 2.60 34.29
N PRO B 77 10.73 2.15 34.95
CA PRO B 77 11.10 0.73 34.84
C PRO B 77 10.03 -0.20 35.38
N GLU B 78 9.27 0.21 36.39
CA GLU B 78 8.16 -0.61 36.86
C GLU B 78 7.11 -0.79 35.79
N THR B 79 6.77 0.29 35.09
CA THR B 79 5.78 0.22 34.02
C THR B 79 6.23 -0.72 32.92
N LEU B 80 7.48 -0.62 32.50
CA LEU B 80 7.99 -1.51 31.45
C LEU B 80 8.01 -2.96 31.93
N ALA B 81 8.37 -3.17 33.19
CA ALA B 81 8.48 -4.53 33.71
C ALA B 81 7.10 -5.19 33.86
N ARG B 82 6.10 -4.40 34.25
CA ARG B 82 4.78 -4.99 34.52
C ARG B 82 3.89 -5.03 33.30
N PHE B 83 3.99 -4.03 32.42
CA PHE B 83 3.04 -3.89 31.31
C PHE B 83 3.69 -3.86 29.94
N THR B 84 5.03 -3.86 29.87
CA THR B 84 5.85 -3.76 28.65
C THR B 84 5.74 -2.38 28.01
N ALA B 85 6.54 -2.16 26.96
CA ALA B 85 6.48 -0.89 26.24
C ALA B 85 5.21 -0.75 25.43
N VAL B 86 4.58 -1.86 25.05
CA VAL B 86 3.32 -1.79 24.31
C VAL B 86 2.18 -1.90 25.30
N SER B 87 1.85 -0.77 25.94
CA SER B 87 0.79 -0.72 26.93
C SER B 87 0.28 0.71 27.03
N GLU B 88 -0.95 0.85 27.52
CA GLU B 88 -1.48 2.19 27.72
C GLU B 88 -0.76 2.91 28.85
N GLN B 89 -0.24 2.16 29.82
CA GLN B 89 0.58 2.77 30.86
C GLN B 89 1.85 3.39 30.28
N THR B 90 2.51 2.68 29.36
CA THR B 90 3.75 3.22 28.81
C THR B 90 3.49 4.45 27.95
N VAL B 91 2.47 4.40 27.07
CA VAL B 91 2.25 5.55 26.19
C VAL B 91 1.78 6.76 27.00
N THR B 92 1.07 6.53 28.11
CA THR B 92 0.71 7.64 29.00
C THR B 92 1.96 8.36 29.48
N GLU B 93 2.94 7.58 29.93
CA GLU B 93 4.21 8.13 30.39
C GLU B 93 4.98 8.81 29.26
N MET B 94 5.04 8.17 28.06
CA MET B 94 5.71 8.83 26.95
C MET B 94 5.03 10.16 26.60
N ALA B 95 3.70 10.18 26.56
CA ALA B 95 3.00 11.40 26.18
C ALA B 95 3.24 12.52 27.17
N ALA B 96 3.29 12.21 28.47
CA ALA B 96 3.58 13.25 29.46
C ALA B 96 5.01 13.76 29.32
N SER B 97 5.94 12.86 29.02
CA SER B 97 7.35 13.26 28.95
CA SER B 97 7.35 13.27 28.96
C SER B 97 7.63 14.10 27.72
N ILE B 98 7.15 13.66 26.55
CA ILE B 98 7.44 14.41 25.33
C ILE B 98 6.75 15.77 25.37
N ARG B 99 5.58 15.86 25.99
CA ARG B 99 4.93 17.16 26.15
C ARG B 99 5.81 18.12 26.93
N ASP B 100 6.42 17.64 28.02
CA ASP B 100 7.33 18.49 28.79
C ASP B 100 8.60 18.80 28.01
N ILE B 101 9.16 17.80 27.32
CA ILE B 101 10.39 18.01 26.55
C ILE B 101 10.20 19.12 25.52
N ALA B 102 9.06 19.09 24.85
CA ALA B 102 8.75 20.02 23.77
C ALA B 102 8.14 21.33 24.24
N GLN B 103 7.75 21.42 25.51
CA GLN B 103 7.00 22.57 26.02
C GLN B 103 5.72 22.76 25.22
N ALA B 104 5.09 21.65 24.86
CA ALA B 104 3.88 21.67 24.07
C ALA B 104 2.66 21.63 24.98
N ASP B 105 1.50 21.84 24.38
CA ASP B 105 0.21 21.75 25.06
C ASP B 105 -0.48 20.42 24.84
N VAL B 106 -0.20 19.77 23.72
CA VAL B 106 -0.86 18.53 23.32
C VAL B 106 0.21 17.58 22.82
N SER B 107 0.12 16.31 23.19
CA SER B 107 1.05 15.32 22.69
C SER B 107 0.31 14.06 22.27
N ILE B 108 0.91 13.36 21.31
CA ILE B 108 0.50 12.02 20.90
C ILE B 108 1.67 11.09 21.15
N ALA B 109 1.41 9.94 21.75
CA ALA B 109 2.39 8.89 21.90
C ALA B 109 1.85 7.61 21.31
N ILE B 110 2.70 6.92 20.53
CA ILE B 110 2.36 5.66 19.88
C ILE B 110 3.40 4.62 20.26
N SER B 111 2.94 3.42 20.64
CA SER B 111 3.87 2.34 20.95
C SER B 111 3.20 1.03 20.59
N GLY B 112 3.78 0.29 19.66
CA GLY B 112 3.14 -0.94 19.24
C GLY B 112 4.11 -1.89 18.55
N TYR B 113 3.53 -3.00 18.07
CA TYR B 113 4.24 -3.98 17.27
C TYR B 113 3.66 -3.86 15.85
N ALA B 114 4.38 -3.16 14.97
CA ALA B 114 3.86 -3.00 13.61
C ALA B 114 3.95 -4.30 12.81
N GLY B 115 4.82 -5.22 13.20
CA GLY B 115 4.97 -6.49 12.50
C GLY B 115 6.29 -6.56 11.75
N PRO B 116 6.60 -7.74 11.18
CA PRO B 116 5.82 -8.98 11.15
C PRO B 116 5.79 -9.73 12.48
N GLU B 117 6.74 -9.45 13.37
CA GLU B 117 6.80 -10.15 14.65
C GLU B 117 5.84 -9.53 15.65
N GLY B 118 5.26 -10.37 16.48
CA GLY B 118 4.54 -9.92 17.65
C GLY B 118 5.50 -9.70 18.81
N GLY B 119 4.92 -9.51 19.98
CA GLY B 119 5.72 -9.35 21.17
C GLY B 119 6.26 -10.68 21.69
N GLU B 120 7.23 -10.58 22.60
CA GLU B 120 7.69 -11.79 23.28
C GLU B 120 6.61 -12.35 24.21
N ASP B 121 5.85 -11.48 24.87
CA ASP B 121 4.75 -11.94 25.71
C ASP B 121 3.56 -12.51 24.91
N GLY B 122 3.66 -12.71 23.59
CA GLY B 122 2.57 -13.25 22.81
C GLY B 122 1.64 -12.24 22.19
N THR B 123 1.83 -10.95 22.48
CA THR B 123 0.98 -9.92 21.90
C THR B 123 1.06 -9.98 20.38
N ALA B 124 -0.11 -9.96 19.74
CA ALA B 124 -0.17 -10.11 18.29
C ALA B 124 0.53 -8.94 17.60
N ALA B 125 1.26 -9.26 16.53
CA ALA B 125 1.69 -8.23 15.60
C ALA B 125 0.49 -7.42 15.14
N GLY B 126 0.69 -6.11 15.01
CA GLY B 126 -0.39 -5.20 14.68
C GLY B 126 -1.07 -4.56 15.86
N THR B 127 -0.71 -4.94 17.09
CA THR B 127 -1.24 -4.30 18.29
C THR B 127 -0.50 -3.00 18.56
N VAL B 128 -1.25 -1.91 18.74
CA VAL B 128 -0.68 -0.58 18.89
C VAL B 128 -1.42 0.15 20.00
N CYS B 129 -0.68 0.74 20.93
CA CYS B 129 -1.27 1.59 21.97
C CYS B 129 -1.06 3.05 21.66
N PHE B 130 -2.05 3.88 22.04
CA PHE B 130 -2.06 5.30 21.78
C PHE B 130 -2.33 6.05 23.07
N ALA B 131 -1.72 7.22 23.21
CA ALA B 131 -2.07 8.15 24.27
C ALA B 131 -2.16 9.55 23.68
N TRP B 132 -3.20 10.27 24.08
CA TRP B 132 -3.40 11.67 23.72
C TRP B 132 -3.43 12.48 25.00
N ASN B 133 -2.43 13.32 25.19
CA ASN B 133 -2.33 14.18 26.37
C ASN B 133 -2.73 15.58 25.92
N ILE B 134 -3.87 16.05 26.39
CA ILE B 134 -4.38 17.36 26.05
C ILE B 134 -4.33 18.19 27.32
N GLY B 135 -3.34 19.07 27.42
CA GLY B 135 -3.24 19.99 28.54
C GLY B 135 -3.10 19.31 29.90
N GLY B 136 -2.54 18.09 29.93
CA GLY B 136 -2.35 17.38 31.18
C GLY B 136 -3.34 16.26 31.43
N LYS B 137 -4.42 16.18 30.64
CA LYS B 137 -5.39 15.11 30.74
C LYS B 137 -5.18 14.13 29.59
N THR B 138 -5.10 12.84 29.92
CA THR B 138 -4.68 11.82 28.97
C THR B 138 -5.78 10.80 28.77
N GLU B 139 -5.97 10.40 27.52
CA GLU B 139 -6.81 9.27 27.16
C GLU B 139 -5.97 8.29 26.35
N THR B 140 -6.30 7.02 26.44
CA THR B 140 -5.53 5.99 25.75
C THR B 140 -6.45 5.05 24.99
N SER B 141 -5.83 4.27 24.10
CA SER B 141 -6.54 3.27 23.32
C SER B 141 -5.57 2.14 23.00
N ARG B 142 -6.09 0.92 22.91
CA ARG B 142 -5.34 -0.25 22.49
C ARG B 142 -6.07 -0.85 21.30
N VAL B 143 -5.38 -0.91 20.14
CA VAL B 143 -6.00 -1.25 18.87
C VAL B 143 -5.22 -2.37 18.19
N LEU B 144 -5.93 -3.32 17.59
CA LEU B 144 -5.30 -4.32 16.74
C LEU B 144 -5.60 -3.96 15.28
N PHE B 145 -4.55 -3.70 14.50
CA PHE B 145 -4.68 -3.41 13.08
C PHE B 145 -4.34 -4.64 12.26
N SER B 146 -5.10 -4.87 11.19
CA SER B 146 -4.81 -5.95 10.26
C SER B 146 -3.76 -5.52 9.24
N GLY B 147 -3.17 -6.50 8.56
CA GLY B 147 -2.25 -6.23 7.48
C GLY B 147 -0.79 -6.34 7.90
N ASP B 148 0.08 -5.97 6.98
CA ASP B 148 1.51 -6.06 7.22
C ASP B 148 2.00 -4.79 7.90
N CYS B 149 3.31 -4.67 8.11
CA CYS B 149 3.81 -3.52 8.88
CA CYS B 149 3.85 -3.53 8.85
C CYS B 149 3.50 -2.20 8.19
N GLN B 150 3.54 -2.16 6.86
CA GLN B 150 3.19 -0.91 6.18
C GLN B 150 1.72 -0.57 6.38
N ASP B 151 0.84 -1.55 6.29
CA ASP B 151 -0.59 -1.32 6.56
C ASP B 151 -0.80 -0.84 7.99
N VAL B 152 -0.15 -1.50 8.95
CA VAL B 152 -0.36 -1.17 10.35
C VAL B 152 0.05 0.27 10.62
N VAL B 153 1.22 0.66 10.11
CA VAL B 153 1.72 2.02 10.35
C VAL B 153 0.80 3.04 9.70
N GLU B 154 0.42 2.80 8.45
CA GLU B 154 -0.49 3.72 7.76
C GLU B 154 -1.77 3.93 8.56
N LYS B 155 -2.40 2.84 9.00
CA LYS B 155 -3.66 2.98 9.74
C LYS B 155 -3.43 3.54 11.14
N ALA B 156 -2.30 3.23 11.78
CA ALA B 156 -2.04 3.78 13.10
C ALA B 156 -1.85 5.29 13.06
N VAL B 157 -1.17 5.79 12.02
CA VAL B 157 -0.97 7.23 11.90
C VAL B 157 -2.32 7.92 11.69
N HIS B 158 -3.11 7.42 10.75
CA HIS B 158 -4.43 7.99 10.50
C HIS B 158 -5.29 7.95 11.76
N TYR B 159 -5.30 6.81 12.46
CA TYR B 159 -6.11 6.68 13.66
C TYR B 159 -5.68 7.67 14.75
N SER B 160 -4.37 7.83 14.96
CA SER B 160 -3.92 8.75 16.01
C SER B 160 -4.38 10.17 15.72
N LEU B 161 -4.40 10.54 14.44
CA LEU B 161 -4.82 11.89 14.06
C LEU B 161 -6.32 12.05 14.12
N ALA B 162 -7.05 11.03 13.66
CA ALA B 162 -8.51 11.13 13.64
C ALA B 162 -9.07 11.25 15.05
N GLU B 163 -8.53 10.44 15.98
CA GLU B 163 -8.99 10.49 17.35
C GLU B 163 -8.69 11.85 17.99
N LEU B 164 -7.51 12.40 17.71
CA LEU B 164 -7.16 13.71 18.28
C LEU B 164 -8.09 14.78 17.75
N VAL B 165 -8.34 14.79 16.44
CA VAL B 165 -9.27 15.76 15.87
C VAL B 165 -10.65 15.63 16.52
N THR B 166 -11.09 14.39 16.74
CA THR B 166 -12.37 14.18 17.41
C THR B 166 -12.34 14.69 18.85
N LYS B 167 -11.24 14.41 19.56
CA LYS B 167 -11.15 14.82 20.96
C LYS B 167 -11.04 16.34 21.10
N LEU B 168 -10.52 17.01 20.09
CA LEU B 168 -10.45 18.48 20.11
C LEU B 168 -11.73 19.12 19.59
N SER B 169 -12.71 18.32 19.18
CA SER B 169 -14.00 18.84 18.74
C SER B 169 -15.06 18.56 19.81
N SER C 4 33.73 24.67 4.36
CA SER C 4 33.03 24.28 3.14
C SER C 4 32.37 25.48 2.48
N ASN C 5 32.42 25.52 1.15
CA ASN C 5 31.69 26.52 0.38
C ASN C 5 30.45 25.89 -0.25
N LEU C 6 29.43 26.72 -0.42
CA LEU C 6 28.11 26.26 -0.88
C LEU C 6 28.22 25.37 -2.11
N TYR C 7 27.74 24.15 -1.98
CA TYR C 7 27.73 23.20 -3.09
C TYR C 7 26.38 23.25 -3.78
N HIS C 8 26.39 23.47 -5.10
CA HIS C 8 25.16 23.53 -5.89
C HIS C 8 24.83 22.13 -6.39
N ASP C 9 23.87 21.48 -5.71
CA ASP C 9 23.45 20.14 -6.09
C ASP C 9 22.80 20.14 -7.45
N ASN C 10 23.01 19.07 -8.22
CA ASN C 10 22.58 18.99 -9.62
C ASN C 10 21.53 17.91 -9.88
N THR C 11 21.00 17.27 -8.85
CA THR C 11 19.98 16.24 -9.04
CA THR C 11 19.99 16.25 -9.06
C THR C 11 18.63 16.89 -9.34
N ILE C 12 17.83 16.19 -10.14
CA ILE C 12 16.52 16.69 -10.55
C ILE C 12 15.48 15.65 -10.18
N THR C 13 14.47 16.07 -9.41
CA THR C 13 13.41 15.15 -9.03
C THR C 13 12.45 14.95 -10.20
N VAL C 14 11.66 13.88 -10.11
CA VAL C 14 10.63 13.64 -11.11
C VAL C 14 9.66 14.81 -11.19
N ALA C 15 9.33 15.40 -10.03
CA ALA C 15 8.43 16.56 -10.04
C ALA C 15 9.06 17.73 -10.79
N GLU C 16 10.35 17.97 -10.59
CA GLU C 16 10.99 19.03 -11.37
C GLU C 16 11.02 18.70 -12.85
N LEU C 17 11.19 17.41 -13.18
CA LEU C 17 11.25 17.03 -14.59
C LEU C 17 9.90 17.19 -15.28
N THR C 18 8.81 16.84 -14.59
CA THR C 18 7.51 16.98 -15.24
C THR C 18 7.12 18.44 -15.42
N LYS C 19 7.54 19.32 -14.50
CA LYS C 19 7.35 20.75 -14.72
C LYS C 19 8.13 21.23 -15.93
N LYS C 20 9.40 20.80 -16.05
CA LYS C 20 10.19 21.16 -17.22
C LYS C 20 9.56 20.59 -18.49
N LEU C 21 9.14 19.32 -18.44
CA LEU C 21 8.53 18.70 -19.62
C LEU C 21 7.23 19.38 -20.01
N ALA C 22 6.39 19.70 -19.02
CA ALA C 22 5.15 20.41 -19.31
C ALA C 22 5.43 21.75 -19.97
N SER C 23 6.44 22.47 -19.50
CA SER C 23 6.79 23.76 -20.10
C SER C 23 7.21 23.60 -21.56
N ARG C 24 8.04 22.59 -21.87
CA ARG C 24 8.52 22.46 -23.24
C ARG C 24 7.40 22.01 -24.18
N LEU C 25 6.55 21.08 -23.75
CA LEU C 25 5.46 20.62 -24.60
C LEU C 25 4.44 21.73 -24.86
N ILE C 26 4.08 22.47 -23.82
CA ILE C 26 3.09 23.53 -23.98
C ILE C 26 3.62 24.64 -24.89
N ASP C 27 4.89 25.03 -24.70
CA ASP C 27 5.47 26.09 -25.52
C ASP C 27 5.60 25.67 -26.99
N ALA C 28 5.73 24.37 -27.24
CA ALA C 28 5.84 23.86 -28.60
C ALA C 28 4.49 23.44 -29.18
N GLY C 29 3.41 23.53 -28.40
CA GLY C 29 2.11 23.11 -28.86
C GLY C 29 1.98 21.63 -29.09
N LEU C 30 2.67 20.82 -28.29
CA LEU C 30 2.75 19.39 -28.47
C LEU C 30 2.00 18.65 -27.37
N ARG C 31 1.48 17.48 -27.70
CA ARG C 31 0.81 16.64 -26.72
C ARG C 31 1.52 15.30 -26.63
N LEU C 32 1.46 14.72 -25.43
CA LEU C 32 2.24 13.55 -25.06
C LEU C 32 1.32 12.40 -24.69
N THR C 33 1.75 11.18 -25.01
CA THR C 33 1.05 9.99 -24.55
C THR C 33 2.10 8.97 -24.15
N THR C 34 1.69 7.97 -23.37
CA THR C 34 2.63 7.00 -22.81
C THR C 34 2.07 5.60 -22.90
N ALA C 35 2.97 4.62 -23.06
CA ALA C 35 2.61 3.21 -22.96
C ALA C 35 3.63 2.53 -22.06
N GLU C 36 3.16 1.85 -21.00
CA GLU C 36 4.02 1.33 -19.96
C GLU C 36 3.86 -0.18 -19.82
N SER C 37 4.95 -0.93 -19.96
CA SER C 37 4.96 -2.37 -19.76
CA SER C 37 4.95 -2.37 -19.74
C SER C 37 6.11 -2.73 -18.82
N CYS C 38 5.94 -2.37 -17.53
CA CYS C 38 6.71 -2.81 -16.36
C CYS C 38 6.68 -1.73 -15.27
N THR C 39 6.39 -0.48 -15.65
CA THR C 39 6.31 0.60 -14.67
C THR C 39 4.91 0.78 -14.08
N GLY C 40 3.91 0.09 -14.64
CA GLY C 40 2.63 -0.07 -13.97
C GLY C 40 1.79 1.16 -13.80
N GLY C 41 2.01 2.20 -14.61
CA GLY C 41 1.26 3.44 -14.50
C GLY C 41 1.95 4.54 -13.72
N LYS C 42 3.12 4.26 -13.12
CA LYS C 42 3.83 5.29 -12.38
C LYS C 42 4.24 6.46 -13.28
N LEU C 43 4.53 6.20 -14.56
CA LEU C 43 4.85 7.30 -15.46
C LEU C 43 3.62 8.18 -15.69
N SER C 44 2.47 7.56 -15.94
CA SER C 44 1.23 8.33 -16.10
C SER C 44 0.89 9.11 -14.84
N VAL C 45 1.08 8.50 -13.67
CA VAL C 45 0.77 9.21 -12.42
C VAL C 45 1.64 10.45 -12.26
N ALA C 46 2.92 10.33 -12.61
CA ALA C 46 3.81 11.49 -12.52
C ALA C 46 3.35 12.62 -13.44
N LEU C 47 2.96 12.26 -14.67
CA LEU C 47 2.52 13.27 -15.62
C LEU C 47 1.17 13.88 -15.21
N CYS C 48 0.28 13.08 -14.62
CA CYS C 48 -0.99 13.61 -14.16
C CYS C 48 -0.88 14.36 -12.84
N ALA C 49 0.29 14.35 -12.19
CA ALA C 49 0.45 15.15 -10.98
C ALA C 49 0.56 16.63 -11.31
N GLU C 50 0.85 16.97 -12.56
CA GLU C 50 0.94 18.38 -12.94
C GLU C 50 -0.44 19.04 -12.92
N GLU C 51 -0.49 20.29 -12.46
CA GLU C 51 -1.74 21.03 -12.42
C GLU C 51 -2.37 21.13 -13.80
N ASN C 52 -1.58 21.48 -14.80
CA ASN C 52 -2.04 21.70 -16.17
C ASN C 52 -1.80 20.49 -17.04
N THR C 53 -1.93 19.29 -16.46
CA THR C 53 -1.73 18.08 -17.23
C THR C 53 -2.65 18.04 -18.45
N ALA C 54 -3.85 18.62 -18.34
CA ALA C 54 -4.80 18.67 -19.44
C ALA C 54 -4.26 19.41 -20.65
N ASP C 55 -3.29 20.30 -20.48
CA ASP C 55 -2.78 21.07 -21.60
C ASP C 55 -1.72 20.34 -22.40
N PHE C 56 -1.28 19.15 -21.98
CA PHE C 56 -0.22 18.47 -22.72
C PHE C 56 -0.29 16.96 -22.67
N TYR C 57 -1.16 16.39 -21.84
CA TYR C 57 -1.19 14.95 -21.63
C TYR C 57 -2.62 14.48 -21.52
N ASP C 58 -2.96 13.44 -22.28
CA ASP C 58 -4.33 12.95 -22.36
C ASP C 58 -4.42 11.46 -22.07
N VAL C 59 -3.65 10.64 -22.78
CA VAL C 59 -3.85 9.20 -22.79
C VAL C 59 -2.61 8.51 -22.25
N GLY C 60 -2.83 7.58 -21.34
CA GLY C 60 -1.78 6.67 -20.92
C GLY C 60 -2.31 5.24 -20.96
N LEU C 61 -1.44 4.32 -21.38
CA LEU C 61 -1.80 2.90 -21.45
C LEU C 61 -0.81 2.09 -20.62
N VAL C 62 -1.34 1.18 -19.80
CA VAL C 62 -0.56 0.16 -19.11
C VAL C 62 -0.95 -1.19 -19.70
N VAL C 63 0.03 -1.99 -20.11
CA VAL C 63 -0.22 -3.28 -20.73
CA VAL C 63 -0.21 -3.28 -20.74
C VAL C 63 0.83 -4.28 -20.24
N PHE C 64 0.38 -5.46 -19.81
CA PHE C 64 1.30 -6.50 -19.37
C PHE C 64 1.58 -7.56 -20.42
N SER C 65 0.55 -8.06 -21.09
CA SER C 65 0.71 -9.29 -21.86
C SER C 65 1.29 -8.99 -23.25
N ASP C 66 1.90 -10.04 -23.83
CA ASP C 66 2.17 -10.02 -25.26
C ASP C 66 0.89 -9.87 -26.06
N SER C 67 -0.15 -10.60 -25.65
CA SER C 67 -1.43 -10.57 -26.36
CA SER C 67 -1.43 -10.57 -26.36
C SER C 67 -1.95 -9.16 -26.49
N ALA C 68 -1.99 -8.42 -25.38
CA ALA C 68 -2.53 -7.05 -25.43
C ALA C 68 -1.67 -6.13 -26.27
N LYS C 69 -0.35 -6.34 -26.28
CA LYS C 69 0.52 -5.55 -27.14
C LYS C 69 0.19 -5.79 -28.61
N GLU C 70 -0.12 -7.04 -28.97
CA GLU C 70 -0.38 -7.35 -30.37
C GLU C 70 -1.73 -6.79 -30.83
N ARG C 71 -2.79 -6.98 -30.05
CA ARG C 71 -4.09 -6.57 -30.55
CA ARG C 71 -4.11 -6.58 -30.54
C ARG C 71 -4.44 -5.12 -30.24
N ILE C 72 -3.94 -4.56 -29.14
CA ILE C 72 -4.20 -3.15 -28.88
C ILE C 72 -3.20 -2.25 -29.60
N LEU C 73 -1.92 -2.56 -29.48
CA LEU C 73 -0.87 -1.72 -30.07
C LEU C 73 -0.36 -2.25 -31.40
N GLY C 74 -0.90 -3.35 -31.90
CA GLY C 74 -0.44 -3.84 -33.19
C GLY C 74 1.02 -4.27 -33.22
N VAL C 75 1.62 -4.55 -32.06
CA VAL C 75 2.97 -5.13 -32.05
C VAL C 75 2.94 -6.41 -32.87
N SER C 76 3.94 -6.58 -33.74
CA SER C 76 3.98 -7.75 -34.62
C SER C 76 4.31 -9.02 -33.84
N PRO C 77 3.57 -10.12 -34.04
CA PRO C 77 3.96 -11.37 -33.39
C PRO C 77 5.34 -11.85 -33.81
N GLU C 78 5.76 -11.57 -35.05
CA GLU C 78 7.12 -11.88 -35.46
C GLU C 78 8.14 -11.09 -34.65
N THR C 79 7.82 -9.82 -34.36
CA THR C 79 8.72 -9.02 -33.54
C THR C 79 8.87 -9.61 -32.13
N LEU C 80 7.75 -10.01 -31.53
CA LEU C 80 7.81 -10.62 -30.21
C LEU C 80 8.54 -11.95 -30.25
N ALA C 81 8.31 -12.75 -31.29
CA ALA C 81 8.99 -14.04 -31.37
C ALA C 81 10.50 -13.88 -31.51
N ARG C 82 10.92 -12.90 -32.32
CA ARG C 82 12.33 -12.75 -32.67
CA ARG C 82 12.34 -12.78 -32.63
C ARG C 82 13.11 -11.95 -31.62
N PHE C 83 12.49 -10.92 -31.04
CA PHE C 83 13.18 -10.02 -30.11
C PHE C 83 12.58 -9.95 -28.71
N THR C 84 11.45 -10.60 -28.45
CA THR C 84 10.69 -10.52 -27.19
C THR C 84 10.12 -9.13 -26.95
N ALA C 85 9.24 -9.03 -25.94
CA ALA C 85 8.63 -7.76 -25.63
C ALA C 85 9.62 -6.77 -25.04
N VAL C 86 10.71 -7.27 -24.45
CA VAL C 86 11.71 -6.39 -23.86
C VAL C 86 12.82 -6.24 -24.91
N SER C 87 12.56 -5.36 -25.87
CA SER C 87 13.48 -5.12 -26.97
C SER C 87 13.23 -3.72 -27.47
N GLU C 88 14.23 -3.16 -28.15
CA GLU C 88 14.03 -1.85 -28.74
C GLU C 88 13.08 -1.92 -29.93
N GLN C 89 13.02 -3.08 -30.61
CA GLN C 89 12.06 -3.25 -31.69
C GLN C 89 10.63 -3.18 -31.17
N THR C 90 10.34 -3.82 -30.03
CA THR C 90 8.99 -3.82 -29.49
C THR C 90 8.58 -2.44 -28.98
N VAL C 91 9.45 -1.76 -28.24
CA VAL C 91 9.06 -0.43 -27.75
C VAL C 91 8.91 0.54 -28.90
N THR C 92 9.67 0.37 -29.97
CA THR C 92 9.48 1.22 -31.14
C THR C 92 8.05 1.09 -31.66
N GLU C 93 7.57 -0.14 -31.83
CA GLU C 93 6.20 -0.36 -32.33
C GLU C 93 5.17 0.13 -31.32
N MET C 94 5.45 -0.07 -30.03
CA MET C 94 4.56 0.38 -28.98
C MET C 94 4.43 1.91 -29.00
N ALA C 95 5.56 2.60 -29.14
CA ALA C 95 5.55 4.07 -29.15
C ALA C 95 4.81 4.62 -30.37
N ALA C 96 4.98 3.98 -31.52
CA ALA C 96 4.28 4.46 -32.72
C ALA C 96 2.78 4.30 -32.59
N SER C 97 2.33 3.17 -32.06
CA SER C 97 0.91 2.89 -32.01
C SER C 97 0.20 3.73 -30.95
N ILE C 98 0.80 3.89 -29.76
CA ILE C 98 0.09 4.68 -28.74
C ILE C 98 -0.06 6.11 -29.21
N ARG C 99 0.92 6.60 -29.99
CA ARG C 99 0.80 7.92 -30.59
C ARG C 99 -0.39 8.02 -31.52
N ASP C 100 -0.61 6.98 -32.37
CA ASP C 100 -1.78 6.98 -33.25
C ASP C 100 -3.05 6.97 -32.44
N ILE C 101 -3.12 6.10 -31.44
CA ILE C 101 -4.34 5.91 -30.66
C ILE C 101 -4.69 7.19 -29.92
N ALA C 102 -3.69 7.85 -29.33
CA ALA C 102 -3.91 9.08 -28.58
C ALA C 102 -4.02 10.31 -29.47
N GLN C 103 -3.69 10.21 -30.75
CA GLN C 103 -3.51 11.38 -31.62
C GLN C 103 -2.58 12.40 -30.96
N ALA C 104 -1.43 11.93 -30.51
CA ALA C 104 -0.47 12.75 -29.81
C ALA C 104 0.72 13.04 -30.70
N ASP C 105 1.52 14.02 -30.31
CA ASP C 105 2.70 14.37 -31.09
C ASP C 105 3.95 13.66 -30.59
N VAL C 106 3.98 13.33 -29.30
CA VAL C 106 5.15 12.72 -28.66
C VAL C 106 4.66 11.52 -27.88
N SER C 107 5.42 10.42 -27.91
CA SER C 107 5.10 9.28 -27.06
C SER C 107 6.35 8.75 -26.37
N ILE C 108 6.14 8.16 -25.20
CA ILE C 108 7.13 7.36 -24.48
C ILE C 108 6.58 5.95 -24.38
N ALA C 109 7.39 4.96 -24.74
CA ALA C 109 7.06 3.57 -24.48
C ALA C 109 8.15 2.96 -23.62
N ILE C 110 7.73 2.15 -22.63
CA ILE C 110 8.65 1.46 -21.72
C ILE C 110 8.28 -0.01 -21.71
N SER C 111 9.27 -0.88 -21.90
CA SER C 111 9.06 -2.32 -21.75
C SER C 111 10.29 -2.93 -21.10
N GLY C 112 10.10 -3.59 -19.97
CA GLY C 112 11.25 -4.16 -19.28
C GLY C 112 10.85 -5.23 -18.30
N TYR C 113 11.86 -5.71 -17.59
CA TYR C 113 11.69 -6.67 -16.50
C TYR C 113 12.04 -5.93 -15.21
N ALA C 114 11.02 -5.47 -14.49
CA ALA C 114 11.28 -4.72 -13.27
C ALA C 114 11.87 -5.59 -12.17
N GLY C 115 11.62 -6.89 -12.20
CA GLY C 115 12.09 -7.77 -11.16
C GLY C 115 10.96 -8.25 -10.29
N PRO C 116 11.23 -9.23 -9.41
CA PRO C 116 12.55 -9.83 -9.17
C PRO C 116 13.00 -10.79 -10.27
N GLU C 117 12.04 -11.32 -11.01
CA GLU C 117 12.35 -12.23 -12.10
C GLU C 117 12.86 -11.46 -13.31
N GLY C 118 13.84 -12.03 -13.99
CA GLY C 118 14.30 -11.51 -15.26
C GLY C 118 13.58 -12.18 -16.40
N GLY C 119 14.15 -12.06 -17.59
CA GLY C 119 13.59 -12.74 -18.74
C GLY C 119 13.86 -14.24 -18.68
N GLU C 120 12.85 -15.02 -19.08
CA GLU C 120 13.04 -16.46 -19.16
C GLU C 120 14.05 -16.83 -20.22
N ASP C 121 14.36 -15.92 -21.15
CA ASP C 121 15.43 -16.11 -22.12
C ASP C 121 16.80 -15.73 -21.56
N GLY C 122 16.87 -15.32 -20.29
CA GLY C 122 18.13 -15.04 -19.63
C GLY C 122 18.39 -13.58 -19.31
N THR C 123 17.57 -12.66 -19.83
CA THR C 123 17.81 -11.23 -19.63
C THR C 123 17.70 -10.88 -18.15
N ALA C 124 18.66 -10.09 -17.67
CA ALA C 124 18.73 -9.77 -16.25
C ALA C 124 17.51 -8.97 -15.81
N ALA C 125 17.08 -9.23 -14.58
CA ALA C 125 16.10 -8.36 -13.95
C ALA C 125 16.65 -6.94 -13.87
N GLY C 126 15.79 -5.96 -14.12
CA GLY C 126 16.21 -4.59 -14.16
C GLY C 126 16.56 -4.07 -15.53
N THR C 127 16.51 -4.93 -16.55
CA THR C 127 16.70 -4.50 -17.93
C THR C 127 15.41 -3.88 -18.46
N VAL C 128 15.48 -2.63 -18.93
CA VAL C 128 14.30 -1.91 -19.41
C VAL C 128 14.65 -1.25 -20.74
N CYS C 129 13.76 -1.38 -21.72
CA CYS C 129 13.91 -0.71 -23.00
C CYS C 129 12.97 0.49 -23.08
N PHE C 130 13.44 1.54 -23.76
CA PHE C 130 12.70 2.80 -23.87
C PHE C 130 12.63 3.21 -25.33
N ALA C 131 11.49 3.79 -25.72
CA ALA C 131 11.34 4.45 -27.02
C ALA C 131 10.72 5.83 -26.82
N TRP C 132 11.30 6.83 -27.47
CA TRP C 132 10.75 8.17 -27.50
C TRP C 132 10.45 8.48 -28.96
N ASN C 133 9.18 8.65 -29.29
CA ASN C 133 8.75 8.98 -30.65
C ASN C 133 8.32 10.45 -30.66
N ILE C 134 9.05 11.27 -31.41
CA ILE C 134 8.75 12.70 -31.51
C ILE C 134 8.34 12.96 -32.96
N GLY C 135 7.03 13.11 -33.19
CA GLY C 135 6.55 13.43 -34.51
C GLY C 135 6.90 12.40 -35.56
N GLY C 136 7.06 11.13 -35.17
CA GLY C 136 7.38 10.06 -36.10
C GLY C 136 8.85 9.68 -36.17
N LYS C 137 9.72 10.42 -35.50
CA LYS C 137 11.13 10.08 -35.39
C LYS C 137 11.36 9.46 -34.04
N THR C 138 11.86 8.23 -34.01
CA THR C 138 12.02 7.46 -32.78
C THR C 138 13.49 7.24 -32.46
N GLU C 139 13.81 7.33 -31.18
CA GLU C 139 15.11 6.95 -30.63
C GLU C 139 14.85 5.97 -29.49
N THR C 140 15.73 4.99 -29.33
CA THR C 140 15.54 3.99 -28.29
C THR C 140 16.79 3.86 -27.43
N SER C 141 16.60 3.26 -26.25
CA SER C 141 17.73 2.90 -25.40
CA SER C 141 17.69 2.94 -25.34
C SER C 141 17.36 1.65 -24.61
N ARG C 142 18.41 0.93 -24.19
CA ARG C 142 18.27 -0.27 -23.40
C ARG C 142 19.15 -0.10 -22.17
N VAL C 143 18.54 -0.19 -20.98
CA VAL C 143 19.21 0.19 -19.73
C VAL C 143 19.06 -0.93 -18.69
N LEU C 144 20.12 -1.16 -17.91
CA LEU C 144 20.07 -2.04 -16.75
C LEU C 144 20.04 -1.20 -15.47
N PHE C 145 18.96 -1.34 -14.70
CA PHE C 145 18.79 -0.65 -13.42
C PHE C 145 19.01 -1.62 -12.26
N SER C 146 19.68 -1.16 -11.20
CA SER C 146 19.90 -1.96 -10.02
C SER C 146 18.70 -1.86 -9.07
N GLY C 147 18.64 -2.77 -8.09
CA GLY C 147 17.63 -2.74 -7.05
C GLY C 147 16.50 -3.72 -7.28
N ASP C 148 15.47 -3.61 -6.43
CA ASP C 148 14.28 -4.43 -6.59
C ASP C 148 13.30 -3.76 -7.54
N CYS C 149 12.12 -4.36 -7.71
CA CYS C 149 11.17 -3.86 -8.71
CA CYS C 149 11.16 -3.87 -8.69
C CYS C 149 10.78 -2.42 -8.44
N GLN C 150 10.63 -2.03 -7.18
CA GLN C 150 10.26 -0.65 -6.88
C GLN C 150 11.39 0.31 -7.26
N ASP C 151 12.64 -0.03 -6.95
CA ASP C 151 13.76 0.82 -7.35
C ASP C 151 13.87 0.91 -8.87
N VAL C 152 13.68 -0.20 -9.57
CA VAL C 152 13.80 -0.20 -11.02
C VAL C 152 12.73 0.71 -11.63
N VAL C 153 11.48 0.59 -11.14
CA VAL C 153 10.39 1.41 -11.67
C VAL C 153 10.65 2.89 -11.42
N GLU C 154 11.04 3.24 -10.19
CA GLU C 154 11.34 4.62 -9.86
C GLU C 154 12.40 5.21 -10.79
N LYS C 155 13.51 4.50 -10.97
CA LYS C 155 14.57 5.01 -11.83
C LYS C 155 14.20 4.97 -13.30
N ALA C 156 13.37 4.00 -13.72
CA ALA C 156 12.96 3.97 -15.13
C ALA C 156 12.06 5.15 -15.47
N VAL C 157 11.13 5.48 -14.58
CA VAL C 157 10.26 6.63 -14.80
C VAL C 157 11.07 7.91 -14.89
N HIS C 158 12.01 8.09 -13.95
CA HIS C 158 12.86 9.27 -13.95
C HIS C 158 13.71 9.33 -15.21
N TYR C 159 14.30 8.20 -15.61
CA TYR C 159 15.10 8.15 -16.83
C TYR C 159 14.28 8.49 -18.07
N SER C 160 13.07 7.92 -18.17
CA SER C 160 12.25 8.21 -19.35
C SER C 160 11.94 9.69 -19.48
N LEU C 161 11.68 10.35 -18.35
CA LEU C 161 11.37 11.78 -18.38
C LEU C 161 12.61 12.62 -18.61
N ALA C 162 13.73 12.30 -17.95
CA ALA C 162 14.91 13.13 -18.11
C ALA C 162 15.40 13.12 -19.55
N GLU C 163 15.40 11.96 -20.19
CA GLU C 163 15.89 11.86 -21.55
C GLU C 163 15.00 12.63 -22.53
N LEU C 164 13.69 12.58 -22.32
CA LEU C 164 12.79 13.35 -23.18
C LEU C 164 12.98 14.84 -22.97
N VAL C 165 13.13 15.29 -21.72
CA VAL C 165 13.40 16.70 -21.47
C VAL C 165 14.65 17.15 -22.20
N THR C 166 15.72 16.36 -22.10
CA THR C 166 16.97 16.69 -22.80
C THR C 166 16.76 16.76 -24.30
N LYS C 167 16.10 15.74 -24.86
CA LYS C 167 15.88 15.73 -26.30
C LYS C 167 15.07 16.94 -26.75
N LEU C 168 14.06 17.32 -25.96
CA LEU C 168 13.24 18.48 -26.30
C LEU C 168 13.94 19.81 -26.00
N SER C 169 15.15 19.77 -25.45
CA SER C 169 15.89 20.99 -25.20
C SER C 169 16.83 21.28 -26.37
N GLY D 1 19.51 -10.30 -27.70
CA GLY D 1 19.62 -9.31 -26.65
C GLY D 1 21.05 -8.93 -26.33
N MET D 2 21.99 -9.75 -26.81
CA MET D 2 23.41 -9.48 -26.57
C MET D 2 23.94 -8.39 -27.48
N MET D 3 23.52 -8.39 -28.74
CA MET D 3 24.03 -7.40 -29.69
C MET D 3 23.45 -6.01 -29.45
N SER D 4 22.37 -5.90 -28.71
CA SER D 4 21.82 -4.58 -28.39
C SER D 4 22.65 -3.94 -27.29
N ASN D 5 23.03 -2.67 -27.50
CA ASN D 5 23.77 -1.93 -26.49
C ASN D 5 23.00 -1.90 -25.20
N LEU D 6 23.70 -2.12 -24.10
CA LEU D 6 23.12 -2.09 -22.76
C LEU D 6 23.87 -1.05 -21.94
N TYR D 7 23.16 -0.03 -21.49
CA TYR D 7 23.74 1.02 -20.67
C TYR D 7 23.44 0.75 -19.20
N HIS D 8 24.43 0.96 -18.35
CA HIS D 8 24.33 0.63 -16.94
C HIS D 8 24.01 1.89 -16.15
N ASP D 9 22.80 1.97 -15.61
CA ASP D 9 22.38 3.13 -14.85
C ASP D 9 23.09 3.14 -13.51
N ASN D 10 23.52 4.32 -13.07
CA ASN D 10 24.32 4.44 -11.85
C ASN D 10 23.59 5.14 -10.70
N THR D 11 22.31 5.45 -10.86
CA THR D 11 21.55 6.07 -9.78
CA THR D 11 21.59 6.08 -9.76
C THR D 11 21.21 5.04 -8.71
N ILE D 12 21.16 5.50 -7.46
CA ILE D 12 20.88 4.64 -6.31
C ILE D 12 19.70 5.25 -5.57
N THR D 13 18.65 4.45 -5.36
CA THR D 13 17.50 4.98 -4.63
C THR D 13 17.77 5.02 -3.13
N VAL D 14 16.92 5.74 -2.40
CA VAL D 14 17.03 5.80 -0.95
C VAL D 14 16.92 4.40 -0.35
N ALA D 15 16.02 3.58 -0.88
CA ALA D 15 15.86 2.21 -0.38
C ALA D 15 17.13 1.38 -0.60
N GLU D 16 17.77 1.53 -1.77
CA GLU D 16 19.04 0.86 -1.99
C GLU D 16 20.11 1.36 -1.02
N LEU D 17 20.08 2.66 -0.70
CA LEU D 17 21.07 3.22 0.22
C LEU D 17 20.87 2.73 1.64
N THR D 18 19.63 2.68 2.12
CA THR D 18 19.43 2.23 3.49
C THR D 18 19.74 0.75 3.64
N LYS D 19 19.54 -0.04 2.58
CA LYS D 19 19.92 -1.45 2.62
C LYS D 19 21.44 -1.58 2.76
N LYS D 20 22.19 -0.86 1.92
CA LYS D 20 23.65 -0.84 2.03
C LYS D 20 24.08 -0.34 3.42
N LEU D 21 23.48 0.76 3.87
CA LEU D 21 23.84 1.34 5.16
C LEU D 21 23.55 0.36 6.29
N ALA D 22 22.41 -0.33 6.23
CA ALA D 22 22.09 -1.35 7.22
C ALA D 22 23.17 -2.42 7.28
N SER D 23 23.59 -2.93 6.11
CA SER D 23 24.61 -3.98 6.08
C SER D 23 25.91 -3.49 6.71
N ARG D 24 26.37 -2.30 6.32
CA ARG D 24 27.64 -1.78 6.85
C ARG D 24 27.58 -1.64 8.37
N LEU D 25 26.50 -1.04 8.89
CA LEU D 25 26.43 -0.78 10.32
C LEU D 25 26.26 -2.06 11.11
N ILE D 26 25.38 -2.95 10.65
CA ILE D 26 25.13 -4.19 11.39
C ILE D 26 26.36 -5.07 11.39
N ASP D 27 27.06 -5.16 10.26
CA ASP D 27 28.27 -5.98 10.20
C ASP D 27 29.33 -5.45 11.15
N ALA D 28 29.42 -4.13 11.30
CA ALA D 28 30.41 -3.50 12.17
C ALA D 28 29.93 -3.32 13.60
N GLY D 29 28.70 -3.73 13.91
CA GLY D 29 28.16 -3.57 15.25
C GLY D 29 27.97 -2.13 15.67
N LEU D 30 27.51 -1.28 14.75
CA LEU D 30 27.36 0.14 15.01
C LEU D 30 25.88 0.52 15.02
N ARG D 31 25.55 1.54 15.80
CA ARG D 31 24.19 2.04 15.90
C ARG D 31 24.15 3.48 15.42
N LEU D 32 23.06 3.84 14.77
CA LEU D 32 22.88 5.13 14.12
C LEU D 32 21.76 5.91 14.77
N THR D 33 21.91 7.24 14.83
CA THR D 33 20.85 8.12 15.30
C THR D 33 20.76 9.32 14.38
N THR D 34 19.61 10.00 14.37
CA THR D 34 19.43 11.14 13.47
C THR D 34 18.75 12.30 14.17
N ALA D 35 19.08 13.51 13.72
CA ALA D 35 18.40 14.74 14.14
C ALA D 35 18.11 15.55 12.89
N GLU D 36 16.81 15.83 12.64
CA GLU D 36 16.36 16.44 11.40
C GLU D 36 15.72 17.79 11.68
N SER D 37 16.20 18.83 11.00
CA SER D 37 15.59 20.15 11.08
C SER D 37 15.42 20.71 9.67
N CYS D 38 14.50 20.10 8.91
CA CYS D 38 13.79 20.65 7.75
C CYS D 38 13.26 19.51 6.90
N THR D 39 13.72 18.29 7.14
CA THR D 39 13.27 17.13 6.38
C THR D 39 12.07 16.43 7.03
N GLY D 40 11.64 16.87 8.22
CA GLY D 40 10.34 16.49 8.74
C GLY D 40 10.19 15.07 9.22
N GLY D 41 11.27 14.32 9.34
CA GLY D 41 11.18 12.91 9.68
C GLY D 41 11.30 11.95 8.53
N LYS D 42 11.46 12.47 7.29
CA LYS D 42 11.62 11.61 6.12
C LYS D 42 12.89 10.77 6.21
N LEU D 43 13.92 11.27 6.89
CA LEU D 43 15.13 10.46 7.07
C LEU D 43 14.87 9.32 8.03
N SER D 44 14.25 9.62 9.18
CA SER D 44 13.87 8.54 10.09
C SER D 44 12.97 7.52 9.40
N VAL D 45 12.03 7.99 8.57
CA VAL D 45 11.12 7.05 7.91
C VAL D 45 11.88 6.13 6.97
N ALA D 46 12.81 6.67 6.20
CA ALA D 46 13.63 5.85 5.31
C ALA D 46 14.40 4.79 6.10
N LEU D 47 14.98 5.18 7.23
CA LEU D 47 15.76 4.24 8.04
C LEU D 47 14.87 3.21 8.72
N CYS D 48 13.66 3.60 9.11
CA CYS D 48 12.74 2.65 9.71
C CYS D 48 12.07 1.75 8.70
N ALA D 49 12.21 2.04 7.40
CA ALA D 49 11.65 1.16 6.38
C ALA D 49 12.51 -0.07 6.13
N GLU D 50 13.76 -0.07 6.60
CA GLU D 50 14.62 -1.25 6.47
C GLU D 50 14.04 -2.44 7.20
N GLU D 51 14.27 -3.63 6.64
CA GLU D 51 13.83 -4.86 7.27
C GLU D 51 14.39 -5.01 8.68
N ASN D 52 15.71 -4.80 8.81
CA ASN D 52 16.41 -5.01 10.08
C ASN D 52 16.72 -3.70 10.79
N THR D 53 15.86 -2.69 10.64
CA THR D 53 16.14 -1.37 11.22
C THR D 53 16.39 -1.44 12.72
N ALA D 54 15.72 -2.37 13.42
CA ALA D 54 15.88 -2.46 14.86
C ALA D 54 17.29 -2.86 15.27
N ASP D 55 18.06 -3.45 14.36
CA ASP D 55 19.41 -3.89 14.67
C ASP D 55 20.45 -2.78 14.55
N PHE D 56 20.08 -1.57 14.09
CA PHE D 56 21.08 -0.53 13.94
C PHE D 56 20.54 0.88 14.19
N TYR D 57 19.22 1.06 14.27
CA TYR D 57 18.63 2.40 14.37
C TYR D 57 17.64 2.40 15.52
N ASP D 58 17.69 3.45 16.34
CA ASP D 58 16.85 3.53 17.52
C ASP D 58 16.15 4.88 17.61
N VAL D 59 16.94 5.95 17.74
CA VAL D 59 16.43 7.27 18.10
C VAL D 59 16.51 8.19 16.88
N GLY D 60 15.38 8.82 16.56
CA GLY D 60 15.35 9.87 15.56
C GLY D 60 14.65 11.09 16.13
N LEU D 61 15.25 12.26 15.96
CA LEU D 61 14.69 13.51 16.47
C LEU D 61 14.31 14.41 15.31
N VAL D 62 13.13 15.01 15.41
CA VAL D 62 12.68 16.06 14.51
C VAL D 62 12.49 17.32 15.35
N VAL D 63 13.12 18.41 14.93
CA VAL D 63 13.05 19.68 15.66
C VAL D 63 12.99 20.81 14.64
N PHE D 64 12.07 21.75 14.85
CA PHE D 64 11.99 22.93 13.99
C PHE D 64 12.65 24.16 14.59
N SER D 65 12.47 24.42 15.89
CA SER D 65 12.78 25.73 16.43
C SER D 65 14.23 25.85 16.89
N ASP D 66 14.66 27.11 17.03
CA ASP D 66 15.91 27.38 17.73
C ASP D 66 15.84 26.96 19.19
N SER D 67 14.72 27.26 19.85
CA SER D 67 14.60 26.95 21.27
CA SER D 67 14.60 26.95 21.27
C SER D 67 14.68 25.45 21.53
N ALA D 68 14.13 24.65 20.62
CA ALA D 68 14.18 23.20 20.81
C ALA D 68 15.60 22.67 20.60
N LYS D 69 16.35 23.22 19.64
CA LYS D 69 17.74 22.81 19.50
C LYS D 69 18.57 23.18 20.72
N GLU D 70 18.29 24.33 21.34
CA GLU D 70 18.98 24.69 22.56
C GLU D 70 18.58 23.77 23.71
N ARG D 71 17.27 23.56 23.88
CA ARG D 71 16.78 22.83 25.04
C ARG D 71 17.08 21.33 24.92
N ILE D 72 16.82 20.74 23.76
CA ILE D 72 16.97 19.30 23.61
C ILE D 72 18.41 18.92 23.24
N LEU D 73 19.02 19.64 22.31
CA LEU D 73 20.31 19.27 21.74
C LEU D 73 21.47 20.09 22.30
N GLY D 74 21.22 20.99 23.24
CA GLY D 74 22.31 21.75 23.84
C GLY D 74 23.05 22.64 22.86
N VAL D 75 22.46 22.95 21.71
CA VAL D 75 23.09 23.88 20.77
C VAL D 75 23.33 25.21 21.48
N SER D 76 24.51 25.77 21.26
CA SER D 76 24.90 26.98 21.97
C SER D 76 24.10 28.18 21.49
N PRO D 77 23.55 28.98 22.40
CA PRO D 77 22.88 30.23 21.97
C PRO D 77 23.83 31.19 21.28
N GLU D 78 25.12 31.16 21.63
CA GLU D 78 26.10 31.99 20.93
C GLU D 78 26.32 31.49 19.50
N THR D 79 26.32 30.17 19.31
CA THR D 79 26.39 29.60 17.96
C THR D 79 25.20 30.05 17.13
N LEU D 80 24.00 29.98 17.70
CA LEU D 80 22.81 30.44 16.98
C LEU D 80 22.88 31.94 16.69
N ALA D 81 23.30 32.74 17.69
CA ALA D 81 23.36 34.18 17.48
C ALA D 81 24.36 34.55 16.39
N ARG D 82 25.44 33.78 16.25
CA ARG D 82 26.50 34.12 15.30
CA ARG D 82 26.50 34.12 15.30
C ARG D 82 26.23 33.55 13.91
N PHE D 83 25.68 32.34 13.83
CA PHE D 83 25.56 31.64 12.55
C PHE D 83 24.16 31.15 12.22
N THR D 84 23.18 31.35 13.10
CA THR D 84 21.80 30.83 12.97
C THR D 84 21.77 29.31 12.99
N ALA D 85 20.56 28.74 12.96
CA ALA D 85 20.42 27.28 13.00
C ALA D 85 20.80 26.62 11.69
N VAL D 86 20.79 27.35 10.58
CA VAL D 86 21.18 26.77 9.30
C VAL D 86 22.64 27.10 9.07
N SER D 87 23.51 26.27 9.63
CA SER D 87 24.95 26.50 9.61
C SER D 87 25.63 25.19 9.93
N GLU D 88 26.87 25.06 9.46
CA GLU D 88 27.64 23.86 9.78
C GLU D 88 28.04 23.82 11.25
N GLN D 89 28.21 24.99 11.88
CA GLN D 89 28.47 25.03 13.32
C GLN D 89 27.33 24.38 14.09
N THR D 90 26.09 24.78 13.77
CA THR D 90 24.93 24.24 14.48
C THR D 90 24.78 22.74 14.27
N VAL D 91 24.91 22.26 13.02
CA VAL D 91 24.68 20.83 12.80
C VAL D 91 25.78 20.01 13.45
N THR D 92 27.00 20.56 13.55
CA THR D 92 28.04 19.88 14.31
C THR D 92 27.59 19.65 15.75
N GLU D 93 27.07 20.69 16.38
CA GLU D 93 26.60 20.56 17.76
C GLU D 93 25.39 19.63 17.84
N MET D 94 24.50 19.70 16.86
CA MET D 94 23.36 18.78 16.82
C MET D 94 23.81 17.33 16.74
N ALA D 95 24.73 17.04 15.81
CA ALA D 95 25.15 15.64 15.61
C ALA D 95 25.86 15.09 16.85
N ALA D 96 26.69 15.91 17.50
CA ALA D 96 27.37 15.43 18.70
C ALA D 96 26.38 15.16 19.83
N SER D 97 25.38 16.03 19.98
CA SER D 97 24.43 15.89 21.08
C SER D 97 23.56 14.66 20.90
N ILE D 98 22.92 14.51 19.73
CA ILE D 98 22.00 13.39 19.52
C ILE D 98 22.74 12.06 19.59
N ARG D 99 24.01 12.04 19.18
CA ARG D 99 24.79 10.81 19.31
C ARG D 99 24.93 10.42 20.78
N ASP D 100 25.22 11.38 21.64
CA ASP D 100 25.32 11.09 23.06
C ASP D 100 23.97 10.71 23.65
N ILE D 101 22.91 11.43 23.28
CA ILE D 101 21.58 11.14 23.81
C ILE D 101 21.16 9.72 23.47
N ALA D 102 21.38 9.30 22.22
CA ALA D 102 20.95 7.97 21.77
C ALA D 102 21.97 6.88 22.10
N GLN D 103 23.13 7.24 22.66
CA GLN D 103 24.21 6.28 22.92
C GLN D 103 24.56 5.51 21.65
N ALA D 104 24.67 6.24 20.54
CA ALA D 104 24.92 5.69 19.22
C ALA D 104 26.39 5.88 18.83
N ASP D 105 26.79 5.20 17.76
CA ASP D 105 28.14 5.31 17.22
C ASP D 105 28.23 6.34 16.12
N VAL D 106 27.17 6.48 15.32
CA VAL D 106 27.12 7.36 14.17
C VAL D 106 25.88 8.22 14.28
N SER D 107 25.97 9.49 13.88
CA SER D 107 24.80 10.36 13.85
C SER D 107 24.79 11.17 12.57
N ILE D 108 23.58 11.49 12.10
CA ILE D 108 23.38 12.46 11.02
C ILE D 108 22.53 13.59 11.58
N ALA D 109 22.95 14.84 11.32
CA ALA D 109 22.17 16.02 11.66
C ALA D 109 21.91 16.81 10.39
N ILE D 110 20.68 17.27 10.20
CA ILE D 110 20.27 18.05 9.04
C ILE D 110 19.60 19.32 9.52
N SER D 111 20.02 20.47 8.96
CA SER D 111 19.39 21.76 9.27
C SER D 111 19.40 22.64 8.03
N GLY D 112 18.23 23.06 7.58
CA GLY D 112 18.17 23.85 6.37
C GLY D 112 16.86 24.59 6.22
N TYR D 113 16.73 25.25 5.07
CA TYR D 113 15.50 25.90 4.63
C TYR D 113 14.99 25.09 3.46
N ALA D 114 13.97 24.26 3.69
CA ALA D 114 13.39 23.52 2.58
C ALA D 114 12.63 24.44 1.65
N GLY D 115 12.16 25.59 2.13
CA GLY D 115 11.47 26.54 1.30
C GLY D 115 10.02 26.65 1.69
N PRO D 116 9.33 27.67 1.16
CA PRO D 116 9.86 28.65 0.20
C PRO D 116 10.68 29.80 0.80
N GLU D 117 10.63 29.99 2.11
CA GLU D 117 11.36 31.07 2.75
C GLU D 117 12.82 30.68 2.96
N GLY D 118 13.70 31.68 2.85
CA GLY D 118 15.09 31.53 3.21
C GLY D 118 15.38 32.06 4.60
N GLY D 119 16.65 32.38 4.84
CA GLY D 119 17.05 32.89 6.14
C GLY D 119 17.03 34.41 6.23
N GLU D 120 16.96 34.91 7.46
CA GLU D 120 17.07 36.34 7.68
C GLU D 120 18.49 36.84 7.51
N ASP D 121 19.47 35.94 7.43
CA ASP D 121 20.87 36.30 7.27
C ASP D 121 21.32 36.26 5.82
N GLY D 122 20.39 36.24 4.87
CA GLY D 122 20.72 36.21 3.47
C GLY D 122 20.82 34.84 2.84
N THR D 123 20.72 33.77 3.63
CA THR D 123 20.81 32.43 3.06
C THR D 123 19.59 32.12 2.21
N ALA D 124 19.81 31.57 1.03
CA ALA D 124 18.72 31.30 0.10
C ALA D 124 17.90 30.09 0.54
N ALA D 125 16.61 30.13 0.22
CA ALA D 125 15.77 28.94 0.34
C ALA D 125 16.40 27.78 -0.42
N GLY D 126 16.30 26.58 0.16
CA GLY D 126 16.93 25.41 -0.41
C GLY D 126 18.34 25.14 0.08
N THR D 127 18.89 26.00 0.94
CA THR D 127 20.19 25.74 1.54
C THR D 127 20.01 24.82 2.75
N VAL D 128 20.79 23.75 2.77
CA VAL D 128 20.70 22.71 3.81
C VAL D 128 22.12 22.38 4.26
N CYS D 129 22.30 22.31 5.57
CA CYS D 129 23.59 22.02 6.16
C CYS D 129 23.52 20.61 6.72
N PHE D 130 24.60 19.82 6.55
CA PHE D 130 24.64 18.45 7.03
C PHE D 130 25.83 18.25 7.96
N ALA D 131 25.66 17.35 8.93
CA ALA D 131 26.76 16.88 9.76
C ALA D 131 26.68 15.37 9.88
N TRP D 132 27.82 14.71 9.66
CA TRP D 132 27.96 13.28 9.92
C TRP D 132 28.99 13.13 11.03
N ASN D 133 28.58 12.54 12.15
CA ASN D 133 29.49 12.27 13.26
C ASN D 133 29.69 10.76 13.33
N ILE D 134 30.90 10.31 13.01
CA ILE D 134 31.25 8.89 13.03
C ILE D 134 32.23 8.68 14.17
N GLY D 135 31.73 8.17 15.29
CA GLY D 135 32.58 7.88 16.43
C GLY D 135 33.34 9.08 16.96
N GLY D 136 32.73 10.25 16.94
CA GLY D 136 33.32 11.46 17.47
C GLY D 136 33.97 12.35 16.43
N LYS D 137 34.21 11.84 15.23
CA LYS D 137 34.79 12.62 14.14
C LYS D 137 33.67 13.11 13.23
N THR D 138 33.62 14.41 12.99
CA THR D 138 32.50 15.06 12.31
C THR D 138 32.94 15.67 10.99
N GLU D 139 32.19 15.40 9.93
CA GLU D 139 32.28 16.13 8.67
C GLU D 139 30.98 16.88 8.41
N THR D 140 31.09 18.01 7.73
CA THR D 140 29.93 18.84 7.45
C THR D 140 29.91 19.22 5.98
N SER D 141 28.75 19.73 5.55
CA SER D 141 28.59 20.20 4.19
C SER D 141 27.44 21.19 4.16
N ARG D 142 27.49 22.09 3.17
CA ARG D 142 26.47 23.11 2.96
C ARG D 142 26.06 23.05 1.49
N VAL D 143 24.82 22.70 1.24
CA VAL D 143 24.35 22.34 -0.10
C VAL D 143 23.14 23.19 -0.47
N LEU D 144 23.09 23.66 -1.72
CA LEU D 144 21.94 24.36 -2.26
C LEU D 144 21.21 23.41 -3.21
N PHE D 145 19.98 23.07 -2.85
CA PHE D 145 19.12 22.21 -3.66
C PHE D 145 18.09 23.06 -4.39
N SER D 146 17.80 22.69 -5.64
CA SER D 146 16.76 23.33 -6.41
C SER D 146 15.39 22.71 -6.11
N GLY D 147 14.34 23.41 -6.53
CA GLY D 147 12.98 22.89 -6.43
C GLY D 147 12.23 23.48 -5.25
N ASP D 148 11.01 22.95 -5.06
CA ASP D 148 10.18 23.39 -3.95
C ASP D 148 10.56 22.60 -2.69
N CYS D 149 9.79 22.80 -1.62
CA CYS D 149 10.15 22.18 -0.35
CA CYS D 149 10.11 22.18 -0.33
C CYS D 149 10.17 20.66 -0.45
N GLN D 150 9.23 20.06 -1.18
CA GLN D 150 9.22 18.60 -1.28
C GLN D 150 10.43 18.10 -2.06
N ASP D 151 10.83 18.83 -3.11
CA ASP D 151 12.04 18.53 -3.86
C ASP D 151 13.28 18.58 -2.97
N VAL D 152 13.42 19.68 -2.21
CA VAL D 152 14.61 19.86 -1.39
C VAL D 152 14.70 18.76 -0.33
N VAL D 153 13.57 18.44 0.30
CA VAL D 153 13.58 17.41 1.34
C VAL D 153 14.00 16.06 0.75
N GLU D 154 13.37 15.67 -0.36
CA GLU D 154 13.68 14.39 -1.01
C GLU D 154 15.17 14.27 -1.30
N LYS D 155 15.74 15.32 -1.92
CA LYS D 155 17.15 15.27 -2.27
C LYS D 155 18.04 15.37 -1.05
N ALA D 156 17.63 16.13 -0.03
CA ALA D 156 18.44 16.21 1.18
C ALA D 156 18.51 14.87 1.90
N VAL D 157 17.40 14.13 1.95
CA VAL D 157 17.43 12.81 2.57
C VAL D 157 18.35 11.89 1.80
N HIS D 158 18.20 11.83 0.47
CA HIS D 158 19.07 11.02 -0.36
C HIS D 158 20.53 11.42 -0.16
N TYR D 159 20.80 12.73 -0.08
CA TYR D 159 22.17 13.21 0.04
C TYR D 159 22.81 12.77 1.36
N SER D 160 22.05 12.87 2.45
CA SER D 160 22.60 12.49 3.76
C SER D 160 22.93 11.01 3.80
N LEU D 161 22.10 10.18 3.18
CA LEU D 161 22.38 8.74 3.18
C LEU D 161 23.50 8.38 2.21
N ALA D 162 23.51 8.98 1.02
CA ALA D 162 24.53 8.65 0.04
C ALA D 162 25.94 8.96 0.56
N GLU D 163 26.10 10.10 1.24
CA GLU D 163 27.43 10.48 1.71
C GLU D 163 27.90 9.58 2.85
N LEU D 164 26.98 9.12 3.70
CA LEU D 164 27.36 8.18 4.74
C LEU D 164 27.77 6.83 4.17
N VAL D 165 26.99 6.32 3.21
CA VAL D 165 27.30 5.01 2.63
C VAL D 165 28.66 5.04 1.97
N THR D 166 28.97 6.12 1.24
CA THR D 166 30.29 6.23 0.62
C THR D 166 31.41 6.19 1.66
N LYS D 167 31.32 6.99 2.72
CA LYS D 167 32.40 7.01 3.71
C LYS D 167 32.52 5.67 4.48
N LEU D 168 31.43 4.94 4.62
CA LEU D 168 31.51 3.68 5.33
C LEU D 168 31.92 2.52 4.44
N SER D 169 32.02 2.72 3.13
CA SER D 169 32.32 1.64 2.20
C SER D 169 33.79 1.58 1.77
N GLY D 170 34.55 2.64 2.01
CA GLY D 170 35.98 2.64 1.72
C GLY D 170 36.34 2.40 0.26
N MET E 3 -25.81 -7.44 -86.64
CA MET E 3 -26.02 -6.33 -85.73
C MET E 3 -25.60 -5.01 -86.39
N SER E 4 -26.05 -4.82 -87.63
CA SER E 4 -25.62 -3.65 -88.41
C SER E 4 -26.11 -2.35 -87.78
N ASN E 5 -27.38 -2.32 -87.36
CA ASN E 5 -27.94 -1.16 -86.68
C ASN E 5 -28.07 -1.39 -85.17
N LEU E 6 -27.67 -2.56 -84.69
CA LEU E 6 -28.00 -3.01 -83.33
C LEU E 6 -26.78 -2.86 -82.43
N TYR E 7 -26.89 -1.98 -81.43
CA TYR E 7 -25.88 -1.87 -80.39
C TYR E 7 -26.05 -2.97 -79.35
N HIS E 8 -24.93 -3.50 -78.86
CA HIS E 8 -24.95 -4.49 -77.78
C HIS E 8 -24.61 -3.79 -76.48
N ASP E 9 -25.61 -3.65 -75.61
CA ASP E 9 -25.38 -3.05 -74.30
C ASP E 9 -24.63 -4.02 -73.41
N ASN E 10 -23.61 -3.50 -72.71
CA ASN E 10 -22.72 -4.32 -71.91
C ASN E 10 -22.89 -4.08 -70.41
N THR E 11 -23.93 -3.36 -70.01
CA THR E 11 -24.21 -3.15 -68.60
C THR E 11 -24.86 -4.40 -68.00
N ILE E 12 -24.57 -4.66 -66.73
CA ILE E 12 -25.08 -5.82 -66.00
C ILE E 12 -25.73 -5.35 -64.71
N THR E 13 -26.99 -5.74 -64.51
CA THR E 13 -27.70 -5.34 -63.30
C THR E 13 -27.22 -6.14 -62.09
N VAL E 14 -27.62 -5.67 -60.91
CA VAL E 14 -27.30 -6.40 -59.68
C VAL E 14 -27.98 -7.76 -59.68
N ALA E 15 -29.23 -7.83 -60.14
CA ALA E 15 -29.92 -9.12 -60.21
C ALA E 15 -29.20 -10.06 -61.17
N GLU E 16 -28.70 -9.55 -62.28
CA GLU E 16 -27.91 -10.39 -63.17
C GLU E 16 -26.64 -10.87 -62.49
N LEU E 17 -26.03 -9.99 -61.69
CA LEU E 17 -24.79 -10.34 -61.00
C LEU E 17 -25.02 -11.39 -59.93
N THR E 18 -26.07 -11.24 -59.12
CA THR E 18 -26.30 -12.25 -58.09
C THR E 18 -26.74 -13.59 -58.67
N LYS E 19 -27.41 -13.62 -59.85
CA LYS E 19 -27.67 -14.89 -60.51
C LYS E 19 -26.38 -15.56 -60.94
N LYS E 20 -25.46 -14.78 -61.51
CA LYS E 20 -24.17 -15.34 -61.91
C LYS E 20 -23.38 -15.80 -60.71
N LEU E 21 -23.34 -14.98 -59.66
CA LEU E 21 -22.56 -15.32 -58.48
C LEU E 21 -23.12 -16.56 -57.78
N ALA E 22 -24.45 -16.67 -57.70
CA ALA E 22 -25.07 -17.85 -57.15
C ALA E 22 -24.63 -19.11 -57.89
N SER E 23 -24.65 -19.06 -59.22
CA SER E 23 -24.28 -20.23 -60.02
C SER E 23 -22.83 -20.63 -59.75
N ARG E 24 -21.92 -19.65 -59.72
CA ARG E 24 -20.51 -19.97 -59.52
C ARG E 24 -20.25 -20.55 -58.13
N LEU E 25 -20.82 -19.94 -57.09
CA LEU E 25 -20.54 -20.41 -55.73
C LEU E 25 -21.09 -21.81 -55.51
N ILE E 26 -22.27 -22.10 -56.05
CA ILE E 26 -22.87 -23.41 -55.88
C ILE E 26 -22.06 -24.48 -56.62
N ASP E 27 -21.56 -24.15 -57.82
CA ASP E 27 -20.80 -25.14 -58.57
C ASP E 27 -19.45 -25.41 -57.92
N ALA E 28 -18.82 -24.37 -57.37
CA ALA E 28 -17.55 -24.53 -56.67
C ALA E 28 -17.72 -24.99 -55.23
N GLY E 29 -18.95 -25.21 -54.78
CA GLY E 29 -19.20 -25.65 -53.41
C GLY E 29 -18.82 -24.65 -52.35
N LEU E 30 -19.03 -23.37 -52.58
CA LEU E 30 -18.59 -22.33 -51.66
C LEU E 30 -19.78 -21.60 -51.05
N ARG E 31 -19.55 -21.08 -49.84
CA ARG E 31 -20.53 -20.28 -49.11
CA ARG E 31 -20.54 -20.28 -49.12
C ARG E 31 -19.98 -18.87 -48.94
N LEU E 32 -20.86 -17.88 -49.07
CA LEU E 32 -20.50 -16.47 -49.01
C LEU E 32 -21.04 -15.82 -47.75
N THR E 33 -20.30 -14.85 -47.21
CA THR E 33 -20.74 -14.03 -46.09
C THR E 33 -20.31 -12.58 -46.35
N THR E 34 -20.99 -11.64 -45.72
CA THR E 34 -20.73 -10.22 -45.98
C THR E 34 -20.73 -9.42 -44.69
N ALA E 35 -19.93 -8.36 -44.69
CA ALA E 35 -19.92 -7.37 -43.61
C ALA E 35 -19.99 -5.98 -44.26
N GLU E 36 -21.01 -5.20 -43.89
CA GLU E 36 -21.29 -3.94 -44.56
C GLU E 36 -21.20 -2.78 -43.57
N SER E 37 -20.37 -1.79 -43.88
CA SER E 37 -20.24 -0.58 -43.07
CA SER E 37 -20.24 -0.57 -43.08
C SER E 37 -20.33 0.64 -44.00
N CYS E 38 -21.54 0.91 -44.51
CA CYS E 38 -22.00 2.12 -45.18
C CYS E 38 -23.14 1.80 -46.13
N THR E 39 -23.24 0.55 -46.58
CA THR E 39 -24.29 0.17 -47.53
C THR E 39 -25.59 -0.26 -46.84
N GLY E 40 -25.59 -0.39 -45.52
CA GLY E 40 -26.83 -0.47 -44.76
C GLY E 40 -27.62 -1.76 -44.88
N GLY E 41 -27.04 -2.82 -45.42
CA GLY E 41 -27.77 -4.04 -45.66
C GLY E 41 -28.19 -4.26 -47.10
N LYS E 42 -27.97 -3.25 -47.97
CA LYS E 42 -28.37 -3.41 -49.36
C LYS E 42 -27.66 -4.57 -50.03
N LEU E 43 -26.42 -4.87 -49.62
CA LEU E 43 -25.73 -6.01 -50.20
C LEU E 43 -26.34 -7.32 -49.76
N SER E 44 -26.65 -7.44 -48.46
CA SER E 44 -27.35 -8.63 -47.98
C SER E 44 -28.67 -8.83 -48.72
N VAL E 45 -29.45 -7.76 -48.91
CA VAL E 45 -30.76 -7.89 -49.53
C VAL E 45 -30.62 -8.39 -50.96
N ALA E 46 -29.62 -7.91 -51.69
CA ALA E 46 -29.42 -8.33 -53.06
C ALA E 46 -29.09 -9.81 -53.12
N LEU E 47 -28.25 -10.28 -52.20
CA LEU E 47 -27.93 -11.70 -52.17
C LEU E 47 -29.13 -12.53 -51.73
N CYS E 48 -29.94 -12.01 -50.82
CA CYS E 48 -31.11 -12.75 -50.36
C CYS E 48 -32.25 -12.74 -51.36
N ALA E 49 -32.16 -11.92 -52.42
CA ALA E 49 -33.21 -11.90 -53.43
C ALA E 49 -33.20 -13.16 -54.29
N GLU E 50 -32.07 -13.86 -54.38
CA GLU E 50 -32.00 -15.06 -55.19
C GLU E 50 -32.86 -16.16 -54.58
N GLU E 51 -33.51 -16.94 -55.45
CA GLU E 51 -34.45 -17.95 -54.98
CA GLU E 51 -34.44 -17.96 -54.99
C GLU E 51 -33.73 -19.03 -54.17
N ASN E 52 -32.52 -19.40 -54.56
CA ASN E 52 -31.74 -20.42 -53.86
C ASN E 52 -30.66 -19.80 -52.97
N THR E 53 -30.94 -18.62 -52.40
CA THR E 53 -29.94 -17.92 -51.59
C THR E 53 -29.45 -18.77 -50.43
N ALA E 54 -30.31 -19.63 -49.89
CA ALA E 54 -29.91 -20.50 -48.78
C ALA E 54 -28.83 -21.49 -49.18
N ASP E 55 -28.65 -21.73 -50.48
CA ASP E 55 -27.64 -22.66 -50.94
C ASP E 55 -26.25 -22.05 -51.06
N PHE E 56 -26.10 -20.73 -50.84
CA PHE E 56 -24.76 -20.14 -50.97
C PHE E 56 -24.49 -18.99 -50.01
N TYR E 57 -25.53 -18.46 -49.37
CA TYR E 57 -25.37 -17.27 -48.54
C TYR E 57 -26.14 -17.47 -47.24
N ASP E 58 -25.49 -17.16 -46.12
CA ASP E 58 -26.08 -17.44 -44.81
C ASP E 58 -26.08 -16.21 -43.92
N VAL E 59 -24.90 -15.64 -43.68
CA VAL E 59 -24.70 -14.64 -42.64
C VAL E 59 -24.36 -13.31 -43.27
N GLY E 60 -25.08 -12.27 -42.88
CA GLY E 60 -24.74 -10.92 -43.26
C GLY E 60 -24.74 -10.01 -42.03
N LEU E 61 -23.72 -9.19 -41.94
CA LEU E 61 -23.56 -8.27 -40.81
C LEU E 61 -23.59 -6.84 -41.32
N VAL E 62 -24.35 -6.01 -40.62
CA VAL E 62 -24.37 -4.57 -40.84
C VAL E 62 -23.89 -3.93 -39.54
N VAL E 63 -22.90 -3.05 -39.63
CA VAL E 63 -22.29 -2.48 -38.44
C VAL E 63 -21.87 -1.04 -38.73
N PHE E 64 -22.25 -0.11 -37.85
CA PHE E 64 -21.93 1.29 -38.04
C PHE E 64 -20.72 1.76 -37.23
N SER E 65 -20.68 1.45 -35.94
CA SER E 65 -19.71 2.07 -35.05
C SER E 65 -18.35 1.39 -35.14
N ASP E 66 -17.30 2.16 -34.83
CA ASP E 66 -15.97 1.57 -34.74
C ASP E 66 -15.87 0.63 -33.53
N SER E 67 -16.60 0.90 -32.46
CA SER E 67 -16.55 0.01 -31.30
C SER E 67 -17.13 -1.36 -31.63
N ALA E 68 -18.18 -1.42 -32.45
CA ALA E 68 -18.72 -2.72 -32.81
C ALA E 68 -17.81 -3.45 -33.79
N LYS E 69 -17.16 -2.73 -34.71
CA LYS E 69 -16.11 -3.33 -35.52
C LYS E 69 -15.06 -3.99 -34.63
N GLU E 70 -14.67 -3.32 -33.54
CA GLU E 70 -13.66 -3.89 -32.64
C GLU E 70 -14.21 -5.12 -31.93
N ARG E 71 -15.41 -5.02 -31.36
CA ARG E 71 -15.91 -6.09 -30.52
C ARG E 71 -16.37 -7.29 -31.33
N ILE E 72 -17.12 -7.05 -32.41
CA ILE E 72 -17.70 -8.15 -33.17
C ILE E 72 -16.73 -8.70 -34.20
N LEU E 73 -16.05 -7.83 -34.93
CA LEU E 73 -15.17 -8.27 -36.00
C LEU E 73 -13.70 -8.25 -35.61
N GLY E 74 -13.37 -7.91 -34.38
CA GLY E 74 -11.97 -7.97 -33.97
C GLY E 74 -11.06 -7.00 -34.67
N VAL E 75 -11.59 -5.95 -35.28
CA VAL E 75 -10.76 -4.91 -35.87
C VAL E 75 -9.87 -4.30 -34.79
N SER E 76 -8.60 -4.14 -35.11
CA SER E 76 -7.64 -3.70 -34.10
C SER E 76 -7.85 -2.22 -33.78
N PRO E 77 -7.76 -1.83 -32.50
CA PRO E 77 -7.75 -0.39 -32.18
C PRO E 77 -6.64 0.37 -32.88
N GLU E 78 -5.47 -0.25 -33.08
CA GLU E 78 -4.38 0.44 -33.77
C GLU E 78 -4.68 0.58 -35.25
N THR E 79 -5.30 -0.43 -35.85
CA THR E 79 -5.70 -0.33 -37.25
C THR E 79 -6.64 0.85 -37.46
N LEU E 80 -7.65 0.97 -36.60
CA LEU E 80 -8.56 2.10 -36.69
C LEU E 80 -7.83 3.42 -36.46
N ALA E 81 -6.96 3.47 -35.46
CA ALA E 81 -6.27 4.72 -35.14
C ALA E 81 -5.36 5.16 -36.26
N ARG E 82 -4.64 4.21 -36.88
CA ARG E 82 -3.65 4.58 -37.88
C ARG E 82 -4.28 4.79 -39.26
N PHE E 83 -5.17 3.89 -39.69
CA PHE E 83 -5.68 3.91 -41.05
C PHE E 83 -7.15 4.32 -41.18
N THR E 84 -7.86 4.54 -40.06
CA THR E 84 -9.30 4.80 -39.99
C THR E 84 -10.13 3.60 -40.42
N ALA E 85 -11.45 3.66 -40.20
CA ALA E 85 -12.30 2.55 -40.60
C ALA E 85 -12.46 2.48 -42.12
N VAL E 86 -12.25 3.58 -42.83
CA VAL E 86 -12.35 3.56 -44.28
C VAL E 86 -10.91 3.37 -44.77
N SER E 87 -10.49 2.10 -44.81
CA SER E 87 -9.15 1.75 -45.25
C SER E 87 -9.14 0.29 -45.69
N GLU E 88 -8.19 -0.05 -46.56
CA GLU E 88 -8.03 -1.43 -46.97
C GLU E 88 -7.58 -2.31 -45.79
N GLN E 89 -6.84 -1.73 -44.84
CA GLN E 89 -6.46 -2.48 -43.65
C GLN E 89 -7.68 -2.90 -42.85
N THR E 90 -8.63 -1.98 -42.65
CA THR E 90 -9.81 -2.29 -41.85
C THR E 90 -10.69 -3.33 -42.54
N VAL E 91 -10.97 -3.15 -43.84
CA VAL E 91 -11.85 -4.12 -44.49
C VAL E 91 -11.18 -5.48 -44.61
N THR E 92 -9.84 -5.52 -44.65
CA THR E 92 -9.14 -6.80 -44.63
C THR E 92 -9.42 -7.54 -43.32
N GLU E 93 -9.36 -6.83 -42.20
CA GLU E 93 -9.65 -7.44 -40.91
C GLU E 93 -11.12 -7.81 -40.78
N MET E 94 -12.00 -6.95 -41.28
CA MET E 94 -13.44 -7.25 -41.26
C MET E 94 -13.73 -8.52 -42.05
N ALA E 95 -13.16 -8.63 -43.25
CA ALA E 95 -13.45 -9.77 -44.12
C ALA E 95 -12.96 -11.07 -43.52
N ALA E 96 -11.76 -11.07 -42.92
CA ALA E 96 -11.25 -12.29 -42.31
C ALA E 96 -12.14 -12.73 -41.14
N SER E 97 -12.62 -11.78 -40.35
CA SER E 97 -13.36 -12.12 -39.14
C SER E 97 -14.77 -12.63 -39.46
N ILE E 98 -15.48 -11.93 -40.36
CA ILE E 98 -16.83 -12.38 -40.72
C ILE E 98 -16.75 -13.73 -41.43
N ARG E 99 -15.69 -13.97 -42.22
CA ARG E 99 -15.52 -15.28 -42.84
C ARG E 99 -15.37 -16.36 -41.77
N ASP E 100 -14.52 -16.09 -40.77
CA ASP E 100 -14.39 -17.01 -39.65
CA ASP E 100 -14.38 -17.00 -39.64
C ASP E 100 -15.71 -17.17 -38.91
N ILE E 101 -16.36 -16.06 -38.56
CA ILE E 101 -17.60 -16.10 -37.79
C ILE E 101 -18.66 -16.94 -38.49
N ALA E 102 -18.82 -16.72 -39.80
CA ALA E 102 -19.87 -17.39 -40.57
C ALA E 102 -19.47 -18.78 -41.05
N GLN E 103 -18.22 -19.20 -40.84
CA GLN E 103 -17.71 -20.46 -41.37
C GLN E 103 -17.94 -20.54 -42.88
N ALA E 104 -17.70 -19.42 -43.54
CA ALA E 104 -17.89 -19.29 -44.98
C ALA E 104 -16.56 -19.50 -45.70
N ASP E 105 -16.65 -19.72 -47.00
CA ASP E 105 -15.47 -19.80 -47.84
C ASP E 105 -15.07 -18.45 -48.42
N VAL E 106 -16.04 -17.59 -48.70
CA VAL E 106 -15.83 -16.31 -49.34
C VAL E 106 -16.51 -15.23 -48.51
N SER E 107 -15.85 -14.09 -48.37
CA SER E 107 -16.45 -12.97 -47.66
C SER E 107 -16.21 -11.68 -48.43
N ILE E 108 -17.14 -10.74 -48.28
CA ILE E 108 -17.02 -9.38 -48.77
C ILE E 108 -17.13 -8.44 -47.59
N ALA E 109 -16.23 -7.46 -47.51
CA ALA E 109 -16.34 -6.39 -46.53
C ALA E 109 -16.34 -5.05 -47.25
N ILE E 110 -17.23 -4.16 -46.83
CA ILE E 110 -17.33 -2.81 -47.39
C ILE E 110 -17.26 -1.81 -46.24
N SER E 111 -16.42 -0.78 -46.39
CA SER E 111 -16.33 0.31 -45.42
C SER E 111 -16.04 1.60 -46.16
N GLY E 112 -16.96 2.56 -46.09
CA GLY E 112 -16.75 3.80 -46.82
C GLY E 112 -17.51 4.95 -46.21
N TYR E 113 -17.34 6.10 -46.84
CA TYR E 113 -18.12 7.31 -46.56
C TYR E 113 -19.16 7.45 -47.68
N ALA E 114 -20.39 6.99 -47.43
CA ALA E 114 -21.42 7.13 -48.45
C ALA E 114 -21.81 8.58 -48.65
N GLY E 115 -21.62 9.42 -47.63
CA GLY E 115 -21.92 10.83 -47.73
C GLY E 115 -23.08 11.21 -46.83
N PRO E 116 -23.30 12.53 -46.66
CA PRO E 116 -22.57 13.62 -47.34
C PRO E 116 -21.21 13.98 -46.73
N GLU E 117 -20.95 13.51 -45.51
CA GLU E 117 -19.70 13.84 -44.85
C GLU E 117 -18.60 12.87 -45.25
N GLY E 118 -17.37 13.38 -45.29
CA GLY E 118 -16.20 12.56 -45.48
C GLY E 118 -15.54 12.23 -44.16
N GLY E 119 -14.25 11.91 -44.23
CA GLY E 119 -13.52 11.55 -43.03
C GLY E 119 -12.93 12.74 -42.31
N GLU E 120 -12.65 12.54 -41.02
CA GLU E 120 -11.94 13.56 -40.25
C GLU E 120 -10.55 13.83 -40.83
N ASP E 121 -9.98 12.86 -41.55
CA ASP E 121 -8.67 13.01 -42.17
C ASP E 121 -8.74 13.74 -43.51
N GLY E 122 -9.92 14.15 -43.96
CA GLY E 122 -10.07 14.83 -45.22
C GLY E 122 -10.49 13.95 -46.38
N THR E 123 -10.55 12.63 -46.17
CA THR E 123 -11.00 11.72 -47.22
C THR E 123 -12.39 12.15 -47.70
N ALA E 124 -12.54 12.20 -49.03
CA ALA E 124 -13.77 12.70 -49.63
C ALA E 124 -14.92 11.73 -49.41
N ALA E 125 -16.10 12.28 -49.17
CA ALA E 125 -17.31 11.47 -49.25
C ALA E 125 -17.38 10.80 -50.61
N GLY E 126 -17.85 9.56 -50.64
CA GLY E 126 -17.82 8.76 -51.83
C GLY E 126 -16.66 7.80 -51.92
N THR E 127 -15.69 7.90 -51.00
CA THR E 127 -14.59 6.95 -50.97
C THR E 127 -15.01 5.70 -50.21
N VAL E 128 -14.87 4.55 -50.84
CA VAL E 128 -15.31 3.28 -50.26
C VAL E 128 -14.21 2.25 -50.46
N CYS E 129 -13.88 1.50 -49.40
CA CYS E 129 -12.91 0.44 -49.44
C CYS E 129 -13.60 -0.92 -49.43
N PHE E 130 -13.04 -1.87 -50.19
CA PHE E 130 -13.60 -3.20 -50.35
C PHE E 130 -12.55 -4.25 -50.06
N ALA E 131 -12.97 -5.35 -49.44
CA ALA E 131 -12.14 -6.55 -49.34
C ALA E 131 -12.92 -7.75 -49.83
N TRP E 132 -12.26 -8.58 -50.62
CA TRP E 132 -12.79 -9.89 -51.01
C TRP E 132 -11.82 -10.94 -50.49
N ASN E 133 -12.29 -11.80 -49.60
CA ASN E 133 -11.49 -12.89 -49.04
C ASN E 133 -12.02 -14.18 -49.61
N ILE E 134 -11.22 -14.83 -50.44
CA ILE E 134 -11.58 -16.07 -51.12
C ILE E 134 -10.67 -17.16 -50.58
N GLY E 135 -11.22 -17.99 -49.69
CA GLY E 135 -10.47 -19.11 -49.14
C GLY E 135 -9.23 -18.72 -48.36
N GLY E 136 -9.15 -17.48 -47.88
CA GLY E 136 -8.03 -17.01 -47.10
C GLY E 136 -7.14 -16.02 -47.82
N LYS E 137 -7.28 -15.91 -49.15
CA LYS E 137 -6.53 -14.94 -49.94
C LYS E 137 -7.41 -13.71 -50.13
N THR E 138 -6.87 -12.55 -49.76
CA THR E 138 -7.65 -11.31 -49.72
C THR E 138 -7.10 -10.34 -50.75
N GLU E 139 -8.00 -9.77 -51.55
CA GLU E 139 -7.71 -8.62 -52.39
C GLU E 139 -8.56 -7.44 -51.91
N THR E 140 -8.05 -6.24 -52.12
CA THR E 140 -8.73 -5.04 -51.66
C THR E 140 -8.74 -4.01 -52.78
N SER E 141 -9.65 -3.05 -52.66
CA SER E 141 -9.76 -1.97 -53.62
C SER E 141 -10.22 -0.72 -52.88
N ARG E 142 -9.85 0.43 -53.44
CA ARG E 142 -10.22 1.74 -52.90
C ARG E 142 -10.85 2.52 -54.03
N VAL E 143 -12.13 2.88 -53.88
CA VAL E 143 -12.92 3.42 -54.99
C VAL E 143 -13.56 4.75 -54.59
N LEU E 144 -13.60 5.69 -55.54
CA LEU E 144 -14.31 6.96 -55.40
C LEU E 144 -15.56 6.92 -56.26
N PHE E 145 -16.72 7.03 -55.62
CA PHE E 145 -18.02 7.04 -56.28
C PHE E 145 -18.63 8.44 -56.24
N SER E 146 -19.21 8.86 -57.37
CA SER E 146 -19.89 10.15 -57.40
C SER E 146 -21.33 10.01 -56.90
N GLY E 147 -21.94 11.15 -56.57
CA GLY E 147 -23.34 11.20 -56.21
C GLY E 147 -23.56 11.33 -54.72
N ASP E 148 -24.84 11.28 -54.34
CA ASP E 148 -25.21 11.34 -52.93
C ASP E 148 -25.12 9.95 -52.30
N CYS E 149 -25.52 9.86 -51.03
CA CYS E 149 -25.37 8.62 -50.28
CA CYS E 149 -25.37 8.62 -50.27
C CYS E 149 -26.09 7.46 -50.96
N GLN E 150 -27.32 7.70 -51.43
CA GLN E 150 -28.05 6.61 -52.08
C GLN E 150 -27.36 6.17 -53.36
N ASP E 151 -26.77 7.12 -54.12
CA ASP E 151 -26.01 6.75 -55.31
C ASP E 151 -24.77 5.94 -54.97
N VAL E 152 -24.03 6.37 -53.94
CA VAL E 152 -22.78 5.70 -53.61
C VAL E 152 -23.06 4.28 -53.15
N VAL E 153 -24.10 4.10 -52.33
CA VAL E 153 -24.48 2.77 -51.86
C VAL E 153 -24.84 1.87 -53.04
N GLU E 154 -25.68 2.38 -53.94
CA GLU E 154 -26.10 1.59 -55.09
C GLU E 154 -24.91 1.13 -55.92
N LYS E 155 -23.98 2.04 -56.20
CA LYS E 155 -22.83 1.68 -57.02
C LYS E 155 -21.85 0.80 -56.26
N ALA E 156 -21.71 1.00 -54.93
CA ALA E 156 -20.82 0.16 -54.13
C ALA E 156 -21.30 -1.28 -54.07
N VAL E 157 -22.61 -1.48 -53.90
CA VAL E 157 -23.18 -2.82 -53.90
C VAL E 157 -22.90 -3.50 -55.24
N HIS E 158 -23.19 -2.80 -56.34
CA HIS E 158 -22.96 -3.37 -57.66
C HIS E 158 -21.49 -3.69 -57.89
N TYR E 159 -20.60 -2.78 -57.46
CA TYR E 159 -19.18 -2.99 -57.65
C TYR E 159 -18.68 -4.18 -56.85
N SER E 160 -19.12 -4.30 -55.60
CA SER E 160 -18.65 -5.41 -54.77
C SER E 160 -19.03 -6.75 -55.39
N LEU E 161 -20.20 -6.81 -56.04
CA LEU E 161 -20.64 -8.06 -56.67
C LEU E 161 -19.94 -8.30 -58.00
N ALA E 162 -19.81 -7.24 -58.82
CA ALA E 162 -19.19 -7.40 -60.13
C ALA E 162 -17.74 -7.83 -59.99
N GLU E 163 -17.04 -7.30 -58.99
CA GLU E 163 -15.65 -7.67 -58.78
C GLU E 163 -15.52 -9.09 -58.25
N LEU E 164 -16.43 -9.52 -57.37
CA LEU E 164 -16.39 -10.89 -56.88
C LEU E 164 -16.67 -11.87 -58.01
N VAL E 165 -17.65 -11.57 -58.88
CA VAL E 165 -17.92 -12.47 -60.01
C VAL E 165 -16.68 -12.62 -60.88
N THR E 166 -15.98 -11.51 -61.12
CA THR E 166 -14.75 -11.57 -61.92
C THR E 166 -13.71 -12.48 -61.28
N LYS E 167 -13.49 -12.32 -59.97
CA LYS E 167 -12.44 -13.06 -59.28
C LYS E 167 -12.76 -14.54 -59.13
N LEU E 168 -14.03 -14.93 -59.27
CA LEU E 168 -14.41 -16.32 -59.24
C LEU E 168 -14.57 -16.94 -60.63
N SER E 169 -14.42 -16.13 -61.69
CA SER E 169 -14.54 -16.66 -63.04
C SER E 169 -13.27 -17.39 -63.46
N GLY E 170 -12.11 -16.87 -63.08
CA GLY E 170 -10.84 -17.49 -63.41
C GLY E 170 -10.37 -17.20 -64.82
N GLY F 1 68.56 -15.52 69.49
CA GLY F 1 67.30 -14.96 69.03
C GLY F 1 67.21 -14.82 67.53
N MET F 2 66.15 -15.37 66.94
CA MET F 2 65.92 -15.32 65.51
C MET F 2 64.71 -14.46 65.19
N MET F 3 64.61 -14.03 63.93
CA MET F 3 63.45 -13.31 63.46
C MET F 3 63.41 -13.35 61.95
N SER F 4 62.35 -13.95 61.40
CA SER F 4 62.19 -14.06 59.96
C SER F 4 61.88 -12.69 59.35
N ASN F 5 62.17 -12.57 58.05
CA ASN F 5 61.81 -11.34 57.36
C ASN F 5 60.29 -11.20 57.28
N LEU F 6 59.81 -9.99 57.54
CA LEU F 6 58.37 -9.76 57.55
C LEU F 6 57.77 -10.00 56.16
N TYR F 7 56.81 -10.92 56.10
CA TYR F 7 56.11 -11.24 54.86
C TYR F 7 54.91 -10.31 54.73
N HIS F 8 54.85 -9.56 53.63
CA HIS F 8 53.73 -8.65 53.37
C HIS F 8 52.63 -9.41 52.63
N ASP F 9 51.52 -9.67 53.33
CA ASP F 9 50.39 -10.34 52.71
C ASP F 9 49.73 -9.42 51.69
N ASN F 10 49.36 -9.99 50.54
CA ASN F 10 48.83 -9.24 49.41
C ASN F 10 47.37 -9.57 49.11
N THR F 11 46.66 -10.17 50.06
CA THR F 11 45.24 -10.47 49.94
CA THR F 11 45.25 -10.44 49.90
C THR F 11 44.42 -9.30 50.49
N ILE F 12 43.23 -9.12 49.93
CA ILE F 12 42.32 -8.05 50.32
C ILE F 12 40.95 -8.66 50.55
N THR F 13 40.30 -8.26 51.65
CA THR F 13 38.99 -8.80 51.97
C THR F 13 37.91 -8.01 51.23
N VAL F 14 36.71 -8.61 51.19
CA VAL F 14 35.55 -7.93 50.61
C VAL F 14 35.27 -6.62 51.35
N ALA F 15 35.38 -6.63 52.67
CA ALA F 15 35.16 -5.40 53.44
C ALA F 15 36.19 -4.33 53.09
N GLU F 16 37.44 -4.72 52.90
CA GLU F 16 38.45 -3.77 52.44
C GLU F 16 38.08 -3.21 51.07
N LEU F 17 37.59 -4.07 50.18
CA LEU F 17 37.26 -3.65 48.82
C LEU F 17 36.06 -2.71 48.80
N THR F 18 35.01 -3.01 49.58
CA THR F 18 33.85 -2.13 49.57
C THR F 18 34.17 -0.78 50.20
N LYS F 19 35.10 -0.75 51.15
CA LYS F 19 35.52 0.54 51.72
C LYS F 19 36.27 1.38 50.70
N LYS F 20 37.20 0.75 49.97
CA LYS F 20 37.89 1.46 48.89
C LYS F 20 36.92 1.87 47.79
N LEU F 21 36.01 0.97 47.43
CA LEU F 21 35.03 1.28 46.40
C LEU F 21 34.17 2.48 46.79
N ALA F 22 33.70 2.49 48.03
CA ALA F 22 32.92 3.62 48.53
C ALA F 22 33.70 4.92 48.39
N SER F 23 34.96 4.92 48.84
CA SER F 23 35.77 6.14 48.78
C SER F 23 35.86 6.68 47.35
N ARG F 24 36.16 5.79 46.40
CA ARG F 24 36.30 6.23 45.01
C ARG F 24 35.00 6.79 44.47
N LEU F 25 33.86 6.18 44.83
CA LEU F 25 32.57 6.63 44.32
C LEU F 25 32.12 7.91 45.01
N ILE F 26 32.28 7.99 46.34
CA ILE F 26 31.90 9.20 47.05
C ILE F 26 32.73 10.39 46.59
N ASP F 27 34.03 10.18 46.36
CA ASP F 27 34.89 11.27 45.93
C ASP F 27 34.49 11.80 44.56
N ALA F 28 34.06 10.91 43.67
CA ALA F 28 33.69 11.29 42.30
C ALA F 28 32.20 11.60 42.17
N GLY F 29 31.44 11.54 43.26
CA GLY F 29 30.01 11.78 43.20
C GLY F 29 29.27 10.80 42.32
N LEU F 30 29.61 9.52 42.40
CA LEU F 30 29.06 8.49 41.54
C LEU F 30 28.12 7.57 42.31
N ARG F 31 27.16 6.99 41.60
CA ARG F 31 26.20 6.05 42.16
C ARG F 31 26.37 4.69 41.51
N LEU F 32 26.26 3.63 42.31
CA LEU F 32 26.48 2.26 41.89
C LEU F 32 25.18 1.45 41.98
N THR F 33 25.00 0.50 41.06
CA THR F 33 23.89 -0.44 41.11
C THR F 33 24.38 -1.81 40.66
N THR F 34 23.61 -2.85 40.97
CA THR F 34 24.04 -4.23 40.73
C THR F 34 22.89 -5.10 40.26
N ALA F 35 23.22 -6.08 39.42
CA ALA F 35 22.30 -7.13 39.01
C ALA F 35 23.02 -8.47 39.12
N GLU F 36 22.50 -9.37 39.96
CA GLU F 36 23.16 -10.63 40.30
C GLU F 36 22.34 -11.80 39.80
N SER F 37 22.97 -12.71 39.06
CA SER F 37 22.35 -13.96 38.65
C SER F 37 23.30 -15.13 38.90
N CYS F 38 23.48 -15.46 40.18
CA CYS F 38 23.96 -16.74 40.71
C CYS F 38 24.54 -16.52 42.11
N THR F 39 24.88 -15.28 42.44
CA THR F 39 25.44 -14.96 43.75
C THR F 39 24.36 -14.69 44.79
N GLY F 40 23.08 -14.66 44.39
CA GLY F 40 21.98 -14.72 45.33
C GLY F 40 21.76 -13.51 46.21
N GLY F 41 22.36 -12.36 45.86
CA GLY F 41 22.27 -11.19 46.70
C GLY F 41 23.46 -10.94 47.61
N LYS F 42 24.46 -11.84 47.60
CA LYS F 42 25.64 -11.63 48.42
C LYS F 42 26.40 -10.37 48.02
N LEU F 43 26.35 -10.00 46.75
CA LEU F 43 27.00 -8.76 46.33
C LEU F 43 26.28 -7.56 46.90
N SER F 44 24.94 -7.56 46.81
CA SER F 44 24.16 -6.48 47.42
C SER F 44 24.41 -6.38 48.91
N VAL F 45 24.48 -7.53 49.60
CA VAL F 45 24.67 -7.50 51.04
C VAL F 45 26.01 -6.87 51.38
N ALA F 46 27.06 -7.20 50.62
CA ALA F 46 28.39 -6.68 50.91
C ALA F 46 28.43 -5.16 50.74
N LEU F 47 27.74 -4.64 49.72
CA LEU F 47 27.74 -3.19 49.53
C LEU F 47 26.79 -2.49 50.50
N CYS F 48 25.72 -3.15 50.91
CA CYS F 48 24.87 -2.58 51.95
C CYS F 48 25.51 -2.65 53.33
N ALA F 49 26.57 -3.45 53.48
CA ALA F 49 27.28 -3.54 54.75
C ALA F 49 28.25 -2.39 54.95
N GLU F 50 28.60 -1.68 53.88
CA GLU F 50 29.56 -0.59 53.95
C GLU F 50 29.01 0.60 54.72
N GLU F 51 29.88 1.23 55.50
CA GLU F 51 29.53 2.34 56.38
C GLU F 51 28.63 3.36 55.70
N ASN F 52 29.06 3.88 54.55
CA ASN F 52 28.38 4.99 53.89
C ASN F 52 27.63 4.50 52.64
N THR F 53 27.00 3.34 52.74
CA THR F 53 26.36 2.73 51.57
C THR F 53 25.26 3.62 51.00
N ALA F 54 24.53 4.33 51.86
CA ALA F 54 23.44 5.19 51.39
C ALA F 54 23.93 6.32 50.51
N ASP F 55 25.22 6.64 50.56
CA ASP F 55 25.74 7.74 49.77
C ASP F 55 26.31 7.31 48.44
N PHE F 56 26.24 6.02 48.08
CA PHE F 56 26.72 5.60 46.77
C PHE F 56 25.98 4.40 46.18
N TYR F 57 25.09 3.77 46.95
CA TYR F 57 24.45 2.55 46.48
C TYR F 57 22.97 2.60 46.80
N ASP F 58 22.14 2.26 45.82
CA ASP F 58 20.69 2.35 45.96
C ASP F 58 20.03 1.03 45.60
N VAL F 59 20.11 0.63 44.33
CA VAL F 59 19.31 -0.46 43.78
C VAL F 59 20.17 -1.71 43.60
N GLY F 60 19.69 -2.83 44.13
CA GLY F 60 20.26 -4.13 43.81
C GLY F 60 19.16 -5.08 43.30
N LEU F 61 19.48 -5.83 42.26
CA LEU F 61 18.55 -6.77 41.67
C LEU F 61 19.14 -8.18 41.69
N VAL F 62 18.33 -9.15 42.11
CA VAL F 62 18.67 -10.57 42.02
C VAL F 62 17.66 -11.21 41.09
N VAL F 63 18.14 -11.89 40.06
CA VAL F 63 17.27 -12.58 39.11
C VAL F 63 17.90 -13.92 38.77
N PHE F 64 17.09 -14.97 38.79
CA PHE F 64 17.56 -16.29 38.39
C PHE F 64 17.21 -16.63 36.95
N SER F 65 15.95 -16.46 36.56
CA SER F 65 15.44 -17.07 35.34
C SER F 65 15.75 -16.22 34.11
N ASP F 66 15.71 -16.88 32.95
CA ASP F 66 15.85 -16.17 31.69
C ASP F 66 14.70 -15.21 31.46
N SER F 67 13.48 -15.62 31.82
CA SER F 67 12.31 -14.78 31.56
C SER F 67 12.35 -13.51 32.40
N ALA F 68 12.87 -13.60 33.62
CA ALA F 68 12.98 -12.40 34.44
C ALA F 68 14.02 -11.44 33.88
N LYS F 69 15.11 -11.98 33.32
CA LYS F 69 16.10 -11.13 32.70
C LYS F 69 15.52 -10.40 31.49
N GLU F 70 14.60 -11.05 30.76
CA GLU F 70 13.94 -10.39 29.64
C GLU F 70 12.91 -9.38 30.14
N ARG F 71 12.08 -9.78 31.10
CA ARG F 71 10.92 -8.98 31.46
C ARG F 71 11.33 -7.75 32.25
N ILE F 72 12.33 -7.88 33.12
CA ILE F 72 12.74 -6.81 34.02
C ILE F 72 13.89 -6.01 33.45
N LEU F 73 14.96 -6.68 33.02
CA LEU F 73 16.16 -6.00 32.56
C LEU F 73 16.14 -5.72 31.06
N GLY F 74 15.04 -6.02 30.36
CA GLY F 74 14.98 -5.78 28.94
C GLY F 74 16.10 -6.47 28.18
N VAL F 75 16.65 -7.53 28.75
CA VAL F 75 17.59 -8.38 28.02
C VAL F 75 16.84 -9.04 26.88
N SER F 76 17.31 -8.83 25.66
CA SER F 76 16.59 -9.32 24.49
C SER F 76 16.63 -10.84 24.44
N PRO F 77 15.52 -11.50 24.08
CA PRO F 77 15.55 -12.97 23.91
C PRO F 77 16.48 -13.43 22.81
N GLU F 78 16.87 -12.55 21.89
CA GLU F 78 17.83 -12.94 20.86
C GLU F 78 19.21 -13.14 21.46
N THR F 79 19.65 -12.22 22.32
CA THR F 79 20.92 -12.40 23.00
C THR F 79 20.91 -13.67 23.83
N LEU F 80 19.84 -13.86 24.61
CA LEU F 80 19.74 -15.04 25.47
C LEU F 80 19.72 -16.34 24.67
N ALA F 81 19.00 -16.36 23.55
CA ALA F 81 18.97 -17.58 22.76
C ALA F 81 20.31 -17.84 22.09
N ARG F 82 21.06 -16.80 21.76
CA ARG F 82 22.30 -16.94 21.01
C ARG F 82 23.50 -17.24 21.89
N PHE F 83 23.63 -16.55 23.03
CA PHE F 83 24.80 -16.66 23.88
C PHE F 83 24.49 -17.28 25.24
N THR F 84 23.23 -17.60 25.53
CA THR F 84 22.75 -18.03 26.84
C THR F 84 22.92 -16.94 27.89
N ALA F 85 22.36 -17.15 29.08
CA ALA F 85 22.47 -16.15 30.13
C ALA F 85 23.89 -16.07 30.69
N VAL F 86 24.65 -17.15 30.62
CA VAL F 86 26.03 -17.14 31.12
C VAL F 86 26.90 -16.75 29.92
N SER F 87 26.92 -15.45 29.65
CA SER F 87 27.59 -14.92 28.48
C SER F 87 28.07 -13.52 28.79
N GLU F 88 29.19 -13.13 28.16
CA GLU F 88 29.60 -11.73 28.22
C GLU F 88 28.62 -10.81 27.50
N GLN F 89 27.85 -11.34 26.53
CA GLN F 89 26.83 -10.52 25.89
C GLN F 89 25.62 -10.30 26.80
N THR F 90 25.21 -11.34 27.53
CA THR F 90 24.07 -11.16 28.43
C THR F 90 24.41 -10.19 29.56
N VAL F 91 25.58 -10.34 30.19
CA VAL F 91 25.91 -9.47 31.31
C VAL F 91 26.08 -8.02 30.83
N THR F 92 26.58 -7.81 29.61
CA THR F 92 26.64 -6.45 29.07
C THR F 92 25.25 -5.82 29.05
N GLU F 93 24.24 -6.60 28.64
CA GLU F 93 22.88 -6.08 28.59
C GLU F 93 22.29 -5.87 29.98
N MET F 94 22.51 -6.83 30.89
CA MET F 94 22.10 -6.60 32.28
C MET F 94 22.75 -5.36 32.86
N ALA F 95 24.06 -5.17 32.63
CA ALA F 95 24.76 -4.05 33.26
C ALA F 95 24.22 -2.71 32.76
N ALA F 96 24.00 -2.58 31.46
CA ALA F 96 23.51 -1.31 30.92
C ALA F 96 22.07 -1.06 31.33
N SER F 97 21.26 -2.12 31.44
CA SER F 97 19.86 -1.95 31.80
C SER F 97 19.69 -1.58 33.26
N ILE F 98 20.38 -2.28 34.16
CA ILE F 98 20.25 -1.94 35.57
C ILE F 98 20.78 -0.54 35.84
N ARG F 99 21.81 -0.11 35.10
CA ARG F 99 22.29 1.26 35.24
C ARG F 99 21.17 2.25 34.93
N ASP F 100 20.44 2.02 33.84
CA ASP F 100 19.33 2.89 33.47
C ASP F 100 18.19 2.79 34.48
N ILE F 101 17.86 1.58 34.92
CA ILE F 101 16.78 1.39 35.88
C ILE F 101 17.08 2.13 37.17
N ALA F 102 18.31 2.05 37.66
CA ALA F 102 18.68 2.65 38.94
C ALA F 102 19.07 4.12 38.83
N GLN F 103 19.19 4.67 37.62
CA GLN F 103 19.66 6.04 37.41
C GLN F 103 21.05 6.24 38.02
N ALA F 104 21.88 5.21 37.93
CA ALA F 104 23.22 5.20 38.50
C ALA F 104 24.26 5.47 37.43
N ASP F 105 25.50 5.67 37.89
CA ASP F 105 26.61 5.93 36.99
C ASP F 105 27.43 4.67 36.69
N VAL F 106 27.51 3.74 37.64
CA VAL F 106 28.29 2.51 37.51
C VAL F 106 27.38 1.33 37.84
N SER F 107 27.62 0.21 37.17
CA SER F 107 26.86 -1.00 37.44
C SER F 107 27.74 -2.23 37.29
N ILE F 108 27.43 -3.25 38.08
CA ILE F 108 28.04 -4.58 37.97
C ILE F 108 26.93 -5.58 37.65
N ALA F 109 27.18 -6.47 36.70
CA ALA F 109 26.28 -7.58 36.41
C ALA F 109 27.05 -8.89 36.51
N ILE F 110 26.44 -9.87 37.18
CA ILE F 110 27.02 -11.19 37.38
C ILE F 110 26.01 -12.23 36.91
N SER F 111 26.46 -13.13 36.04
CA SER F 111 25.63 -14.26 35.60
C SER F 111 26.53 -15.46 35.43
N GLY F 112 26.24 -16.54 36.15
CA GLY F 112 27.06 -17.73 36.09
C GLY F 112 26.30 -18.96 36.56
N TYR F 113 27.01 -20.08 36.57
CA TYR F 113 26.54 -21.34 37.16
C TYR F 113 27.34 -21.55 38.44
N ALA F 114 26.75 -21.20 39.58
CA ALA F 114 27.46 -21.39 40.84
C ALA F 114 27.70 -22.87 41.15
N GLY F 115 26.89 -23.77 40.59
CA GLY F 115 27.02 -25.18 40.85
C GLY F 115 25.92 -25.68 41.76
N PRO F 116 25.81 -27.02 41.92
CA PRO F 116 26.68 -28.04 41.32
C PRO F 116 26.43 -28.30 39.84
N GLU F 117 25.22 -27.99 39.36
CA GLU F 117 24.89 -28.24 37.96
C GLU F 117 25.65 -27.26 37.06
N GLY F 118 26.25 -27.79 36.01
CA GLY F 118 26.83 -26.96 34.98
C GLY F 118 25.76 -26.48 34.02
N GLY F 119 26.20 -26.05 32.85
CA GLY F 119 25.28 -25.63 31.80
C GLY F 119 24.86 -26.81 30.94
N GLU F 120 23.62 -26.73 30.45
CA GLU F 120 23.16 -27.75 29.51
C GLU F 120 24.01 -27.76 28.25
N ASP F 121 24.53 -26.61 27.84
CA ASP F 121 25.46 -26.50 26.72
C ASP F 121 26.87 -26.96 27.08
N GLY F 122 27.02 -27.68 28.19
CA GLY F 122 28.30 -28.23 28.58
C GLY F 122 29.19 -27.29 29.39
N THR F 123 28.83 -26.02 29.51
CA THR F 123 29.66 -25.08 30.27
C THR F 123 29.80 -25.55 31.71
N ALA F 124 31.04 -25.62 32.18
CA ALA F 124 31.32 -26.21 33.49
C ALA F 124 30.70 -25.40 34.62
N ALA F 125 30.26 -26.11 35.67
CA ALA F 125 29.90 -25.45 36.91
C ALA F 125 31.08 -24.64 37.42
N GLY F 126 30.80 -23.46 37.95
CA GLY F 126 31.83 -22.54 38.40
C GLY F 126 32.17 -21.46 37.40
N THR F 127 31.65 -21.55 36.18
CA THR F 127 31.88 -20.53 35.18
C THR F 127 30.93 -19.35 35.43
N VAL F 128 31.48 -18.15 35.52
CA VAL F 128 30.72 -16.95 35.83
C VAL F 128 31.21 -15.82 34.92
N CYS F 129 30.27 -15.13 34.29
CA CYS F 129 30.60 -13.94 33.50
C CYS F 129 30.27 -12.67 34.25
N PHE F 130 31.06 -11.63 33.98
CA PHE F 130 30.99 -10.37 34.69
C PHE F 130 30.95 -9.22 33.69
N ALA F 131 30.22 -8.17 34.06
CA ALA F 131 30.21 -6.93 33.30
C ALA F 131 30.29 -5.75 34.26
N TRP F 132 31.14 -4.80 33.94
CA TRP F 132 31.24 -3.54 34.68
C TRP F 132 30.95 -2.40 33.71
N ASN F 133 29.92 -1.62 33.99
CA ASN F 133 29.54 -0.47 33.17
C ASN F 133 29.85 0.80 33.95
N ILE F 134 30.80 1.59 33.46
CA ILE F 134 31.23 2.83 34.10
C ILE F 134 30.91 3.97 33.17
N GLY F 135 29.93 4.80 33.54
CA GLY F 135 29.60 5.96 32.74
C GLY F 135 29.14 5.67 31.34
N GLY F 136 28.77 4.42 31.04
CA GLY F 136 28.36 4.02 29.72
C GLY F 136 29.33 3.12 29.00
N LYS F 137 30.56 3.02 29.47
CA LYS F 137 31.59 2.17 28.87
C LYS F 137 31.71 0.88 29.66
N THR F 138 31.67 -0.25 28.94
CA THR F 138 31.55 -1.57 29.57
C THR F 138 32.74 -2.45 29.24
N GLU F 139 33.21 -3.18 30.23
CA GLU F 139 34.16 -4.28 30.05
C GLU F 139 33.59 -5.55 30.66
N THR F 140 34.02 -6.70 30.15
CA THR F 140 33.47 -7.98 30.56
C THR F 140 34.59 -8.97 30.86
N SER F 141 34.20 -10.08 31.47
CA SER F 141 35.14 -11.12 31.83
C SER F 141 34.39 -12.45 31.94
N ARG F 142 35.13 -13.54 31.70
CA ARG F 142 34.62 -14.90 31.86
C ARG F 142 35.62 -15.65 32.73
N VAL F 143 35.15 -16.18 33.87
CA VAL F 143 36.03 -16.77 34.88
C VAL F 143 35.48 -18.12 35.33
N LEU F 144 36.38 -19.08 35.59
CA LEU F 144 36.02 -20.37 36.15
C LEU F 144 36.57 -20.46 37.57
N PHE F 145 35.67 -20.66 38.53
CA PHE F 145 36.01 -20.77 39.93
C PHE F 145 35.92 -22.22 40.39
N SER F 146 36.78 -22.59 41.32
CA SER F 146 36.77 -23.93 41.90
C SER F 146 35.92 -23.93 43.17
N GLY F 147 35.61 -25.13 43.65
CA GLY F 147 34.85 -25.30 44.88
C GLY F 147 33.37 -25.53 44.62
N ASP F 148 32.62 -25.61 45.72
CA ASP F 148 31.17 -25.83 45.61
C ASP F 148 30.49 -24.48 45.37
N CYS F 149 29.15 -24.47 45.39
CA CYS F 149 28.43 -23.25 45.05
CA CYS F 149 28.41 -23.26 45.07
C CYS F 149 28.76 -22.12 46.00
N GLN F 150 28.88 -22.40 47.30
CA GLN F 150 29.20 -21.33 48.25
C GLN F 150 30.58 -20.75 47.98
N ASP F 151 31.55 -21.60 47.65
CA ASP F 151 32.89 -21.09 47.31
C ASP F 151 32.84 -20.22 46.06
N VAL F 152 32.14 -20.70 45.03
CA VAL F 152 32.03 -19.95 43.77
C VAL F 152 31.42 -18.59 44.03
N VAL F 153 30.33 -18.54 44.81
CA VAL F 153 29.67 -17.28 45.09
C VAL F 153 30.59 -16.33 45.84
N GLU F 154 31.24 -16.84 46.90
CA GLU F 154 32.18 -16.04 47.67
C GLU F 154 33.23 -15.41 46.76
N LYS F 155 33.85 -16.24 45.91
CA LYS F 155 34.96 -15.75 45.10
C LYS F 155 34.48 -14.86 43.96
N ALA F 156 33.30 -15.14 43.42
CA ALA F 156 32.73 -14.29 42.37
C ALA F 156 32.42 -12.89 42.91
N VAL F 157 31.89 -12.80 44.13
CA VAL F 157 31.61 -11.49 44.71
C VAL F 157 32.90 -10.70 44.87
N HIS F 158 33.92 -11.34 45.44
CA HIS F 158 35.21 -10.67 45.64
C HIS F 158 35.83 -10.23 44.31
N TYR F 159 35.79 -11.11 43.30
CA TYR F 159 36.34 -10.76 41.99
C TYR F 159 35.63 -9.54 41.42
N SER F 160 34.29 -9.53 41.46
CA SER F 160 33.55 -8.42 40.88
C SER F 160 33.92 -7.09 41.54
N LEU F 161 34.12 -7.11 42.85
CA LEU F 161 34.50 -5.90 43.58
C LEU F 161 35.94 -5.51 43.27
N ALA F 162 36.86 -6.48 43.34
CA ALA F 162 38.28 -6.18 43.10
C ALA F 162 38.49 -5.58 41.73
N GLU F 163 37.84 -6.13 40.70
CA GLU F 163 38.03 -5.60 39.35
C GLU F 163 37.48 -4.18 39.23
N LEU F 164 36.34 -3.90 39.87
CA LEU F 164 35.79 -2.54 39.78
C LEU F 164 36.68 -1.52 40.47
N VAL F 165 37.25 -1.89 41.62
CA VAL F 165 38.18 -0.98 42.29
C VAL F 165 39.38 -0.68 41.40
N THR F 166 39.88 -1.68 40.68
CA THR F 166 40.99 -1.44 39.76
C THR F 166 40.57 -0.50 38.64
N LYS F 167 39.42 -0.77 38.00
CA LYS F 167 39.00 0.04 36.86
C LYS F 167 38.69 1.48 37.28
N LEU F 168 38.15 1.68 38.48
CA LEU F 168 38.01 3.00 39.06
C LEU F 168 39.33 3.56 39.59
N SER F 169 40.46 2.95 39.22
CA SER F 169 41.80 3.34 39.67
C SER F 169 41.91 3.32 41.19
N MET G 3 -69.58 17.59 -53.16
CA MET G 3 -68.36 17.14 -52.51
C MET G 3 -68.64 16.12 -51.41
N SER G 4 -67.93 15.01 -51.43
CA SER G 4 -68.07 13.97 -50.42
C SER G 4 -67.21 14.30 -49.20
N ASN G 5 -67.53 13.63 -48.09
CA ASN G 5 -66.78 13.85 -46.86
C ASN G 5 -65.36 13.33 -46.98
N LEU G 6 -64.45 13.96 -46.25
CA LEU G 6 -63.04 13.60 -46.32
C LEU G 6 -62.79 12.29 -45.59
N TYR G 7 -62.14 11.35 -46.28
CA TYR G 7 -61.79 10.06 -45.72
C TYR G 7 -60.41 10.17 -45.08
N HIS G 8 -60.33 9.84 -43.79
CA HIS G 8 -59.06 9.90 -43.06
C HIS G 8 -58.40 8.54 -43.20
N ASP G 9 -57.41 8.45 -44.09
CA ASP G 9 -56.66 7.21 -44.25
C ASP G 9 -55.88 6.90 -42.99
N ASN G 10 -55.86 5.62 -42.62
CA ASN G 10 -55.27 5.18 -41.36
C ASN G 10 -54.05 4.28 -41.56
N THR G 11 -53.49 4.22 -42.77
CA THR G 11 -52.30 3.41 -43.02
C THR G 11 -51.03 4.24 -42.82
N ILE G 12 -49.96 3.57 -42.43
CA ILE G 12 -48.69 4.20 -42.11
C ILE G 12 -47.58 3.47 -42.85
N THR G 13 -46.72 4.22 -43.53
CA THR G 13 -45.66 3.58 -44.29
C THR G 13 -44.50 3.17 -43.38
N VAL G 14 -43.63 2.32 -43.92
CA VAL G 14 -42.40 1.95 -43.22
C VAL G 14 -41.57 3.18 -42.91
N ALA G 15 -41.47 4.10 -43.87
CA ALA G 15 -40.69 5.31 -43.66
C ALA G 15 -41.29 6.17 -42.55
N GLU G 16 -42.63 6.27 -42.49
CA GLU G 16 -43.29 6.96 -41.39
C GLU G 16 -43.02 6.26 -40.07
N LEU G 17 -43.01 4.93 -40.07
CA LEU G 17 -42.71 4.19 -38.85
C LEU G 17 -41.26 4.43 -38.41
N THR G 18 -40.31 4.38 -39.34
CA THR G 18 -38.91 4.54 -38.91
C THR G 18 -38.68 5.95 -38.36
N LYS G 19 -39.39 6.94 -38.89
CA LYS G 19 -39.29 8.29 -38.35
C LYS G 19 -39.85 8.35 -36.93
N LYS G 20 -41.02 7.75 -36.71
CA LYS G 20 -41.60 7.70 -35.37
C LYS G 20 -40.71 6.92 -34.42
N LEU G 21 -40.25 5.74 -34.85
CA LEU G 21 -39.36 4.95 -34.02
C LEU G 21 -38.07 5.69 -33.70
N ALA G 22 -37.53 6.44 -34.67
CA ALA G 22 -36.32 7.22 -34.41
C ALA G 22 -36.55 8.27 -33.32
N SER G 23 -37.69 8.96 -33.37
CA SER G 23 -38.00 9.93 -32.34
C SER G 23 -38.10 9.28 -30.97
N ARG G 24 -38.86 8.20 -30.86
CA ARG G 24 -39.01 7.52 -29.58
C ARG G 24 -37.67 7.10 -29.01
N LEU G 25 -36.84 6.44 -29.81
CA LEU G 25 -35.59 5.90 -29.32
C LEU G 25 -34.61 7.01 -28.96
N ILE G 26 -34.48 8.02 -29.83
CA ILE G 26 -33.54 9.11 -29.58
C ILE G 26 -33.95 9.89 -28.35
N ASP G 27 -35.25 10.22 -28.23
CA ASP G 27 -35.70 11.00 -27.08
C ASP G 27 -35.44 10.26 -25.77
N ALA G 28 -35.49 8.94 -25.79
CA ALA G 28 -35.26 8.14 -24.59
C ALA G 28 -33.81 7.70 -24.43
N GLY G 29 -32.93 8.05 -25.37
CA GLY G 29 -31.54 7.64 -25.29
C GLY G 29 -31.32 6.15 -25.47
N LEU G 30 -32.16 5.49 -26.26
CA LEU G 30 -32.10 4.05 -26.45
C LEU G 30 -31.46 3.70 -27.79
N ARG G 31 -30.80 2.55 -27.82
CA ARG G 31 -30.17 2.04 -29.02
C ARG G 31 -30.81 0.73 -29.43
N LEU G 32 -30.91 0.51 -30.74
CA LEU G 32 -31.65 -0.60 -31.32
C LEU G 32 -30.73 -1.50 -32.13
N THR G 33 -30.99 -2.80 -32.09
CA THR G 33 -30.30 -3.78 -32.92
C THR G 33 -31.35 -4.76 -33.45
N THR G 34 -30.99 -5.47 -34.51
CA THR G 34 -31.94 -6.39 -35.15
C THR G 34 -31.23 -7.67 -35.57
N ALA G 35 -31.98 -8.78 -35.57
CA ALA G 35 -31.54 -10.03 -36.17
C ALA G 35 -32.67 -10.55 -37.06
N GLU G 36 -32.36 -10.80 -38.33
CA GLU G 36 -33.36 -11.18 -39.33
C GLU G 36 -33.09 -12.57 -39.88
N SER G 37 -34.13 -13.39 -39.91
CA SER G 37 -34.08 -14.74 -40.50
CA SER G 37 -34.08 -14.74 -40.50
C SER G 37 -35.36 -14.96 -41.30
N CYS G 38 -35.39 -14.35 -42.50
CA CYS G 38 -36.35 -14.54 -43.60
C CYS G 38 -36.62 -13.22 -44.32
N THR G 39 -36.30 -12.09 -43.68
CA THR G 39 -36.52 -10.79 -44.33
C THR G 39 -35.29 -10.30 -45.08
N GLY G 40 -34.18 -11.04 -45.01
CA GLY G 40 -33.06 -10.82 -45.91
C GLY G 40 -32.27 -9.56 -45.72
N GLY G 41 -32.51 -8.82 -44.65
CA GLY G 41 -31.87 -7.54 -44.44
C GLY G 41 -32.73 -6.34 -44.74
N LYS G 42 -33.97 -6.55 -45.20
CA LYS G 42 -34.86 -5.44 -45.51
C LYS G 42 -35.17 -4.60 -44.27
N LEU G 43 -35.19 -5.22 -43.09
CA LEU G 43 -35.40 -4.46 -41.86
C LEU G 43 -34.22 -3.52 -41.60
N SER G 44 -33.01 -4.06 -41.68
CA SER G 44 -31.82 -3.23 -41.50
C SER G 44 -31.79 -2.09 -42.51
N VAL G 45 -32.15 -2.37 -43.77
CA VAL G 45 -32.13 -1.32 -44.79
C VAL G 45 -33.11 -0.21 -44.44
N ALA G 46 -34.31 -0.58 -43.98
CA ALA G 46 -35.30 0.42 -43.57
C ALA G 46 -34.76 1.30 -42.46
N LEU G 47 -34.13 0.68 -41.46
CA LEU G 47 -33.60 1.44 -40.33
C LEU G 47 -32.41 2.29 -40.73
N CYS G 48 -31.57 1.79 -41.65
CA CYS G 48 -30.46 2.58 -42.13
C CYS G 48 -30.90 3.69 -43.09
N ALA G 49 -32.11 3.61 -43.64
CA ALA G 49 -32.58 4.68 -44.51
C ALA G 49 -33.08 5.88 -43.72
N GLU G 50 -33.36 5.71 -42.43
CA GLU G 50 -33.85 6.82 -41.61
C GLU G 50 -32.76 7.87 -41.44
N GLU G 51 -33.17 9.15 -41.44
CA GLU G 51 -32.21 10.24 -41.50
C GLU G 51 -31.22 10.20 -40.35
N ASN G 52 -31.69 9.92 -39.15
CA ASN G 52 -30.85 9.90 -37.95
C ASN G 52 -30.50 8.48 -37.52
N THR G 53 -30.28 7.59 -38.49
CA THR G 53 -30.04 6.19 -38.17
C THR G 53 -28.81 6.02 -37.27
N ALA G 54 -27.78 6.85 -37.47
CA ALA G 54 -26.57 6.73 -36.67
C ALA G 54 -26.78 7.05 -35.20
N ASP G 55 -27.90 7.69 -34.86
CA ASP G 55 -28.15 8.06 -33.47
C ASP G 55 -28.88 6.98 -32.69
N PHE G 56 -29.33 5.90 -33.32
CA PHE G 56 -30.06 4.88 -32.56
C PHE G 56 -29.85 3.45 -33.06
N TYR G 57 -29.20 3.28 -34.21
CA TYR G 57 -29.06 1.96 -34.83
C TYR G 57 -27.61 1.71 -35.20
N ASP G 58 -27.09 0.55 -34.78
CA ASP G 58 -25.70 0.19 -35.02
C ASP G 58 -25.57 -1.14 -35.74
N VAL G 59 -26.02 -2.24 -35.12
CA VAL G 59 -25.72 -3.58 -35.57
C VAL G 59 -27.00 -4.23 -36.14
N GLY G 60 -26.87 -4.76 -37.33
CA GLY G 60 -27.92 -5.62 -37.88
C GLY G 60 -27.31 -6.94 -38.31
N LEU G 61 -28.02 -8.02 -38.01
CA LEU G 61 -27.56 -9.35 -38.38
C LEU G 61 -28.60 -10.00 -39.28
N VAL G 62 -28.12 -10.66 -40.33
CA VAL G 62 -28.93 -11.54 -41.18
C VAL G 62 -28.35 -12.94 -41.04
N VAL G 63 -29.20 -13.90 -40.69
CA VAL G 63 -28.80 -15.30 -40.56
C VAL G 63 -29.92 -16.18 -41.10
N PHE G 64 -29.58 -17.12 -41.99
CA PHE G 64 -30.58 -18.03 -42.51
C PHE G 64 -30.61 -19.36 -41.76
N SER G 65 -29.45 -20.01 -41.60
CA SER G 65 -29.39 -21.40 -41.17
C SER G 65 -29.60 -21.55 -39.67
N ASP G 66 -29.91 -22.79 -39.27
CA ASP G 66 -29.98 -23.13 -37.85
C ASP G 66 -28.60 -23.04 -37.20
N SER G 67 -27.56 -23.52 -37.89
CA SER G 67 -26.24 -23.57 -37.28
C SER G 67 -25.66 -22.18 -37.08
N ALA G 68 -26.01 -21.23 -37.95
CA ALA G 68 -25.64 -19.84 -37.72
C ALA G 68 -26.36 -19.28 -36.50
N LYS G 69 -27.64 -19.64 -36.33
CA LYS G 69 -28.37 -19.25 -35.12
C LYS G 69 -27.67 -19.76 -33.87
N GLU G 70 -27.18 -21.01 -33.90
CA GLU G 70 -26.49 -21.57 -32.74
C GLU G 70 -25.14 -20.92 -32.53
N ARG G 71 -24.35 -20.79 -33.60
CA ARG G 71 -22.96 -20.37 -33.45
C ARG G 71 -22.84 -18.87 -33.17
N ILE G 72 -23.66 -18.06 -33.82
CA ILE G 72 -23.56 -16.61 -33.68
C ILE G 72 -24.44 -16.09 -32.54
N LEU G 73 -25.65 -16.62 -32.40
CA LEU G 73 -26.59 -16.10 -31.42
C LEU G 73 -26.72 -17.01 -30.20
N GLY G 74 -26.01 -18.12 -30.16
CA GLY G 74 -26.13 -19.01 -29.02
C GLY G 74 -27.49 -19.63 -28.85
N VAL G 75 -28.29 -19.68 -29.92
CA VAL G 75 -29.59 -20.34 -29.86
C VAL G 75 -29.38 -21.81 -29.54
N SER G 76 -30.21 -22.34 -28.65
CA SER G 76 -29.98 -23.70 -28.17
C SER G 76 -30.35 -24.70 -29.25
N PRO G 77 -29.52 -25.72 -29.50
CA PRO G 77 -29.91 -26.75 -30.48
C PRO G 77 -31.15 -27.53 -30.09
N GLU G 78 -31.44 -27.67 -28.78
CA GLU G 78 -32.70 -28.32 -28.39
C GLU G 78 -33.90 -27.44 -28.71
N THR G 79 -33.75 -26.12 -28.54
CA THR G 79 -34.82 -25.22 -28.95
C THR G 79 -35.15 -25.40 -30.43
N LEU G 80 -34.11 -25.49 -31.26
CA LEU G 80 -34.33 -25.76 -32.68
C LEU G 80 -34.89 -27.16 -32.89
N ALA G 81 -34.41 -28.14 -32.13
CA ALA G 81 -34.89 -29.51 -32.27
C ALA G 81 -36.35 -29.62 -31.87
N ARG G 82 -36.76 -28.92 -30.81
CA ARG G 82 -38.10 -29.10 -30.27
C ARG G 82 -39.12 -28.12 -30.85
N PHE G 83 -38.72 -26.89 -31.14
CA PHE G 83 -39.66 -25.83 -31.52
C PHE G 83 -39.48 -25.32 -32.95
N THR G 84 -38.45 -25.74 -33.67
CA THR G 84 -38.01 -25.19 -34.96
C THR G 84 -37.44 -23.78 -34.80
N ALA G 85 -36.73 -23.30 -35.82
CA ALA G 85 -36.26 -21.92 -35.84
C ALA G 85 -37.41 -20.93 -35.94
N VAL G 86 -38.54 -21.34 -36.53
CA VAL G 86 -39.72 -20.48 -36.62
C VAL G 86 -40.62 -20.74 -35.42
N SER G 87 -40.30 -20.10 -34.30
CA SER G 87 -41.01 -20.29 -33.05
C SER G 87 -40.78 -19.07 -32.18
N GLU G 88 -41.75 -18.78 -31.31
CA GLU G 88 -41.56 -17.68 -30.36
C GLU G 88 -40.39 -17.96 -29.42
N GLN G 89 -40.06 -19.22 -29.21
CA GLN G 89 -38.92 -19.57 -28.36
C GLN G 89 -37.60 -19.22 -29.03
N THR G 90 -37.46 -19.50 -30.32
CA THR G 90 -36.21 -19.17 -31.01
C THR G 90 -36.01 -17.66 -31.09
N VAL G 91 -37.06 -16.91 -31.46
CA VAL G 91 -36.90 -15.46 -31.60
C VAL G 91 -36.58 -14.83 -30.26
N THR G 92 -37.08 -15.42 -29.17
CA THR G 92 -36.73 -14.90 -27.84
C THR G 92 -35.23 -15.01 -27.61
N GLU G 93 -34.65 -16.18 -27.90
CA GLU G 93 -33.21 -16.36 -27.70
C GLU G 93 -32.42 -15.46 -28.64
N MET G 94 -32.83 -15.41 -29.93
CA MET G 94 -32.16 -14.55 -30.89
C MET G 94 -32.17 -13.08 -30.44
N ALA G 95 -33.31 -12.63 -29.91
CA ALA G 95 -33.45 -11.23 -29.50
C ALA G 95 -32.56 -10.91 -28.31
N ALA G 96 -32.57 -11.76 -27.29
CA ALA G 96 -31.70 -11.54 -26.14
C ALA G 96 -30.24 -11.54 -26.56
N SER G 97 -29.86 -12.44 -27.45
CA SER G 97 -28.46 -12.59 -27.83
C SER G 97 -27.97 -11.40 -28.65
N ILE G 98 -28.75 -10.98 -29.66
CA ILE G 98 -28.30 -9.86 -30.48
C ILE G 98 -28.26 -8.58 -29.65
N ARG G 99 -29.17 -8.42 -28.69
CA ARG G 99 -29.14 -7.24 -27.85
C ARG G 99 -27.85 -7.20 -27.03
N ASP G 100 -27.41 -8.36 -26.54
CA ASP G 100 -26.14 -8.42 -25.83
C ASP G 100 -24.97 -8.11 -26.75
N ILE G 101 -24.94 -8.73 -27.93
CA ILE G 101 -23.81 -8.58 -28.86
C ILE G 101 -23.63 -7.13 -29.26
N ALA G 102 -24.74 -6.45 -29.60
CA ALA G 102 -24.68 -5.06 -30.04
C ALA G 102 -24.63 -4.07 -28.90
N GLN G 103 -24.71 -4.54 -27.65
CA GLN G 103 -24.81 -3.68 -26.47
C GLN G 103 -25.92 -2.64 -26.65
N ALA G 104 -27.07 -3.11 -27.12
CA ALA G 104 -28.20 -2.24 -27.36
C ALA G 104 -29.21 -2.32 -26.21
N ASP G 105 -30.17 -1.41 -26.24
CA ASP G 105 -31.26 -1.38 -25.27
C ASP G 105 -32.52 -2.08 -25.77
N VAL G 106 -32.72 -2.11 -27.09
CA VAL G 106 -33.91 -2.68 -27.71
C VAL G 106 -33.46 -3.57 -28.87
N SER G 107 -34.10 -4.72 -29.03
CA SER G 107 -33.79 -5.59 -30.15
C SER G 107 -35.07 -6.12 -30.77
N ILE G 108 -35.00 -6.33 -32.10
CA ILE G 108 -36.04 -7.00 -32.87
C ILE G 108 -35.44 -8.27 -33.45
N ALA G 109 -36.11 -9.40 -33.24
CA ALA G 109 -35.74 -10.67 -33.85
C ALA G 109 -36.89 -11.14 -34.71
N ILE G 110 -36.59 -11.57 -35.94
CA ILE G 110 -37.57 -12.09 -36.88
C ILE G 110 -37.09 -13.44 -37.40
N SER G 111 -37.96 -14.46 -37.36
CA SER G 111 -37.66 -15.76 -37.92
C SER G 111 -38.92 -16.33 -38.55
N GLY G 112 -38.89 -16.62 -39.84
CA GLY G 112 -40.10 -17.05 -40.49
C GLY G 112 -39.81 -17.89 -41.71
N TYR G 113 -40.90 -18.28 -42.37
CA TYR G 113 -40.89 -18.88 -43.69
C TYR G 113 -41.52 -17.85 -44.61
N ALA G 114 -40.69 -17.06 -45.29
CA ALA G 114 -41.25 -16.10 -46.24
C ALA G 114 -41.91 -16.78 -47.41
N GLY G 115 -41.50 -18.01 -47.72
CA GLY G 115 -42.08 -18.76 -48.79
C GLY G 115 -41.07 -18.98 -49.89
N PRO G 116 -41.36 -19.91 -50.81
CA PRO G 116 -42.64 -20.61 -50.92
C PRO G 116 -42.74 -21.87 -50.06
N GLU G 117 -41.61 -22.37 -49.57
CA GLU G 117 -41.64 -23.58 -48.77
C GLU G 117 -42.03 -23.28 -47.33
N GLY G 118 -42.73 -24.23 -46.70
CA GLY G 118 -43.09 -24.15 -45.30
C GLY G 118 -42.17 -24.97 -44.42
N GLY G 119 -42.61 -25.14 -43.18
CA GLY G 119 -41.79 -25.85 -42.21
C GLY G 119 -41.85 -27.36 -42.39
N GLU G 120 -40.80 -28.01 -41.89
CA GLU G 120 -40.77 -29.46 -41.84
C GLU G 120 -41.65 -30.03 -40.73
N ASP G 121 -42.27 -29.16 -39.92
CA ASP G 121 -43.22 -29.58 -38.89
C ASP G 121 -44.66 -29.23 -39.24
N GLY G 122 -44.92 -28.90 -40.51
CA GLY G 122 -46.27 -28.55 -40.94
C GLY G 122 -46.59 -27.07 -40.96
N THR G 123 -45.72 -26.23 -40.42
CA THR G 123 -45.98 -24.80 -40.39
C THR G 123 -46.09 -24.25 -41.80
N ALA G 124 -47.13 -23.46 -42.02
CA ALA G 124 -47.42 -22.97 -43.36
C ALA G 124 -46.43 -21.88 -43.79
N ALA G 125 -46.16 -21.85 -45.09
CA ALA G 125 -45.40 -20.74 -45.66
C ALA G 125 -46.13 -19.43 -45.41
N GLY G 126 -45.37 -18.40 -45.05
CA GLY G 126 -45.94 -17.12 -44.66
C GLY G 126 -46.03 -16.91 -43.16
N THR G 127 -45.80 -17.95 -42.36
CA THR G 127 -45.76 -17.81 -40.92
C THR G 127 -44.43 -17.22 -40.48
N VAL G 128 -44.51 -16.15 -39.69
CA VAL G 128 -43.32 -15.47 -39.18
C VAL G 128 -43.51 -15.22 -37.69
N CYS G 129 -42.46 -15.47 -36.92
CA CYS G 129 -42.45 -15.14 -35.50
C CYS G 129 -41.59 -13.91 -35.26
N PHE G 130 -41.99 -13.13 -34.25
CA PHE G 130 -41.32 -11.88 -33.92
C PHE G 130 -41.05 -11.85 -32.42
N ALA G 131 -39.92 -11.23 -32.05
CA ALA G 131 -39.59 -10.94 -30.67
C ALA G 131 -39.15 -9.49 -30.56
N TRP G 132 -39.69 -8.77 -29.57
CA TRP G 132 -39.26 -7.42 -29.25
C TRP G 132 -38.76 -7.43 -27.82
N ASN G 133 -37.45 -7.25 -27.66
CA ASN G 133 -36.84 -7.22 -26.34
C ASN G 133 -36.55 -5.76 -26.02
N ILE G 134 -37.22 -5.23 -25.00
CA ILE G 134 -37.06 -3.85 -24.57
C ILE G 134 -36.47 -3.86 -23.18
N GLY G 135 -35.20 -3.50 -23.07
CA GLY G 135 -34.54 -3.45 -21.78
C GLY G 135 -34.53 -4.75 -21.02
N GLY G 136 -34.62 -5.88 -21.72
CA GLY G 136 -34.66 -7.18 -21.09
C GLY G 136 -36.03 -7.80 -20.99
N LYS G 137 -37.09 -7.04 -21.28
CA LYS G 137 -38.46 -7.55 -21.26
C LYS G 137 -38.89 -7.86 -22.68
N THR G 138 -39.26 -9.11 -22.93
CA THR G 138 -39.53 -9.60 -24.27
C THR G 138 -41.00 -9.96 -24.43
N GLU G 139 -41.61 -9.48 -25.50
CA GLU G 139 -42.92 -9.92 -25.97
C GLU G 139 -42.75 -10.52 -27.36
N THR G 140 -43.64 -11.44 -27.71
CA THR G 140 -43.50 -12.18 -28.96
C THR G 140 -44.83 -12.29 -29.67
N SER G 141 -44.76 -12.59 -30.96
CA SER G 141 -45.94 -12.76 -31.80
C SER G 141 -45.64 -13.80 -32.87
N ARG G 142 -46.70 -14.50 -33.28
CA ARG G 142 -46.67 -15.47 -34.36
C ARG G 142 -47.76 -15.08 -35.36
N VAL G 143 -47.36 -14.78 -36.60
CA VAL G 143 -48.26 -14.18 -37.59
C VAL G 143 -48.19 -14.96 -38.89
N LEU G 144 -49.35 -15.14 -39.54
CA LEU G 144 -49.43 -15.73 -40.87
C LEU G 144 -49.73 -14.63 -41.88
N PHE G 145 -48.82 -14.44 -42.83
CA PHE G 145 -48.94 -13.43 -43.88
C PHE G 145 -49.32 -14.07 -45.20
N SER G 146 -50.15 -13.38 -46.00
CA SER G 146 -50.53 -13.85 -47.32
C SER G 146 -49.54 -13.34 -48.38
N GLY G 147 -49.57 -13.98 -49.54
CA GLY G 147 -48.78 -13.53 -50.67
C GLY G 147 -47.51 -14.35 -50.84
N ASP G 148 -46.70 -13.93 -51.81
CA ASP G 148 -45.46 -14.64 -52.09
C ASP G 148 -44.36 -14.13 -51.16
N CYS G 149 -43.12 -14.59 -51.39
CA CYS G 149 -42.06 -14.28 -50.44
CA CYS G 149 -42.02 -14.28 -50.48
C CYS G 149 -41.81 -12.78 -50.34
N GLN G 150 -41.88 -12.06 -51.45
CA GLN G 150 -41.67 -10.62 -51.38
C GLN G 150 -42.77 -9.91 -50.60
N ASP G 151 -44.02 -10.36 -50.76
CA ASP G 151 -45.12 -9.78 -49.98
C ASP G 151 -44.94 -10.05 -48.49
N VAL G 152 -44.67 -11.31 -48.12
CA VAL G 152 -44.49 -11.67 -46.72
C VAL G 152 -43.37 -10.83 -46.10
N VAL G 153 -42.24 -10.71 -46.79
CA VAL G 153 -41.12 -9.93 -46.27
C VAL G 153 -41.54 -8.48 -46.04
N GLU G 154 -42.20 -7.89 -47.04
CA GLU G 154 -42.65 -6.50 -46.91
C GLU G 154 -43.54 -6.32 -45.69
N LYS G 155 -44.54 -7.19 -45.52
CA LYS G 155 -45.48 -6.99 -44.42
C LYS G 155 -44.86 -7.35 -43.09
N ALA G 156 -43.94 -8.32 -43.06
CA ALA G 156 -43.26 -8.66 -41.81
C ALA G 156 -42.37 -7.51 -41.33
N VAL G 157 -41.70 -6.82 -42.26
CA VAL G 157 -40.88 -5.68 -41.87
C VAL G 157 -41.75 -4.57 -41.29
N HIS G 158 -42.84 -4.25 -42.00
CA HIS G 158 -43.79 -3.25 -41.52
C HIS G 158 -44.35 -3.63 -40.16
N TYR G 159 -44.72 -4.91 -39.99
CA TYR G 159 -45.34 -5.36 -38.75
C TYR G 159 -44.37 -5.26 -37.57
N SER G 160 -43.12 -5.69 -37.77
CA SER G 160 -42.13 -5.60 -36.71
C SER G 160 -41.91 -4.16 -36.26
N LEU G 161 -41.95 -3.22 -37.20
CA LEU G 161 -41.74 -1.81 -36.83
C LEU G 161 -42.97 -1.21 -36.17
N ALA G 162 -44.16 -1.47 -36.72
CA ALA G 162 -45.38 -0.91 -36.15
C ALA G 162 -45.58 -1.41 -34.72
N GLU G 163 -45.36 -2.69 -34.48
CA GLU G 163 -45.51 -3.23 -33.14
C GLU G 163 -44.53 -2.59 -32.16
N LEU G 164 -43.30 -2.34 -32.61
CA LEU G 164 -42.31 -1.73 -31.72
C LEU G 164 -42.65 -0.29 -31.40
N VAL G 165 -43.07 0.48 -32.41
CA VAL G 165 -43.49 1.86 -32.17
C VAL G 165 -44.58 1.89 -31.12
N THR G 166 -45.57 0.99 -31.23
CA THR G 166 -46.67 0.95 -30.28
C THR G 166 -46.17 0.70 -28.86
N LYS G 167 -45.22 -0.23 -28.70
CA LYS G 167 -44.70 -0.57 -27.37
C LYS G 167 -43.83 0.53 -26.77
N LEU G 168 -43.38 1.50 -27.56
CA LEU G 168 -42.58 2.61 -27.04
C LEU G 168 -43.36 3.92 -26.92
N SER G 169 -44.64 3.93 -27.28
CA SER G 169 -45.49 5.10 -27.11
C SER G 169 -46.20 5.02 -25.76
N GLY G 170 -46.09 6.09 -24.96
CA GLY G 170 -46.60 6.06 -23.60
C GLY G 170 -47.44 7.24 -23.18
N ASN H 5 14.66 -32.50 83.86
CA ASN H 5 14.60 -33.41 82.72
C ASN H 5 14.84 -32.67 81.41
N LEU H 6 14.50 -33.33 80.29
CA LEU H 6 14.75 -32.76 78.98
C LEU H 6 13.80 -31.60 78.70
N TYR H 7 14.35 -30.52 78.15
CA TYR H 7 13.59 -29.37 77.71
C TYR H 7 13.63 -29.28 76.19
N HIS H 8 12.51 -28.89 75.58
CA HIS H 8 12.38 -28.84 74.13
C HIS H 8 12.40 -27.38 73.69
N ASP H 9 13.44 -27.02 72.94
CA ASP H 9 13.66 -25.64 72.52
C ASP H 9 12.67 -25.23 71.44
N ASN H 10 12.23 -23.98 71.53
CA ASN H 10 11.16 -23.46 70.71
C ASN H 10 11.66 -22.58 69.57
N THR H 11 12.97 -22.33 69.47
CA THR H 11 13.48 -21.40 68.46
C THR H 11 13.66 -22.10 67.11
N ILE H 12 13.48 -21.31 66.06
CA ILE H 12 13.51 -21.80 64.69
C ILE H 12 14.47 -20.91 63.91
N THR H 13 15.50 -21.51 63.31
CA THR H 13 16.49 -20.72 62.60
C THR H 13 15.96 -20.28 61.24
N VAL H 14 16.65 -19.32 60.64
CA VAL H 14 16.29 -18.86 59.30
C VAL H 14 16.44 -20.01 58.30
N ALA H 15 17.52 -20.79 58.42
CA ALA H 15 17.71 -21.93 57.53
C ALA H 15 16.57 -22.93 57.65
N GLU H 16 16.12 -23.19 58.87
CA GLU H 16 14.99 -24.10 59.05
C GLU H 16 13.71 -23.51 58.46
N LEU H 17 13.53 -22.20 58.59
CA LEU H 17 12.31 -21.56 58.05
C LEU H 17 12.30 -21.59 56.53
N THR H 18 13.44 -21.31 55.89
CA THR H 18 13.45 -21.35 54.43
C THR H 18 13.25 -22.78 53.91
N LYS H 19 13.61 -23.78 54.70
CA LYS H 19 13.33 -25.16 54.32
C LYS H 19 11.83 -25.44 54.37
N LYS H 20 11.17 -25.03 55.46
CA LYS H 20 9.72 -25.16 55.54
C LYS H 20 9.06 -24.39 54.40
N LEU H 21 9.49 -23.15 54.18
CA LEU H 21 8.87 -22.31 53.15
C LEU H 21 9.02 -22.92 51.76
N ALA H 22 10.21 -23.43 51.45
CA ALA H 22 10.44 -24.04 50.14
C ALA H 22 9.52 -25.23 49.92
N SER H 23 9.39 -26.09 50.93
CA SER H 23 8.51 -27.25 50.80
CA SER H 23 8.51 -27.24 50.81
C SER H 23 7.07 -26.81 50.57
N ARG H 24 6.61 -25.82 51.32
CA ARG H 24 5.23 -25.35 51.16
C ARG H 24 5.01 -24.78 49.76
N LEU H 25 5.91 -23.90 49.31
CA LEU H 25 5.73 -23.25 48.02
C LEU H 25 5.84 -24.26 46.88
N ILE H 26 6.86 -25.11 46.92
CA ILE H 26 7.14 -26.03 45.80
C ILE H 26 5.99 -27.02 45.64
N ASP H 27 5.52 -27.61 46.75
CA ASP H 27 4.41 -28.54 46.67
C ASP H 27 3.18 -27.90 46.06
N ALA H 28 2.92 -26.64 46.40
CA ALA H 28 1.72 -25.94 45.96
C ALA H 28 1.89 -25.27 44.60
N GLY H 29 3.05 -25.42 43.97
CA GLY H 29 3.29 -24.78 42.68
C GLY H 29 3.33 -23.27 42.74
N LEU H 30 3.80 -22.70 43.84
CA LEU H 30 3.80 -21.26 44.06
C LEU H 30 5.21 -20.68 43.95
N ARG H 31 5.27 -19.41 43.56
CA ARG H 31 6.52 -18.69 43.42
C ARG H 31 6.53 -17.49 44.36
N LEU H 32 7.71 -17.21 44.92
CA LEU H 32 7.94 -16.16 45.89
C LEU H 32 8.85 -15.08 45.30
N THR H 33 8.59 -13.83 45.68
CA THR H 33 9.47 -12.72 45.29
C THR H 33 9.59 -11.77 46.49
N THR H 34 10.67 -10.98 46.51
CA THR H 34 10.93 -10.12 47.66
C THR H 34 11.36 -8.73 47.21
N ALA H 35 11.04 -7.74 48.04
CA ALA H 35 11.50 -6.36 47.87
C ALA H 35 11.95 -5.85 49.23
N GLU H 36 13.22 -5.47 49.35
CA GLU H 36 13.84 -5.15 50.64
C GLU H 36 14.28 -3.69 50.67
N SER H 37 13.79 -2.95 51.66
CA SER H 37 14.25 -1.58 51.92
C SER H 37 14.60 -1.44 53.40
N CYS H 38 15.72 -2.04 53.79
CA CYS H 38 16.48 -1.82 55.02
C CYS H 38 17.31 -3.05 55.38
N THR H 39 16.90 -4.24 54.90
CA THR H 39 17.63 -5.47 55.17
C THR H 39 18.76 -5.74 54.18
N GLY H 40 18.88 -4.94 53.11
CA GLY H 40 20.07 -4.95 52.29
C GLY H 40 20.31 -6.18 51.47
N GLY H 41 19.30 -7.02 51.25
CA GLY H 41 19.49 -8.26 50.52
C GLY H 41 19.69 -9.49 51.38
N LYS H 42 19.73 -9.33 52.71
CA LYS H 42 19.87 -10.50 53.59
C LYS H 42 18.71 -11.46 53.41
N LEU H 43 17.52 -10.94 53.11
CA LEU H 43 16.38 -11.82 52.86
C LEU H 43 16.57 -12.61 51.57
N SER H 44 16.98 -11.94 50.50
CA SER H 44 17.24 -12.64 49.25
C SER H 44 18.31 -13.72 49.44
N VAL H 45 19.39 -13.38 50.14
CA VAL H 45 20.46 -14.34 50.38
C VAL H 45 19.92 -15.57 51.10
N ALA H 46 19.09 -15.37 52.13
CA ALA H 46 18.55 -16.51 52.87
C ALA H 46 17.71 -17.42 51.97
N LEU H 47 16.89 -16.81 51.10
CA LEU H 47 16.06 -17.60 50.21
C LEU H 47 16.87 -18.28 49.11
N CYS H 48 17.94 -17.63 48.65
CA CYS H 48 18.81 -18.25 47.65
C CYS H 48 19.73 -19.30 48.26
N ALA H 49 19.86 -19.34 49.58
CA ALA H 49 20.65 -20.36 50.23
C ALA H 49 19.97 -21.73 50.18
N GLU H 50 18.65 -21.78 49.97
CA GLU H 50 17.97 -23.05 49.83
C GLU H 50 18.45 -23.77 48.58
N GLU H 51 18.69 -25.07 48.72
CA GLU H 51 19.26 -25.84 47.62
C GLU H 51 18.35 -25.83 46.40
N ASN H 52 17.04 -25.91 46.61
CA ASN H 52 16.06 -25.84 45.54
C ASN H 52 15.44 -24.46 45.40
N THR H 53 16.26 -23.41 45.53
CA THR H 53 15.73 -22.05 45.51
C THR H 53 15.17 -21.68 44.14
N ALA H 54 15.74 -22.22 43.06
CA ALA H 54 15.28 -21.90 41.73
C ALA H 54 13.84 -22.35 41.49
N ASP H 55 13.36 -23.32 42.25
CA ASP H 55 12.03 -23.90 42.05
C ASP H 55 10.92 -23.07 42.67
N PHE H 56 11.25 -22.06 43.47
CA PHE H 56 10.21 -21.23 44.08
C PHE H 56 10.55 -19.76 44.17
N TYR H 57 11.79 -19.37 43.86
CA TYR H 57 12.24 -18.00 44.08
C TYR H 57 13.07 -17.56 42.90
N ASP H 58 12.74 -16.40 42.33
CA ASP H 58 13.37 -15.94 41.10
C ASP H 58 13.92 -14.53 41.26
N VAL H 59 13.10 -13.60 41.71
CA VAL H 59 13.41 -12.17 41.70
C VAL H 59 13.49 -11.65 43.12
N GLY H 60 14.57 -10.96 43.45
CA GLY H 60 14.66 -10.20 44.68
C GLY H 60 15.18 -8.79 44.36
N LEU H 61 14.55 -7.81 44.98
CA LEU H 61 14.90 -6.40 44.75
C LEU H 61 15.33 -5.76 46.05
N VAL H 62 16.42 -4.99 45.98
CA VAL H 62 16.93 -4.20 47.10
C VAL H 62 16.91 -2.73 46.66
N VAL H 63 16.22 -1.88 47.43
CA VAL H 63 16.19 -0.46 47.13
C VAL H 63 16.38 0.32 48.44
N PHE H 64 17.05 1.46 48.34
CA PHE H 64 17.22 2.35 49.48
C PHE H 64 16.32 3.57 49.40
N SER H 65 16.37 4.30 48.29
CA SER H 65 15.77 5.61 48.17
C SER H 65 14.26 5.50 47.93
N ASP H 66 13.58 6.62 48.18
CA ASP H 66 12.16 6.74 47.84
C ASP H 66 11.95 6.86 46.34
N SER H 67 12.88 7.54 45.65
CA SER H 67 12.82 7.59 44.19
C SER H 67 12.82 6.20 43.59
N ALA H 68 13.66 5.30 44.11
CA ALA H 68 13.65 3.92 43.62
C ALA H 68 12.33 3.24 43.92
N LYS H 69 11.76 3.50 45.10
CA LYS H 69 10.45 2.93 45.43
C LYS H 69 9.39 3.41 44.45
N GLU H 70 9.47 4.67 44.03
CA GLU H 70 8.51 5.19 43.05
C GLU H 70 8.80 4.64 41.67
N ARG H 71 10.07 4.70 41.23
CA ARG H 71 10.39 4.38 39.85
C ARG H 71 10.29 2.88 39.57
N ILE H 72 10.75 2.05 40.52
CA ILE H 72 10.91 0.63 40.28
C ILE H 72 9.76 -0.15 40.90
N LEU H 73 9.22 0.34 42.01
CA LEU H 73 8.14 -0.35 42.70
C LEU H 73 6.81 0.38 42.60
N GLY H 74 6.72 1.44 41.81
CA GLY H 74 5.45 2.12 41.62
C GLY H 74 4.81 2.69 42.86
N VAL H 75 5.60 2.91 43.92
CA VAL H 75 5.07 3.57 45.11
C VAL H 75 4.61 4.97 44.76
N SER H 76 3.45 5.35 45.26
CA SER H 76 2.88 6.65 44.92
C SER H 76 3.57 7.76 45.70
N PRO H 77 3.85 8.90 45.05
CA PRO H 77 4.38 10.04 45.80
C PRO H 77 3.45 10.51 46.90
N GLU H 78 2.13 10.37 46.71
CA GLU H 78 1.20 10.73 47.76
C GLU H 78 1.31 9.79 48.94
N THR H 79 1.45 8.49 48.70
CA THR H 79 1.64 7.55 49.79
C THR H 79 2.90 7.88 50.58
N LEU H 80 3.99 8.23 49.87
CA LEU H 80 5.22 8.63 50.55
C LEU H 80 5.04 9.93 51.30
N ALA H 81 4.36 10.91 50.68
CA ALA H 81 4.15 12.19 51.35
C ALA H 81 3.30 12.03 52.61
N ARG H 82 2.23 11.24 52.53
CA ARG H 82 1.31 11.13 53.65
C ARG H 82 1.78 10.15 54.72
N PHE H 83 2.45 9.05 54.33
CA PHE H 83 2.77 7.97 55.25
C PHE H 83 4.25 7.68 55.42
N THR H 84 5.13 8.33 54.64
CA THR H 84 6.55 8.03 54.57
C THR H 84 6.82 6.61 54.07
N ALA H 85 8.09 6.33 53.77
CA ALA H 85 8.46 5.02 53.23
C ALA H 85 8.31 3.93 54.28
N VAL H 86 8.47 4.25 55.56
CA VAL H 86 8.37 3.26 56.63
C VAL H 86 6.92 3.30 57.13
N SER H 87 6.06 2.59 56.41
CA SER H 87 4.65 2.54 56.74
C SER H 87 4.05 1.31 56.12
N GLU H 88 2.91 0.88 56.66
CA GLU H 88 2.21 -0.27 56.11
C GLU H 88 1.60 0.05 54.75
N GLN H 89 1.29 1.31 54.48
CA GLN H 89 0.79 1.68 53.16
C GLN H 89 1.86 1.51 52.10
N THR H 90 3.11 1.89 52.42
CA THR H 90 4.18 1.81 51.43
C THR H 90 4.55 0.35 51.12
N VAL H 91 4.67 -0.49 52.15
CA VAL H 91 5.04 -1.87 51.89
C VAL H 91 3.92 -2.61 51.15
N THR H 92 2.67 -2.21 51.37
CA THR H 92 1.58 -2.81 50.59
C THR H 92 1.80 -2.54 49.10
N GLU H 93 2.07 -1.29 48.75
CA GLU H 93 2.33 -0.96 47.35
C GLU H 93 3.57 -1.66 46.83
N MET H 94 4.63 -1.69 47.65
CA MET H 94 5.85 -2.41 47.26
C MET H 94 5.53 -3.88 46.96
N ALA H 95 4.79 -4.53 47.86
CA ALA H 95 4.54 -5.96 47.72
C ALA H 95 3.73 -6.27 46.47
N ALA H 96 2.72 -5.44 46.18
CA ALA H 96 1.86 -5.71 45.02
C ALA H 96 2.62 -5.49 43.72
N SER H 97 3.51 -4.51 43.69
CA SER H 97 4.29 -4.23 42.48
C SER H 97 5.29 -5.35 42.20
N ILE H 98 6.10 -5.71 43.20
CA ILE H 98 7.11 -6.74 42.98
C ILE H 98 6.47 -8.08 42.64
N ARG H 99 5.30 -8.36 43.21
CA ARG H 99 4.58 -9.59 42.88
C ARG H 99 4.27 -9.66 41.39
N ASP H 100 3.78 -8.57 40.82
CA ASP H 100 3.48 -8.55 39.39
C ASP H 100 4.75 -8.49 38.55
N ILE H 101 5.75 -7.73 39.01
CA ILE H 101 7.02 -7.64 38.29
C ILE H 101 7.61 -9.02 38.09
N ALA H 102 7.62 -9.83 39.15
CA ALA H 102 8.25 -11.14 39.13
C ALA H 102 7.32 -12.24 38.64
N GLN H 103 6.05 -11.91 38.35
CA GLN H 103 5.05 -12.90 37.99
C GLN H 103 4.98 -13.98 39.07
N ALA H 104 5.02 -13.54 40.32
CA ALA H 104 5.00 -14.42 41.49
C ALA H 104 3.60 -14.56 42.06
N ASP H 105 3.42 -15.59 42.87
CA ASP H 105 2.18 -15.78 43.60
C ASP H 105 2.23 -15.13 44.98
N VAL H 106 3.40 -15.07 45.58
CA VAL H 106 3.59 -14.55 46.94
C VAL H 106 4.73 -13.54 46.89
N SER H 107 4.57 -12.45 47.64
CA SER H 107 5.65 -11.47 47.77
C SER H 107 5.77 -11.04 49.22
N ILE H 108 7.00 -10.67 49.61
CA ILE H 108 7.31 -10.05 50.88
C ILE H 108 7.91 -8.67 50.59
N ALA H 109 7.45 -7.66 51.32
CA ALA H 109 8.06 -6.32 51.25
C ALA H 109 8.45 -5.88 52.65
N ILE H 110 9.66 -5.31 52.76
CA ILE H 110 10.19 -4.82 54.02
C ILE H 110 10.65 -3.38 53.83
N SER H 111 10.24 -2.49 54.73
CA SER H 111 10.69 -1.10 54.72
C SER H 111 10.77 -0.62 56.17
N GLY H 112 11.96 -0.26 56.63
CA GLY H 112 12.11 0.14 58.01
C GLY H 112 13.35 0.98 58.23
N TYR H 113 13.51 1.45 59.47
CA TYR H 113 14.71 2.16 59.90
C TYR H 113 15.56 1.17 60.68
N ALA H 114 16.58 0.59 60.02
CA ALA H 114 17.44 -0.37 60.70
C ALA H 114 18.32 0.29 61.74
N GLY H 115 18.67 1.56 61.55
CA GLY H 115 19.50 2.27 62.49
C GLY H 115 20.82 2.70 61.88
N PRO H 116 21.55 3.59 62.58
CA PRO H 116 21.22 4.11 63.91
C PRO H 116 20.21 5.24 63.87
N GLU H 117 20.02 5.83 62.69
CA GLU H 117 19.09 6.93 62.54
C GLU H 117 17.65 6.43 62.55
N GLY H 118 16.78 7.17 63.22
CA GLY H 118 15.36 6.90 63.18
C GLY H 118 14.67 7.72 62.12
N GLY H 119 13.34 7.76 62.21
CA GLY H 119 12.58 8.57 61.30
C GLY H 119 12.78 10.04 61.56
N GLU H 120 12.89 10.81 60.49
CA GLU H 120 12.88 12.27 60.59
C GLU H 120 11.60 12.77 61.24
N ASP H 121 10.50 12.03 61.12
CA ASP H 121 9.26 12.35 61.81
C ASP H 121 9.28 11.92 63.28
N GLY H 122 10.38 11.34 63.74
CA GLY H 122 10.50 10.90 65.11
C GLY H 122 10.32 9.41 65.32
N THR H 123 9.93 8.66 64.29
CA THR H 123 9.76 7.23 64.45
CA THR H 123 9.77 7.22 64.41
C THR H 123 11.07 6.59 64.86
N ALA H 124 10.99 5.70 65.85
CA ALA H 124 12.18 5.12 66.47
C ALA H 124 12.98 4.27 65.48
N ALA H 125 14.31 4.37 65.60
CA ALA H 125 15.17 3.39 64.94
C ALA H 125 14.80 1.99 65.40
N GLY H 126 14.87 1.04 64.48
CA GLY H 126 14.38 -0.29 64.74
C GLY H 126 12.92 -0.52 64.39
N THR H 127 12.21 0.51 63.93
CA THR H 127 10.83 0.35 63.48
C THR H 127 10.83 -0.13 62.03
N VAL H 128 10.19 -1.26 61.79
CA VAL H 128 10.18 -1.89 60.46
C VAL H 128 8.76 -2.28 60.12
N CYS H 129 8.35 -2.02 58.88
CA CYS H 129 7.04 -2.44 58.39
C CYS H 129 7.20 -3.57 57.39
N PHE H 130 6.24 -4.50 57.42
CA PHE H 130 6.27 -5.69 56.59
C PHE H 130 4.92 -5.86 55.89
N ALA H 131 4.98 -6.37 54.66
CA ALA H 131 3.78 -6.76 53.91
C ALA H 131 4.00 -8.15 53.35
N TRP H 132 2.96 -8.98 53.44
CA TRP H 132 2.93 -10.30 52.81
C TRP H 132 1.74 -10.33 51.87
N ASN H 133 2.01 -10.44 50.58
CA ASN H 133 0.97 -10.52 49.55
C ASN H 133 0.89 -11.97 49.10
N ILE H 134 -0.20 -12.64 49.46
CA ILE H 134 -0.40 -14.04 49.13
C ILE H 134 -1.55 -14.10 48.12
N GLY H 135 -1.22 -14.24 46.85
CA GLY H 135 -2.23 -14.32 45.81
C GLY H 135 -3.16 -13.13 45.76
N GLY H 136 -2.71 -11.96 46.21
CA GLY H 136 -3.49 -10.75 46.12
C GLY H 136 -4.17 -10.28 47.39
N LYS H 137 -4.04 -11.02 48.49
CA LYS H 137 -4.56 -10.58 49.78
C LYS H 137 -3.37 -10.23 50.68
N THR H 138 -3.33 -8.99 51.15
CA THR H 138 -2.17 -8.47 51.85
C THR H 138 -2.50 -8.24 53.33
N GLU H 139 -1.69 -8.82 54.20
CA GLU H 139 -1.61 -8.42 55.60
C GLU H 139 -0.30 -7.68 55.81
N THR H 140 -0.29 -6.79 56.80
CA THR H 140 0.88 -6.01 57.11
C THR H 140 1.07 -5.98 58.62
N SER H 141 2.26 -5.54 59.03
CA SER H 141 2.58 -5.42 60.44
CA SER H 141 2.55 -5.40 60.44
C SER H 141 3.60 -4.31 60.61
N ARG H 142 3.59 -3.72 61.79
CA ARG H 142 4.54 -2.69 62.18
C ARG H 142 5.23 -3.15 63.46
N VAL H 143 6.54 -3.36 63.41
CA VAL H 143 7.27 -4.04 64.47
C VAL H 143 8.41 -3.14 64.94
N LEU H 144 8.66 -3.14 66.25
CA LEU H 144 9.81 -2.47 66.85
C LEU H 144 10.83 -3.53 67.25
N PHE H 145 12.02 -3.46 66.69
CA PHE H 145 13.13 -4.35 67.02
C PHE H 145 14.17 -3.61 67.84
N SER H 146 14.72 -4.27 68.85
CA SER H 146 15.82 -3.72 69.63
C SER H 146 17.17 -4.02 68.96
N GLY H 147 18.21 -3.34 69.42
CA GLY H 147 19.57 -3.57 68.95
C GLY H 147 20.01 -2.58 67.88
N ASP H 148 21.20 -2.86 67.32
CA ASP H 148 21.76 -1.98 66.31
C ASP H 148 21.29 -2.42 64.92
N CYS H 149 21.82 -1.80 63.87
CA CYS H 149 21.34 -2.09 62.53
CA CYS H 149 21.36 -2.08 62.52
C CYS H 149 21.49 -3.56 62.19
N GLN H 150 22.64 -4.15 62.51
CA GLN H 150 22.83 -5.57 62.26
C GLN H 150 21.79 -6.41 63.01
N ASP H 151 21.50 -6.04 64.26
CA ASP H 151 20.51 -6.79 65.03
C ASP H 151 19.13 -6.66 64.39
N VAL H 152 18.75 -5.43 64.03
CA VAL H 152 17.43 -5.19 63.45
C VAL H 152 17.27 -5.97 62.15
N VAL H 153 18.30 -5.93 61.30
CA VAL H 153 18.23 -6.63 60.02
C VAL H 153 18.06 -8.13 60.24
N GLU H 154 18.85 -8.70 61.16
CA GLU H 154 18.77 -10.14 61.42
C GLU H 154 17.38 -10.54 61.88
N LYS H 155 16.81 -9.78 62.83
CA LYS H 155 15.52 -10.15 63.38
C LYS H 155 14.37 -9.84 62.41
N ALA H 156 14.55 -8.84 61.55
CA ALA H 156 13.53 -8.52 60.55
C ALA H 156 13.45 -9.60 59.48
N VAL H 157 14.61 -10.10 59.02
CA VAL H 157 14.62 -11.20 58.07
C VAL H 157 13.94 -12.42 58.67
N HIS H 158 14.35 -12.80 59.88
CA HIS H 158 13.75 -13.95 60.54
C HIS H 158 12.25 -13.76 60.73
N TYR H 159 11.83 -12.56 61.15
CA TYR H 159 10.41 -12.29 61.37
C TYR H 159 9.61 -12.39 60.07
N SER H 160 10.12 -11.79 59.00
CA SER H 160 9.38 -11.82 57.73
C SER H 160 9.17 -13.25 57.26
N LEU H 161 10.13 -14.14 57.52
CA LEU H 161 10.00 -15.53 57.08
C LEU H 161 9.12 -16.34 58.04
N ALA H 162 9.28 -16.15 59.36
CA ALA H 162 8.45 -16.90 60.30
C ALA H 162 6.98 -16.60 60.09
N GLU H 163 6.64 -15.32 59.88
CA GLU H 163 5.25 -14.96 59.65
C GLU H 163 4.72 -15.57 58.36
N LEU H 164 5.54 -15.58 57.31
CA LEU H 164 5.06 -16.15 56.04
C LEU H 164 4.79 -17.63 56.17
N VAL H 165 5.66 -18.38 56.86
CA VAL H 165 5.43 -19.81 57.06
C VAL H 165 4.11 -20.01 57.79
N THR H 166 3.89 -19.24 58.86
CA THR H 166 2.65 -19.36 59.62
C THR H 166 1.43 -19.05 58.74
N LYS H 167 1.48 -17.94 58.00
CA LYS H 167 0.34 -17.55 57.18
C LYS H 167 0.04 -18.56 56.10
N LEU H 168 1.06 -19.24 55.56
CA LEU H 168 0.85 -20.25 54.55
C LEU H 168 0.42 -21.59 55.12
N SER H 169 0.36 -21.73 56.45
CA SER H 169 -0.15 -22.95 57.06
C SER H 169 -1.66 -22.87 57.25
#